data_5IXY
#
_entry.id   5IXY
#
_cell.length_a   78.452
_cell.length_b   80.696
_cell.length_c   102.236
_cell.angle_alpha   90.00
_cell.angle_beta   97.90
_cell.angle_gamma   90.00
#
_symmetry.space_group_name_H-M   'P 1 21 1'
#
loop_
_entity.id
_entity.type
_entity.pdbx_description
1 polymer 'L-lactate dehydrogenase A chain'
2 non-polymer NICOTINAMIDE-ADENINE-DINUCLEOTIDE
3 non-polymer 'SULFATE ION'
4 non-polymer (2~{S})-5-(2-chlorophenyl)sulfanyl-2-(4-morpholin-4-ylphenyl)-4-oxidanyl-2-thiophen-3-yl-1,3-dihydropyridin-6-one
#
_entity_poly.entity_id   1
_entity_poly.type   'polypeptide(L)'
_entity_poly.pdbx_seq_one_letter_code
;ATLKDQLIYNLLKEEQTPQNKITVVGVGAVGMACAISILMKDLADELALVDVIEDKLKGEMMDLQHGSLFLRTPKIVSGK
DYNVTANSKLVIITAGARQQEGESRLNLVQRNVNIFKFIIPNVVKYSPNCKLLIVSNPVDILTYVAWKISGFPKNRVIGS
GCNLDSARFRYLMGERLGVHPLSCHGWVLGEHGDSSVPVWSGMNVAGVSLKTLHPDLGTDKDKEQWKEVHKQVVESAYEV
IKLKGYTSWAIGLSVADLAESIMKNLRRVHPVSTMIKGLYGIKDDVFLSVPCILGQNGISDLVKVTLTSEEEARLKKSAD
TLWGIQKELQF
;
_entity_poly.pdbx_strand_id   A,B,C,D
#
# COMPACT_ATOMS: atom_id res chain seq x y z
N ALA A 1 -15.88 -33.97 -20.96
CA ALA A 1 -15.44 -32.60 -20.77
C ALA A 1 -14.28 -32.50 -19.78
N THR A 2 -13.53 -31.38 -19.82
CA THR A 2 -12.39 -31.15 -18.94
C THR A 2 -12.88 -30.60 -17.59
N LEU A 3 -12.03 -30.73 -16.55
CA LEU A 3 -12.31 -30.23 -15.21
C LEU A 3 -12.58 -28.73 -15.21
N LYS A 4 -11.82 -27.95 -16.03
CA LYS A 4 -12.00 -26.50 -16.19
C LYS A 4 -13.40 -26.20 -16.73
N ASP A 5 -13.89 -27.03 -17.70
CA ASP A 5 -15.21 -26.91 -18.30
C ASP A 5 -16.31 -27.35 -17.32
N GLN A 6 -16.01 -28.35 -16.47
CA GLN A 6 -16.90 -28.89 -15.46
C GLN A 6 -17.10 -27.92 -14.30
N LEU A 7 -15.99 -27.30 -13.84
CA LEU A 7 -15.96 -26.36 -12.72
C LEU A 7 -16.36 -24.95 -13.12
N ILE A 8 -15.78 -24.41 -14.19
CA ILE A 8 -16.02 -23.03 -14.63
C ILE A 8 -16.79 -22.93 -15.94
N TYR A 9 -17.88 -22.13 -15.94
CA TYR A 9 -18.69 -21.85 -17.13
C TYR A 9 -18.25 -20.51 -17.71
N ASN A 10 -17.70 -20.53 -18.93
CA ASN A 10 -17.18 -19.35 -19.63
C ASN A 10 -18.27 -18.49 -20.28
N LEU A 11 -18.19 -17.17 -20.08
CA LEU A 11 -19.10 -16.18 -20.66
C LEU A 11 -18.49 -15.61 -21.95
N LEU A 12 -17.17 -15.36 -21.94
CA LEU A 12 -16.40 -14.85 -23.07
C LEU A 12 -14.94 -15.28 -23.03
N LYS A 13 -14.34 -15.51 -24.21
CA LYS A 13 -12.94 -15.92 -24.34
C LYS A 13 -12.12 -14.82 -25.01
N GLU A 14 -12.77 -13.70 -25.38
CA GLU A 14 -12.14 -12.56 -26.04
C GLU A 14 -11.28 -11.75 -25.07
N GLU A 15 -9.95 -11.86 -25.21
CA GLU A 15 -8.96 -11.17 -24.38
C GLU A 15 -8.76 -9.74 -24.87
N GLN A 16 -8.75 -8.78 -23.93
CA GLN A 16 -8.54 -7.35 -24.23
C GLN A 16 -7.04 -7.07 -24.41
N THR A 17 -6.72 -5.96 -25.12
CA THR A 17 -5.33 -5.54 -25.34
C THR A 17 -4.77 -4.96 -24.03
N PRO A 18 -3.46 -5.17 -23.70
CA PRO A 18 -2.92 -4.63 -22.43
C PRO A 18 -3.27 -3.16 -22.18
N GLN A 19 -3.78 -2.85 -20.97
CA GLN A 19 -4.20 -1.49 -20.58
C GLN A 19 -3.07 -0.71 -19.90
N ASN A 20 -2.53 -1.24 -18.77
CA ASN A 20 -1.44 -0.65 -18.01
C ASN A 20 -0.22 -1.57 -18.06
N LYS A 21 0.35 -1.73 -19.26
CA LYS A 21 1.51 -2.59 -19.47
C LYS A 21 2.84 -1.85 -19.33
N ILE A 22 3.83 -2.53 -18.71
CA ILE A 22 5.20 -2.00 -18.55
C ILE A 22 6.19 -3.04 -19.05
N THR A 23 7.13 -2.60 -19.92
CA THR A 23 8.19 -3.44 -20.47
C THR A 23 9.52 -3.04 -19.84
N VAL A 24 10.33 -4.04 -19.46
CA VAL A 24 11.66 -3.78 -18.93
C VAL A 24 12.67 -4.46 -19.86
N VAL A 25 13.45 -3.65 -20.58
CA VAL A 25 14.48 -4.13 -21.51
C VAL A 25 15.79 -4.15 -20.74
N GLY A 26 16.30 -5.35 -20.50
CA GLY A 26 17.50 -5.59 -19.69
C GLY A 26 17.06 -6.23 -18.40
N VAL A 27 17.51 -7.46 -18.16
CA VAL A 27 17.11 -8.23 -16.97
C VAL A 27 18.34 -8.38 -16.03
N GLY A 28 19.16 -7.34 -16.01
CA GLY A 28 20.33 -7.26 -15.14
C GLY A 28 19.94 -6.97 -13.70
N ALA A 29 20.92 -6.57 -12.89
CA ALA A 29 20.70 -6.24 -11.48
C ALA A 29 19.71 -5.07 -11.33
N VAL A 30 19.87 -4.03 -12.19
CA VAL A 30 19.02 -2.84 -12.24
C VAL A 30 17.61 -3.19 -12.74
N GLY A 31 17.54 -3.85 -13.89
CA GLY A 31 16.30 -4.28 -14.53
C GLY A 31 15.37 -5.06 -13.62
N MET A 32 15.92 -6.05 -12.90
CA MET A 32 15.17 -6.87 -11.95
C MET A 32 14.69 -6.09 -10.75
N ALA A 33 15.52 -5.15 -10.26
CA ALA A 33 15.20 -4.28 -9.13
C ALA A 33 14.05 -3.33 -9.48
N CYS A 34 14.00 -2.87 -10.76
CA CYS A 34 12.93 -2.03 -11.31
C CYS A 34 11.64 -2.85 -11.36
N ALA A 35 11.74 -4.08 -11.91
CA ALA A 35 10.65 -5.04 -12.06
C ALA A 35 9.93 -5.30 -10.74
N ILE A 36 10.67 -5.75 -9.69
CA ILE A 36 10.12 -6.06 -8.37
C ILE A 36 9.55 -4.80 -7.68
N SER A 37 10.17 -3.61 -7.90
CA SER A 37 9.69 -2.35 -7.34
C SER A 37 8.33 -1.96 -7.93
N ILE A 38 8.15 -2.19 -9.25
CA ILE A 38 6.91 -1.91 -9.98
C ILE A 38 5.80 -2.87 -9.54
N LEU A 39 6.11 -4.19 -9.48
CA LEU A 39 5.16 -5.23 -9.10
C LEU A 39 4.62 -5.03 -7.68
N MET A 40 5.50 -4.66 -6.74
CA MET A 40 5.16 -4.42 -5.34
C MET A 40 4.38 -3.13 -5.11
N LYS A 41 4.52 -2.13 -6.03
CA LYS A 41 3.79 -0.88 -5.98
C LYS A 41 2.45 -0.96 -6.73
N ASP A 42 2.20 -2.12 -7.39
CA ASP A 42 0.99 -2.46 -8.16
C ASP A 42 0.69 -1.43 -9.27
N LEU A 43 1.72 -1.10 -10.06
CA LEU A 43 1.64 -0.10 -11.13
C LEU A 43 1.24 -0.67 -12.49
N ALA A 44 1.38 -1.99 -12.67
CA ALA A 44 1.08 -2.63 -13.96
C ALA A 44 0.20 -3.86 -13.85
N ASP A 45 -0.66 -4.07 -14.87
CA ASP A 45 -1.51 -5.25 -14.96
C ASP A 45 -0.75 -6.35 -15.71
N GLU A 46 0.19 -5.93 -16.57
CA GLU A 46 1.04 -6.82 -17.35
C GLU A 46 2.46 -6.31 -17.31
N LEU A 47 3.43 -7.21 -17.09
CA LEU A 47 4.84 -6.85 -17.07
C LEU A 47 5.58 -7.69 -18.10
N ALA A 48 6.23 -7.03 -19.06
CA ALA A 48 6.99 -7.71 -20.11
C ALA A 48 8.48 -7.57 -19.83
N LEU A 49 9.22 -8.67 -19.96
CA LEU A 49 10.66 -8.64 -19.73
C LEU A 49 11.42 -9.11 -20.96
N VAL A 50 12.39 -8.30 -21.41
CA VAL A 50 13.19 -8.57 -22.60
C VAL A 50 14.68 -8.52 -22.28
N ASP A 51 15.46 -9.45 -22.87
CA ASP A 51 16.91 -9.54 -22.72
C ASP A 51 17.49 -10.42 -23.83
N VAL A 52 18.81 -10.29 -24.08
CA VAL A 52 19.52 -11.10 -25.07
C VAL A 52 19.81 -12.51 -24.55
N ILE A 53 20.15 -12.62 -23.24
CA ILE A 53 20.43 -13.88 -22.54
C ILE A 53 19.08 -14.58 -22.27
N GLU A 54 18.69 -15.54 -23.13
CA GLU A 54 17.40 -16.26 -23.03
C GLU A 54 17.24 -17.14 -21.79
N ASP A 55 18.34 -17.77 -21.29
CA ASP A 55 18.30 -18.65 -20.11
C ASP A 55 17.96 -17.89 -18.82
N LYS A 56 18.72 -16.83 -18.49
CA LYS A 56 18.48 -15.98 -17.29
C LYS A 56 17.09 -15.33 -17.34
N LEU A 57 16.69 -14.85 -18.54
CA LEU A 57 15.38 -14.23 -18.81
C LEU A 57 14.23 -15.16 -18.43
N LYS A 58 14.30 -16.46 -18.79
CA LYS A 58 13.26 -17.44 -18.45
C LYS A 58 13.24 -17.70 -16.94
N GLY A 59 14.44 -17.80 -16.34
CA GLY A 59 14.62 -18.03 -14.92
C GLY A 59 14.05 -16.91 -14.07
N GLU A 60 14.31 -15.65 -14.48
CA GLU A 60 13.82 -14.46 -13.78
C GLU A 60 12.31 -14.32 -13.90
N MET A 61 11.76 -14.59 -15.10
CA MET A 61 10.32 -14.54 -15.37
C MET A 61 9.60 -15.56 -14.49
N MET A 62 10.13 -16.80 -14.40
CA MET A 62 9.57 -17.88 -13.59
C MET A 62 9.58 -17.59 -12.10
N ASP A 63 10.69 -17.02 -11.58
CA ASP A 63 10.86 -16.65 -10.17
C ASP A 63 9.82 -15.60 -9.75
N LEU A 64 9.50 -14.64 -10.64
CA LEU A 64 8.49 -13.61 -10.37
C LEU A 64 7.11 -14.23 -10.45
N GLN A 65 6.88 -15.12 -11.45
CA GLN A 65 5.63 -15.83 -11.69
C GLN A 65 5.23 -16.70 -10.50
N HIS A 66 6.21 -17.32 -9.82
CA HIS A 66 5.96 -18.17 -8.65
C HIS A 66 5.46 -17.38 -7.46
N GLY A 67 5.89 -16.11 -7.36
CA GLY A 67 5.49 -15.19 -6.30
C GLY A 67 4.23 -14.41 -6.60
N SER A 68 3.48 -14.79 -7.66
CA SER A 68 2.23 -14.14 -8.12
C SER A 68 1.09 -14.14 -7.10
N LEU A 69 1.14 -15.07 -6.11
CA LEU A 69 0.17 -15.19 -5.03
C LEU A 69 0.23 -13.97 -4.10
N PHE A 70 1.44 -13.39 -3.97
CA PHE A 70 1.74 -12.23 -3.14
C PHE A 70 1.80 -10.91 -3.93
N LEU A 71 1.45 -10.95 -5.24
CA LEU A 71 1.46 -9.78 -6.13
C LEU A 71 0.10 -9.53 -6.76
N ARG A 72 -0.18 -8.26 -7.13
CA ARG A 72 -1.44 -7.86 -7.77
C ARG A 72 -1.26 -7.64 -9.28
N THR A 73 -0.32 -8.41 -9.89
CA THR A 73 -0.03 -8.35 -11.33
C THR A 73 -0.36 -9.71 -11.95
N PRO A 74 -1.51 -9.80 -12.66
CA PRO A 74 -1.93 -11.10 -13.22
C PRO A 74 -1.03 -11.69 -14.31
N LYS A 75 -0.40 -10.83 -15.15
CA LYS A 75 0.42 -11.31 -16.26
C LYS A 75 1.87 -10.85 -16.21
N ILE A 76 2.80 -11.81 -16.31
CA ILE A 76 4.24 -11.60 -16.35
C ILE A 76 4.75 -12.42 -17.53
N VAL A 77 5.21 -11.72 -18.58
CA VAL A 77 5.70 -12.33 -19.82
C VAL A 77 7.16 -12.01 -20.10
N SER A 78 7.82 -12.84 -20.91
CA SER A 78 9.21 -12.66 -21.32
C SER A 78 9.47 -13.26 -22.69
N GLY A 79 10.61 -12.88 -23.29
CA GLY A 79 11.02 -13.36 -24.60
C GLY A 79 12.06 -12.51 -25.28
N LYS A 80 12.79 -13.13 -26.22
CA LYS A 80 13.82 -12.48 -27.02
C LYS A 80 13.14 -11.58 -28.07
N ASP A 81 11.97 -12.02 -28.58
CA ASP A 81 11.13 -11.29 -29.55
C ASP A 81 10.36 -10.18 -28.83
N TYR A 82 10.29 -8.99 -29.44
CA TYR A 82 9.62 -7.82 -28.87
C TYR A 82 8.09 -7.83 -29.06
N ASN A 83 7.53 -8.92 -29.65
CA ASN A 83 6.09 -9.06 -29.83
C ASN A 83 5.39 -9.17 -28.47
N VAL A 84 6.17 -9.56 -27.43
CA VAL A 84 5.73 -9.66 -26.05
C VAL A 84 5.55 -8.27 -25.41
N THR A 85 6.22 -7.24 -25.97
CA THR A 85 6.20 -5.85 -25.51
C THR A 85 5.03 -5.03 -26.08
N ALA A 86 4.27 -5.62 -27.02
CA ALA A 86 3.14 -4.97 -27.71
C ALA A 86 2.16 -4.26 -26.78
N ASN A 87 1.79 -3.03 -27.16
CA ASN A 87 0.85 -2.14 -26.48
C ASN A 87 1.27 -1.80 -25.04
N SER A 88 2.57 -1.53 -24.83
CA SER A 88 3.11 -1.12 -23.53
C SER A 88 2.89 0.37 -23.37
N LYS A 89 2.62 0.80 -22.14
CA LYS A 89 2.42 2.21 -21.87
C LYS A 89 3.77 2.87 -21.50
N LEU A 90 4.65 2.11 -20.82
CA LEU A 90 5.98 2.57 -20.42
C LEU A 90 7.02 1.50 -20.70
N VAL A 91 8.14 1.89 -21.30
CA VAL A 91 9.24 0.97 -21.59
C VAL A 91 10.49 1.48 -20.89
N ILE A 92 11.01 0.67 -19.94
CA ILE A 92 12.21 1.00 -19.17
C ILE A 92 13.41 0.25 -19.75
N ILE A 93 14.39 1.02 -20.30
CA ILE A 93 15.59 0.44 -20.89
C ILE A 93 16.76 0.53 -19.90
N THR A 94 17.15 -0.64 -19.39
CA THR A 94 18.25 -0.83 -18.44
C THR A 94 19.36 -1.65 -19.11
N ALA A 95 19.21 -1.92 -20.42
CA ALA A 95 20.16 -2.71 -21.19
C ALA A 95 21.44 -1.95 -21.45
N GLY A 96 22.56 -2.57 -21.09
CA GLY A 96 23.88 -1.96 -21.28
C GLY A 96 25.01 -2.96 -21.40
N ALA A 97 26.21 -2.41 -21.67
CA ALA A 97 27.48 -3.13 -21.78
C ALA A 97 28.29 -2.82 -20.53
N ARG A 98 29.12 -3.78 -20.08
CA ARG A 98 29.93 -3.62 -18.88
C ARG A 98 31.25 -2.89 -19.16
N GLN A 99 31.58 -1.88 -18.32
CA GLN A 99 32.79 -1.04 -18.38
C GLN A 99 34.06 -1.91 -18.30
N GLN A 100 35.04 -1.66 -19.20
CA GLN A 100 36.28 -2.43 -19.27
C GLN A 100 37.55 -1.64 -18.91
N GLU A 101 38.63 -2.37 -18.51
CA GLU A 101 39.92 -1.79 -18.14
C GLU A 101 40.65 -1.27 -19.38
N GLY A 102 41.01 0.00 -19.35
CA GLY A 102 41.68 0.67 -20.46
C GLY A 102 40.73 0.90 -21.61
N GLU A 103 39.57 1.51 -21.31
CA GLU A 103 38.52 1.79 -22.29
C GLU A 103 38.20 3.30 -22.35
N SER A 104 38.07 3.82 -23.59
CA SER A 104 37.73 5.21 -23.89
C SER A 104 36.24 5.46 -23.63
N ARG A 105 35.87 6.70 -23.22
CA ARG A 105 34.46 7.06 -22.98
C ARG A 105 33.67 6.99 -24.29
N LEU A 106 34.30 7.41 -25.41
CA LEU A 106 33.76 7.39 -26.78
C LEU A 106 33.56 5.93 -27.21
N ASN A 107 34.45 5.03 -26.77
CA ASN A 107 34.43 3.61 -27.09
C ASN A 107 33.28 2.87 -26.38
N LEU A 108 33.08 3.12 -25.06
CA LEU A 108 32.02 2.47 -24.28
C LEU A 108 30.63 2.94 -24.69
N VAL A 109 30.46 4.25 -24.96
CA VAL A 109 29.18 4.82 -25.36
C VAL A 109 28.72 4.25 -26.73
N GLN A 110 29.66 4.04 -27.68
CA GLN A 110 29.35 3.50 -29.01
C GLN A 110 28.91 2.03 -28.98
N ARG A 111 29.43 1.26 -28.00
CA ARG A 111 29.04 -0.14 -27.80
C ARG A 111 27.58 -0.16 -27.34
N ASN A 112 27.21 0.81 -26.47
CA ASN A 112 25.86 0.99 -25.95
C ASN A 112 24.92 1.54 -27.02
N VAL A 113 25.44 2.41 -27.93
CA VAL A 113 24.68 2.98 -29.05
C VAL A 113 24.23 1.85 -29.99
N ASN A 114 25.13 0.87 -30.26
CA ASN A 114 24.89 -0.31 -31.10
C ASN A 114 23.76 -1.17 -30.51
N ILE A 115 23.76 -1.31 -29.17
CA ILE A 115 22.74 -2.03 -28.40
C ILE A 115 21.38 -1.32 -28.59
N PHE A 116 21.39 0.02 -28.51
CA PHE A 116 20.21 0.87 -28.68
C PHE A 116 19.68 0.90 -30.12
N LYS A 117 20.57 0.70 -31.11
CA LYS A 117 20.21 0.68 -32.54
C LYS A 117 19.34 -0.55 -32.88
N PHE A 118 19.29 -1.53 -31.97
CA PHE A 118 18.52 -2.76 -32.09
C PHE A 118 17.24 -2.71 -31.23
N ILE A 119 17.33 -2.12 -30.03
CA ILE A 119 16.24 -2.03 -29.06
C ILE A 119 15.16 -1.02 -29.46
N ILE A 120 15.55 0.26 -29.60
CA ILE A 120 14.68 1.40 -29.90
C ILE A 120 13.79 1.15 -31.15
N PRO A 121 14.29 0.68 -32.33
CA PRO A 121 13.36 0.44 -33.45
C PRO A 121 12.37 -0.71 -33.18
N ASN A 122 12.82 -1.73 -32.44
CA ASN A 122 12.00 -2.89 -32.06
C ASN A 122 10.90 -2.54 -31.07
N VAL A 123 11.17 -1.61 -30.14
CA VAL A 123 10.19 -1.19 -29.15
C VAL A 123 9.09 -0.30 -29.79
N VAL A 124 9.48 0.68 -30.62
CA VAL A 124 8.55 1.59 -31.32
C VAL A 124 7.63 0.80 -32.30
N LYS A 125 8.13 -0.32 -32.84
CA LYS A 125 7.42 -1.23 -33.77
C LYS A 125 6.14 -1.80 -33.13
N TYR A 126 6.21 -2.19 -31.84
CA TYR A 126 5.08 -2.78 -31.11
C TYR A 126 4.38 -1.81 -30.15
N SER A 127 5.11 -0.81 -29.64
CA SER A 127 4.59 0.21 -28.74
C SER A 127 4.96 1.62 -29.26
N PRO A 128 4.23 2.14 -30.27
CA PRO A 128 4.57 3.47 -30.82
C PRO A 128 4.08 4.65 -29.98
N ASN A 129 3.16 4.41 -29.04
CA ASN A 129 2.59 5.49 -28.20
C ASN A 129 3.07 5.42 -26.74
N CYS A 130 4.16 4.66 -26.49
CA CYS A 130 4.74 4.50 -25.18
C CYS A 130 5.61 5.68 -24.78
N LYS A 131 6.08 5.69 -23.53
CA LYS A 131 7.01 6.68 -22.97
C LYS A 131 8.28 5.90 -22.67
N LEU A 132 9.42 6.36 -23.20
CA LEU A 132 10.68 5.66 -22.93
C LEU A 132 11.34 6.22 -21.68
N LEU A 133 11.75 5.33 -20.78
CA LEU A 133 12.46 5.70 -19.56
C LEU A 133 13.86 5.04 -19.61
N ILE A 134 14.88 5.86 -19.90
CA ILE A 134 16.27 5.42 -20.06
C ILE A 134 17.01 5.40 -18.74
N VAL A 135 17.66 4.27 -18.42
CA VAL A 135 18.42 4.11 -17.18
C VAL A 135 19.92 3.92 -17.49
N SER A 136 20.24 3.09 -18.50
CA SER A 136 21.60 2.75 -18.96
C SER A 136 22.54 3.96 -19.09
N ASN A 137 23.84 3.77 -18.77
CA ASN A 137 24.84 4.85 -18.78
C ASN A 137 25.72 4.93 -20.04
N PRO A 138 26.11 6.15 -20.51
CA PRO A 138 25.79 7.50 -20.00
C PRO A 138 24.34 7.87 -20.30
N VAL A 139 23.52 7.98 -19.23
CA VAL A 139 22.08 8.24 -19.30
C VAL A 139 21.75 9.51 -20.14
N ASP A 140 22.48 10.62 -19.92
CA ASP A 140 22.28 11.87 -20.65
C ASP A 140 22.53 11.75 -22.18
N ILE A 141 23.53 10.93 -22.58
CA ILE A 141 23.86 10.67 -24.00
C ILE A 141 22.88 9.66 -24.61
N LEU A 142 22.61 8.55 -23.89
CA LEU A 142 21.73 7.49 -24.39
C LEU A 142 20.25 7.88 -24.46
N THR A 143 19.80 8.92 -23.69
CA THR A 143 18.43 9.43 -23.80
C THR A 143 18.31 10.17 -25.14
N TYR A 144 19.39 10.89 -25.54
CA TYR A 144 19.48 11.59 -26.82
C TYR A 144 19.48 10.58 -27.97
N VAL A 145 20.26 9.48 -27.85
CA VAL A 145 20.35 8.40 -28.84
C VAL A 145 18.96 7.79 -29.04
N ALA A 146 18.23 7.55 -27.92
CA ALA A 146 16.87 7.00 -27.92
C ALA A 146 15.91 7.95 -28.62
N TRP A 147 16.02 9.26 -28.33
CA TRP A 147 15.21 10.33 -28.93
C TRP A 147 15.41 10.45 -30.44
N LYS A 148 16.66 10.29 -30.92
CA LYS A 148 16.99 10.37 -32.34
C LYS A 148 16.52 9.17 -33.17
N ILE A 149 16.72 7.93 -32.66
CA ILE A 149 16.31 6.69 -33.34
C ILE A 149 14.78 6.54 -33.35
N SER A 150 14.11 6.73 -32.19
CA SER A 150 12.66 6.62 -32.05
C SER A 150 11.89 7.61 -32.91
N GLY A 151 12.40 8.85 -32.97
CA GLY A 151 11.75 9.95 -33.68
C GLY A 151 10.55 10.44 -32.88
N PHE A 152 10.48 10.02 -31.61
CA PHE A 152 9.44 10.37 -30.65
C PHE A 152 9.59 11.84 -30.23
N PRO A 153 8.48 12.54 -29.86
CA PRO A 153 8.63 13.93 -29.38
C PRO A 153 9.39 13.96 -28.04
N LYS A 154 10.19 15.02 -27.80
CA LYS A 154 11.06 15.18 -26.61
C LYS A 154 10.40 14.80 -25.26
N ASN A 155 9.09 15.03 -25.11
CA ASN A 155 8.33 14.71 -23.90
C ASN A 155 8.21 13.20 -23.62
N ARG A 156 8.11 12.38 -24.69
CA ARG A 156 7.97 10.94 -24.56
C ARG A 156 9.32 10.21 -24.37
N VAL A 157 10.44 10.96 -24.41
CA VAL A 157 11.77 10.38 -24.17
C VAL A 157 12.32 10.97 -22.87
N ILE A 158 12.15 10.22 -21.78
CA ILE A 158 12.56 10.61 -20.42
C ILE A 158 13.80 9.80 -20.02
N GLY A 159 14.75 10.47 -19.37
CA GLY A 159 15.97 9.85 -18.88
C GLY A 159 16.04 9.92 -17.38
N SER A 160 16.46 8.82 -16.72
CA SER A 160 16.58 8.72 -15.26
C SER A 160 17.28 9.96 -14.65
N GLY A 161 18.39 10.36 -15.28
CA GLY A 161 19.16 11.53 -14.91
C GLY A 161 19.62 11.61 -13.47
N CYS A 162 19.32 12.75 -12.82
CA CYS A 162 19.72 13.02 -11.45
C CYS A 162 18.65 12.68 -10.42
N ASN A 163 17.83 11.67 -10.71
CA ASN A 163 16.80 11.22 -9.78
C ASN A 163 17.43 10.46 -8.60
N LEU A 164 18.49 9.68 -8.89
CA LEU A 164 19.26 8.89 -7.92
C LEU A 164 20.22 9.79 -7.12
N ASP A 165 20.87 10.76 -7.80
CA ASP A 165 21.80 11.73 -7.20
C ASP A 165 21.06 12.50 -6.11
N SER A 166 19.84 13.01 -6.42
CA SER A 166 18.99 13.75 -5.49
C SER A 166 18.50 12.87 -4.35
N ALA A 167 18.13 11.59 -4.64
CA ALA A 167 17.69 10.63 -3.63
C ALA A 167 18.80 10.33 -2.61
N ARG A 168 20.05 10.17 -3.09
CA ARG A 168 21.23 9.95 -2.25
C ARG A 168 21.56 11.20 -1.44
N PHE A 169 21.45 12.38 -2.07
CA PHE A 169 21.71 13.69 -1.46
C PHE A 169 20.72 13.98 -0.34
N ARG A 170 19.42 13.70 -0.56
CA ARG A 170 18.36 13.92 0.43
C ARG A 170 18.51 12.97 1.62
N TYR A 171 19.13 11.80 1.39
CA TYR A 171 19.40 10.83 2.45
C TYR A 171 20.52 11.33 3.36
N LEU A 172 21.64 11.82 2.77
CA LEU A 172 22.80 12.34 3.50
C LEU A 172 22.50 13.65 4.21
N MET A 173 21.59 14.46 3.61
CA MET A 173 21.10 15.71 4.19
C MET A 173 20.22 15.33 5.38
N GLY A 174 19.41 14.27 5.20
CA GLY A 174 18.51 13.71 6.19
C GLY A 174 19.21 13.17 7.42
N GLU A 175 20.29 12.41 7.22
CA GLU A 175 21.10 11.82 8.28
C GLU A 175 21.77 12.89 9.14
N ARG A 176 22.29 13.95 8.49
CA ARG A 176 22.96 15.07 9.14
C ARG A 176 22.00 15.88 10.01
N LEU A 177 20.82 16.23 9.48
CA LEU A 177 19.82 17.03 10.18
C LEU A 177 18.90 16.22 11.10
N GLY A 178 18.94 14.89 10.98
CA GLY A 178 18.13 13.98 11.79
C GLY A 178 16.66 14.09 11.49
N VAL A 179 16.34 14.23 10.20
CA VAL A 179 14.99 14.35 9.66
C VAL A 179 14.85 13.40 8.46
N HIS A 180 13.64 12.91 8.18
CA HIS A 180 13.37 11.99 7.08
C HIS A 180 13.71 12.63 5.71
N PRO A 181 14.35 11.89 4.76
CA PRO A 181 14.68 12.48 3.44
C PRO A 181 13.51 13.13 2.69
N LEU A 182 12.25 12.74 3.02
CA LEU A 182 11.03 13.29 2.43
C LEU A 182 10.82 14.74 2.87
N SER A 183 11.29 15.08 4.09
CA SER A 183 11.21 16.41 4.65
C SER A 183 12.46 17.25 4.34
N CYS A 184 13.49 16.60 3.77
CA CYS A 184 14.76 17.19 3.37
C CYS A 184 14.73 17.45 1.87
N HIS A 185 14.38 18.68 1.49
CA HIS A 185 14.28 19.06 0.08
C HIS A 185 15.61 19.57 -0.45
N GLY A 186 16.12 18.85 -1.45
CA GLY A 186 17.39 19.15 -2.11
C GLY A 186 17.36 18.70 -3.55
N TRP A 187 17.91 19.54 -4.44
CA TRP A 187 17.92 19.26 -5.87
C TRP A 187 19.30 19.23 -6.46
N VAL A 188 19.65 18.13 -7.12
CA VAL A 188 20.91 17.95 -7.82
C VAL A 188 20.52 17.93 -9.29
N LEU A 189 21.10 18.82 -10.11
CA LEU A 189 20.74 18.94 -11.52
C LEU A 189 21.92 18.73 -12.48
N GLY A 190 21.63 18.86 -13.78
CA GLY A 190 22.62 18.74 -14.84
C GLY A 190 22.94 17.32 -15.24
N GLU A 191 24.23 17.07 -15.53
CA GLU A 191 24.77 15.78 -15.96
C GLU A 191 24.82 14.81 -14.81
N HIS A 192 24.21 13.64 -14.97
CA HIS A 192 24.17 12.58 -13.96
C HIS A 192 25.57 12.02 -13.71
N GLY A 193 25.92 11.88 -12.44
CA GLY A 193 27.20 11.34 -12.00
C GLY A 193 28.11 12.34 -11.32
N ASP A 194 29.40 12.35 -11.73
CA ASP A 194 30.46 13.20 -11.20
C ASP A 194 30.22 14.69 -11.41
N SER A 195 29.77 15.07 -12.64
CA SER A 195 29.51 16.45 -13.07
C SER A 195 28.16 17.03 -12.60
N SER A 196 27.45 16.33 -11.69
CA SER A 196 26.16 16.77 -11.16
C SER A 196 26.27 18.04 -10.34
N VAL A 197 25.30 18.96 -10.53
CA VAL A 197 25.31 20.28 -9.89
C VAL A 197 24.29 20.38 -8.74
N PRO A 198 24.75 20.49 -7.48
CA PRO A 198 23.80 20.66 -6.37
C PRO A 198 23.33 22.11 -6.26
N VAL A 199 22.00 22.32 -6.24
CA VAL A 199 21.39 23.65 -6.14
C VAL A 199 21.18 23.99 -4.65
N TRP A 200 22.19 24.67 -4.08
CA TRP A 200 22.27 25.08 -2.67
C TRP A 200 21.18 26.06 -2.24
N SER A 201 20.68 26.88 -3.17
CA SER A 201 19.61 27.83 -2.89
C SER A 201 18.29 27.11 -2.63
N GLY A 202 18.06 26.04 -3.38
CA GLY A 202 16.87 25.21 -3.29
C GLY A 202 16.80 24.34 -2.05
N MET A 203 17.96 24.03 -1.44
CA MET A 203 18.10 23.22 -0.25
C MET A 203 17.34 23.82 0.93
N ASN A 204 16.31 23.10 1.38
CA ASN A 204 15.45 23.54 2.47
C ASN A 204 14.83 22.40 3.27
N VAL A 205 14.29 22.75 4.44
CA VAL A 205 13.55 21.90 5.36
C VAL A 205 12.45 22.82 5.85
N ALA A 206 11.17 22.42 5.64
CA ALA A 206 9.98 23.18 6.05
C ALA A 206 9.89 24.58 5.42
N GLY A 207 10.43 24.73 4.22
CA GLY A 207 10.43 25.98 3.47
C GLY A 207 11.57 26.93 3.79
N VAL A 208 12.22 26.74 4.96
CA VAL A 208 13.34 27.56 5.42
C VAL A 208 14.60 27.18 4.66
N SER A 209 15.14 28.15 3.87
CA SER A 209 16.34 27.99 3.05
C SER A 209 17.60 27.85 3.89
N LEU A 210 18.36 26.77 3.65
CA LEU A 210 19.61 26.47 4.35
C LEU A 210 20.76 27.41 3.96
N LYS A 211 20.70 27.99 2.75
CA LYS A 211 21.67 28.96 2.25
C LYS A 211 21.44 30.31 2.93
N THR A 212 20.19 30.61 3.31
CA THR A 212 19.81 31.86 4.00
C THR A 212 20.40 31.88 5.41
N LEU A 213 20.17 30.81 6.20
CA LEU A 213 20.68 30.68 7.57
C LEU A 213 22.21 30.53 7.58
N HIS A 214 22.75 29.77 6.60
CA HIS A 214 24.19 29.51 6.47
C HIS A 214 24.67 29.94 5.07
N PRO A 215 25.17 31.20 4.91
CA PRO A 215 25.61 31.66 3.58
C PRO A 215 26.82 30.92 3.01
N ASP A 216 27.62 30.29 3.89
CA ASP A 216 28.82 29.50 3.54
C ASP A 216 28.44 28.13 2.94
N LEU A 217 27.13 27.80 2.84
CA LEU A 217 26.60 26.54 2.33
C LEU A 217 27.08 26.23 0.91
N GLY A 218 27.77 25.10 0.79
CA GLY A 218 28.30 24.59 -0.47
C GLY A 218 29.66 25.12 -0.89
N THR A 219 30.31 25.90 -0.01
CA THR A 219 31.64 26.46 -0.30
C THR A 219 32.72 25.66 0.42
N ASP A 220 33.93 25.58 -0.17
CA ASP A 220 35.08 24.87 0.40
C ASP A 220 35.57 25.48 1.72
N LYS A 221 35.30 26.79 1.95
CA LYS A 221 35.69 27.53 3.15
C LYS A 221 34.65 27.48 4.29
N ASP A 222 33.73 26.49 4.24
CA ASP A 222 32.71 26.25 5.27
C ASP A 222 33.33 25.37 6.36
N LYS A 223 33.10 25.72 7.63
CA LYS A 223 33.63 24.95 8.75
C LYS A 223 32.79 23.67 9.03
N GLU A 224 31.50 23.69 8.64
CA GLU A 224 30.57 22.56 8.83
C GLU A 224 30.67 21.53 7.70
N GLN A 225 31.41 21.86 6.63
CA GLN A 225 31.67 21.03 5.44
C GLN A 225 30.39 20.46 4.79
N TRP A 226 29.40 21.34 4.52
CA TRP A 226 28.15 20.94 3.87
C TRP A 226 28.35 20.62 2.39
N LYS A 227 29.51 20.99 1.83
CA LYS A 227 29.88 20.67 0.45
C LYS A 227 30.26 19.19 0.38
N GLU A 228 30.71 18.63 1.52
CA GLU A 228 31.08 17.22 1.65
C GLU A 228 29.87 16.29 1.48
N VAL A 229 28.64 16.83 1.67
CA VAL A 229 27.36 16.11 1.49
C VAL A 229 27.26 15.60 0.05
N HIS A 230 27.49 16.48 -0.96
CA HIS A 230 27.48 16.14 -2.38
C HIS A 230 28.71 15.32 -2.76
N LYS A 231 29.85 15.55 -2.07
CA LYS A 231 31.09 14.81 -2.29
C LYS A 231 30.87 13.35 -1.88
N GLN A 232 30.14 13.15 -0.76
CA GLN A 232 29.78 11.86 -0.18
C GLN A 232 28.77 11.09 -1.05
N VAL A 233 28.01 11.80 -1.92
CA VAL A 233 27.04 11.21 -2.86
C VAL A 233 27.84 10.47 -3.95
N VAL A 234 28.83 11.16 -4.54
CA VAL A 234 29.71 10.61 -5.58
C VAL A 234 30.57 9.48 -4.98
N GLU A 235 31.13 9.72 -3.78
CA GLU A 235 31.99 8.77 -3.04
C GLU A 235 31.29 7.46 -2.67
N SER A 236 29.99 7.54 -2.30
CA SER A 236 29.16 6.38 -1.93
C SER A 236 28.82 5.52 -3.15
N ALA A 237 28.63 6.15 -4.33
CA ALA A 237 28.31 5.48 -5.59
C ALA A 237 29.48 4.57 -6.02
N TYR A 238 30.73 5.06 -5.85
CA TYR A 238 31.94 4.32 -6.16
C TYR A 238 32.19 3.26 -5.08
N GLU A 239 31.78 3.54 -3.83
CA GLU A 239 31.91 2.64 -2.69
C GLU A 239 31.05 1.38 -2.85
N VAL A 240 29.77 1.55 -3.27
CA VAL A 240 28.81 0.44 -3.49
C VAL A 240 29.38 -0.56 -4.51
N ILE A 241 29.95 -0.07 -5.63
CA ILE A 241 30.55 -0.91 -6.67
C ILE A 241 31.80 -1.63 -6.15
N LYS A 242 32.58 -0.96 -5.30
CA LYS A 242 33.79 -1.50 -4.68
C LYS A 242 33.43 -2.63 -3.68
N LEU A 243 32.32 -2.44 -2.92
CA LEU A 243 31.86 -3.34 -1.87
C LEU A 243 31.01 -4.52 -2.33
N LYS A 244 30.10 -4.33 -3.31
CA LYS A 244 29.23 -5.43 -3.77
C LYS A 244 29.30 -5.69 -5.29
N GLY A 245 29.75 -4.70 -6.07
CA GLY A 245 29.92 -4.85 -7.52
C GLY A 245 28.90 -4.18 -8.41
N TYR A 246 27.73 -3.82 -7.86
CA TYR A 246 26.63 -3.20 -8.60
C TYR A 246 25.68 -2.44 -7.69
N THR A 247 24.87 -1.53 -8.26
CA THR A 247 23.83 -0.79 -7.56
C THR A 247 22.52 -1.37 -8.09
N SER A 248 21.57 -1.69 -7.21
CA SER A 248 20.31 -2.27 -7.64
C SER A 248 19.07 -1.64 -7.00
N TRP A 249 18.91 -1.78 -5.68
CA TRP A 249 17.75 -1.34 -4.91
C TRP A 249 17.43 0.15 -5.02
N ALA A 250 18.41 1.03 -4.75
CA ALA A 250 18.25 2.48 -4.78
C ALA A 250 17.74 2.99 -6.13
N ILE A 251 18.33 2.51 -7.24
CA ILE A 251 17.93 2.91 -8.58
C ILE A 251 16.54 2.34 -8.95
N GLY A 252 16.32 1.05 -8.62
CA GLY A 252 15.07 0.35 -8.85
C GLY A 252 13.86 1.04 -8.26
N LEU A 253 14.01 1.51 -7.01
CA LEU A 253 12.98 2.23 -6.25
C LEU A 253 12.70 3.59 -6.85
N SER A 254 13.75 4.27 -7.36
CA SER A 254 13.65 5.60 -7.98
C SER A 254 12.89 5.52 -9.30
N VAL A 255 13.18 4.50 -10.12
CA VAL A 255 12.54 4.21 -11.41
C VAL A 255 11.03 3.99 -11.20
N ALA A 256 10.66 3.23 -10.14
CA ALA A 256 9.28 2.96 -9.77
C ALA A 256 8.55 4.24 -9.35
N ASP A 257 9.27 5.18 -8.69
CA ASP A 257 8.71 6.47 -8.25
C ASP A 257 8.37 7.33 -9.47
N LEU A 258 9.20 7.23 -10.54
CA LEU A 258 8.97 7.95 -11.80
C LEU A 258 7.79 7.29 -12.50
N ALA A 259 7.81 5.94 -12.56
CA ALA A 259 6.76 5.09 -13.16
C ALA A 259 5.40 5.40 -12.51
N GLU A 260 5.36 5.58 -11.18
CA GLU A 260 4.13 5.90 -10.44
C GLU A 260 3.51 7.20 -10.98
N SER A 261 4.32 8.25 -11.17
CA SER A 261 3.90 9.55 -11.67
C SER A 261 3.40 9.49 -13.12
N ILE A 262 4.06 8.66 -13.96
CA ILE A 262 3.71 8.47 -15.36
C ILE A 262 2.40 7.65 -15.47
N MET A 263 2.38 6.45 -14.88
CA MET A 263 1.26 5.50 -14.91
C MET A 263 -0.02 5.99 -14.26
N LYS A 264 0.07 6.91 -13.26
CA LYS A 264 -1.08 7.43 -12.54
C LYS A 264 -1.41 8.89 -12.89
N ASN A 265 -0.57 9.53 -13.75
CA ASN A 265 -0.67 10.94 -14.17
C ASN A 265 -0.69 11.89 -12.95
N LEU A 266 0.25 11.66 -12.02
CA LEU A 266 0.36 12.40 -10.76
C LEU A 266 0.74 13.87 -10.93
N ARG A 267 1.58 14.21 -11.92
CA ARG A 267 2.07 15.57 -12.20
C ARG A 267 2.97 16.09 -11.06
N ARG A 268 3.85 15.19 -10.58
CA ARG A 268 4.83 15.47 -9.54
C ARG A 268 6.10 15.92 -10.25
N VAL A 269 6.90 16.74 -9.58
CA VAL A 269 8.16 17.25 -10.09
C VAL A 269 9.27 16.25 -9.73
N HIS A 270 10.12 15.91 -10.72
CA HIS A 270 11.23 14.95 -10.54
C HIS A 270 12.50 15.44 -11.27
N PRO A 271 13.72 15.17 -10.74
CA PRO A 271 14.93 15.56 -11.48
C PRO A 271 15.28 14.52 -12.55
N VAL A 272 14.79 14.72 -13.77
CA VAL A 272 15.01 13.79 -14.88
C VAL A 272 15.65 14.46 -16.09
N SER A 273 16.48 13.68 -16.80
CA SER A 273 17.20 14.08 -18.01
C SER A 273 16.21 14.37 -19.15
N THR A 274 16.20 15.62 -19.63
CA THR A 274 15.35 16.09 -20.72
C THR A 274 16.10 17.05 -21.66
N MET A 275 15.57 17.22 -22.88
CA MET A 275 16.10 18.11 -23.93
C MET A 275 16.03 19.53 -23.40
N ILE A 276 17.21 20.07 -23.04
CA ILE A 276 17.32 21.37 -22.41
C ILE A 276 17.78 22.48 -23.40
N LYS A 277 17.85 22.20 -24.71
CA LYS A 277 18.22 23.20 -25.72
C LYS A 277 17.27 24.41 -25.63
N GLY A 278 17.84 25.57 -25.35
CA GLY A 278 17.08 26.81 -25.19
C GLY A 278 17.24 27.46 -23.83
N LEU A 279 17.49 26.66 -22.78
CA LEU A 279 17.64 27.13 -21.40
C LEU A 279 19.08 27.04 -20.89
N TYR A 280 19.48 28.05 -20.09
CA TYR A 280 20.80 28.22 -19.44
C TYR A 280 21.96 28.36 -20.45
N GLY A 281 21.71 29.07 -21.55
CA GLY A 281 22.70 29.32 -22.59
C GLY A 281 23.19 28.08 -23.34
N ILE A 282 22.37 27.02 -23.34
CA ILE A 282 22.65 25.76 -24.03
C ILE A 282 21.98 25.82 -25.40
N LYS A 283 22.76 25.61 -26.49
CA LYS A 283 22.28 25.68 -27.88
C LYS A 283 22.29 24.33 -28.61
N ASP A 284 22.97 23.33 -28.05
CA ASP A 284 23.07 21.99 -28.63
C ASP A 284 21.94 21.07 -28.16
N ASP A 285 21.62 20.04 -28.97
CA ASP A 285 20.58 19.04 -28.66
C ASP A 285 21.09 18.08 -27.59
N VAL A 286 21.19 18.59 -26.36
CA VAL A 286 21.72 17.89 -25.19
C VAL A 286 20.60 17.63 -24.17
N PHE A 287 20.67 16.47 -23.50
CA PHE A 287 19.73 16.07 -22.46
C PHE A 287 20.39 16.23 -21.10
N LEU A 288 19.78 17.05 -20.22
CA LEU A 288 20.28 17.31 -18.86
C LEU A 288 19.13 17.32 -17.87
N SER A 289 19.40 16.90 -16.63
CA SER A 289 18.39 16.85 -15.57
C SER A 289 18.03 18.23 -15.05
N VAL A 290 16.73 18.51 -15.08
CA VAL A 290 16.06 19.72 -14.61
C VAL A 290 14.74 19.23 -13.98
N PRO A 291 14.13 19.94 -13.01
CA PRO A 291 12.87 19.45 -12.44
C PRO A 291 11.74 19.47 -13.47
N CYS A 292 11.15 18.29 -13.74
CA CYS A 292 10.10 18.10 -14.75
C CYS A 292 8.80 17.65 -14.12
N ILE A 293 7.67 18.14 -14.65
CA ILE A 293 6.34 17.72 -14.23
C ILE A 293 6.04 16.46 -15.06
N LEU A 294 5.98 15.30 -14.39
CA LEU A 294 5.76 13.99 -15.03
C LEU A 294 4.33 13.50 -14.90
N GLY A 295 3.73 13.18 -16.05
CA GLY A 295 2.36 12.67 -16.16
C GLY A 295 2.20 11.59 -17.22
N GLN A 296 0.96 11.41 -17.70
CA GLN A 296 0.62 10.41 -18.73
C GLN A 296 1.19 10.75 -20.11
N ASN A 297 1.53 12.03 -20.36
CA ASN A 297 2.11 12.52 -21.62
C ASN A 297 3.64 12.61 -21.56
N GLY A 298 4.21 12.08 -20.46
CA GLY A 298 5.65 12.10 -20.21
C GLY A 298 6.03 13.39 -19.52
N ILE A 299 6.93 14.18 -20.14
CA ILE A 299 7.36 15.47 -19.61
C ILE A 299 6.47 16.55 -20.24
N SER A 300 5.37 16.90 -19.55
CA SER A 300 4.45 17.92 -20.08
C SER A 300 5.03 19.34 -19.87
N ASP A 301 5.76 19.53 -18.76
CA ASP A 301 6.29 20.83 -18.36
C ASP A 301 7.64 20.68 -17.63
N LEU A 302 8.46 21.75 -17.61
CA LEU A 302 9.72 21.76 -16.86
C LEU A 302 9.89 23.07 -16.07
N VAL A 303 10.39 22.95 -14.84
CA VAL A 303 10.59 24.03 -13.87
C VAL A 303 11.86 24.83 -14.20
N LYS A 304 11.71 26.16 -14.34
CA LYS A 304 12.80 27.11 -14.61
C LYS A 304 13.48 27.47 -13.28
N VAL A 305 14.62 26.83 -13.00
CA VAL A 305 15.37 26.99 -11.76
C VAL A 305 16.38 28.13 -11.88
N THR A 306 16.29 29.11 -10.95
CA THR A 306 17.18 30.25 -10.86
C THR A 306 18.56 29.74 -10.45
N LEU A 307 19.48 29.60 -11.42
CA LEU A 307 20.83 29.11 -11.13
C LEU A 307 21.81 30.27 -10.98
N THR A 308 22.85 30.07 -10.15
CA THR A 308 23.92 31.06 -9.98
C THR A 308 24.83 30.96 -11.20
N SER A 309 25.65 32.00 -11.47
CA SER A 309 26.56 32.01 -12.62
C SER A 309 27.52 30.80 -12.64
N GLU A 310 27.96 30.34 -11.44
CA GLU A 310 28.83 29.17 -11.23
C GLU A 310 28.10 27.89 -11.64
N GLU A 311 26.82 27.76 -11.21
CA GLU A 311 25.93 26.63 -11.51
C GLU A 311 25.62 26.58 -13.01
N GLU A 312 25.33 27.75 -13.61
CA GLU A 312 25.05 27.87 -15.05
C GLU A 312 26.27 27.44 -15.86
N ALA A 313 27.47 27.91 -15.45
CA ALA A 313 28.75 27.59 -16.10
C ALA A 313 29.06 26.10 -16.06
N ARG A 314 28.71 25.43 -14.94
CA ARG A 314 28.92 24.00 -14.74
C ARG A 314 28.01 23.20 -15.68
N LEU A 315 26.75 23.66 -15.83
CA LEU A 315 25.75 23.05 -16.73
C LEU A 315 26.17 23.24 -18.19
N LYS A 316 26.68 24.44 -18.54
CA LYS A 316 27.18 24.78 -19.88
C LYS A 316 28.39 23.93 -20.24
N LYS A 317 29.26 23.64 -19.25
CA LYS A 317 30.46 22.82 -19.39
C LYS A 317 30.06 21.39 -19.71
N SER A 318 29.06 20.85 -18.99
CA SER A 318 28.51 19.51 -19.17
C SER A 318 27.88 19.37 -20.56
N ALA A 319 27.16 20.42 -21.02
CA ALA A 319 26.53 20.46 -22.34
C ALA A 319 27.58 20.31 -23.45
N ASP A 320 28.72 21.05 -23.31
CA ASP A 320 29.85 21.02 -24.24
C ASP A 320 30.55 19.65 -24.21
N THR A 321 30.69 19.07 -22.98
CA THR A 321 31.31 17.77 -22.70
C THR A 321 30.51 16.64 -23.34
N LEU A 322 29.17 16.71 -23.27
CA LEU A 322 28.26 15.70 -23.83
C LEU A 322 28.12 15.81 -25.34
N TRP A 323 28.02 17.05 -25.87
CA TRP A 323 27.90 17.29 -27.31
C TRP A 323 29.15 16.85 -28.07
N GLY A 324 30.30 16.92 -27.41
CA GLY A 324 31.58 16.47 -27.98
C GLY A 324 31.54 15.02 -28.38
N ILE A 325 30.87 14.21 -27.57
CA ILE A 325 30.68 12.77 -27.76
C ILE A 325 29.53 12.50 -28.77
N GLN A 326 28.38 13.20 -28.59
CA GLN A 326 27.17 13.08 -29.42
C GLN A 326 27.36 13.30 -30.91
N LYS A 327 28.12 14.35 -31.30
CA LYS A 327 28.41 14.68 -32.70
C LYS A 327 29.37 13.67 -33.36
N GLU A 328 30.17 12.96 -32.53
CA GLU A 328 31.14 11.95 -32.93
C GLU A 328 30.48 10.55 -33.07
N LEU A 329 29.21 10.42 -32.65
CA LEU A 329 28.47 9.16 -32.69
C LEU A 329 28.01 8.75 -34.09
N GLN A 330 28.31 7.50 -34.46
CA GLN A 330 27.95 6.89 -35.73
C GLN A 330 26.73 5.97 -35.53
N PHE A 331 25.57 6.42 -36.04
CA PHE A 331 24.29 5.70 -35.95
C PHE A 331 23.30 6.15 -37.03
N ALA B 1 27.34 26.89 18.03
CA ALA B 1 26.16 26.51 17.25
C ALA B 1 26.52 25.91 15.87
N THR B 2 25.52 25.32 15.20
CA THR B 2 25.63 24.67 13.89
C THR B 2 24.34 24.92 13.06
N LEU B 3 24.34 24.55 11.76
CA LEU B 3 23.15 24.64 10.91
C LEU B 3 21.98 23.83 11.48
N LYS B 4 22.28 22.63 12.05
CA LYS B 4 21.29 21.77 12.72
C LYS B 4 20.68 22.51 13.92
N ASP B 5 21.51 23.26 14.68
CA ASP B 5 21.09 24.07 15.84
C ASP B 5 20.32 25.31 15.40
N GLN B 6 20.69 25.89 14.24
CA GLN B 6 20.07 27.06 13.65
C GLN B 6 18.68 26.74 13.10
N LEU B 7 18.56 25.59 12.40
CA LEU B 7 17.34 25.12 11.76
C LEU B 7 16.39 24.43 12.73
N ILE B 8 16.90 23.47 13.51
CA ILE B 8 16.09 22.65 14.41
C ILE B 8 16.35 22.95 15.90
N TYR B 9 15.27 23.26 16.64
CA TYR B 9 15.26 23.49 18.08
C TYR B 9 14.76 22.21 18.75
N ASN B 10 15.63 21.59 19.55
CA ASN B 10 15.36 20.34 20.24
C ASN B 10 14.52 20.50 21.52
N LEU B 11 13.50 19.63 21.68
CA LEU B 11 12.62 19.60 22.85
C LEU B 11 13.13 18.57 23.86
N LEU B 12 13.58 17.41 23.37
CA LEU B 12 14.16 16.32 24.17
C LEU B 12 15.18 15.51 23.40
N LYS B 13 16.20 15.01 24.12
CA LYS B 13 17.27 14.21 23.54
C LYS B 13 17.19 12.73 23.96
N GLU B 14 15.94 12.22 24.10
CA GLU B 14 15.63 10.84 24.48
C GLU B 14 16.05 9.84 23.38
N GLU B 15 16.81 8.80 23.77
CA GLU B 15 17.26 7.74 22.87
C GLU B 15 16.13 6.75 22.69
N GLN B 16 15.74 6.53 21.43
CA GLN B 16 14.62 5.66 21.06
C GLN B 16 15.02 4.25 20.66
N THR B 17 14.27 3.24 21.17
CA THR B 17 14.46 1.82 20.88
C THR B 17 13.43 1.37 19.83
N PRO B 18 13.78 0.47 18.89
CA PRO B 18 12.79 0.06 17.88
C PRO B 18 11.66 -0.79 18.43
N GLN B 19 10.43 -0.43 18.06
CA GLN B 19 9.20 -1.13 18.48
C GLN B 19 8.91 -2.34 17.60
N ASN B 20 9.27 -2.23 16.30
CA ASN B 20 9.02 -3.23 15.28
C ASN B 20 10.27 -3.50 14.46
N LYS B 21 11.27 -4.12 15.10
CA LYS B 21 12.56 -4.41 14.47
C LYS B 21 12.60 -5.79 13.83
N ILE B 22 13.23 -5.90 12.65
CA ILE B 22 13.43 -7.17 11.94
C ILE B 22 14.91 -7.33 11.58
N THR B 23 15.48 -8.48 11.91
CA THR B 23 16.87 -8.82 11.62
C THR B 23 16.91 -9.88 10.52
N VAL B 24 17.81 -9.69 9.55
CA VAL B 24 17.99 -10.68 8.48
C VAL B 24 19.43 -11.17 8.56
N VAL B 25 19.62 -12.44 8.94
CA VAL B 25 20.93 -13.09 9.06
C VAL B 25 21.18 -13.80 7.74
N GLY B 26 22.16 -13.30 6.99
CA GLY B 26 22.49 -13.80 5.66
C GLY B 26 22.06 -12.75 4.67
N VAL B 27 23.02 -12.19 3.93
CA VAL B 27 22.78 -11.11 2.98
C VAL B 27 22.98 -11.64 1.53
N GLY B 28 22.62 -12.90 1.34
CA GLY B 28 22.66 -13.57 0.04
C GLY B 28 21.52 -13.14 -0.85
N ALA B 29 21.29 -13.89 -1.95
CA ALA B 29 20.22 -13.60 -2.91
C ALA B 29 18.84 -13.63 -2.23
N VAL B 30 18.62 -14.64 -1.33
CA VAL B 30 17.39 -14.85 -0.56
C VAL B 30 17.23 -13.73 0.49
N GLY B 31 18.26 -13.53 1.31
CA GLY B 31 18.30 -12.52 2.36
C GLY B 31 17.94 -11.13 1.91
N MET B 32 18.52 -10.69 0.79
CA MET B 32 18.25 -9.38 0.20
C MET B 32 16.85 -9.25 -0.35
N ALA B 33 16.33 -10.35 -0.95
CA ALA B 33 14.98 -10.41 -1.50
C ALA B 33 13.94 -10.30 -0.38
N CYS B 34 14.25 -10.88 0.81
CA CYS B 34 13.41 -10.83 2.01
C CYS B 34 13.39 -9.39 2.52
N ALA B 35 14.59 -8.79 2.62
CA ALA B 35 14.83 -7.42 3.07
C ALA B 35 14.00 -6.40 2.29
N ILE B 36 14.13 -6.37 0.95
CA ILE B 36 13.40 -5.45 0.07
C ILE B 36 11.87 -5.69 0.11
N SER B 37 11.45 -6.96 0.26
CA SER B 37 10.03 -7.32 0.36
C SER B 37 9.41 -6.76 1.64
N ILE B 38 10.16 -6.81 2.77
CA ILE B 38 9.75 -6.30 4.07
C ILE B 38 9.68 -4.78 4.05
N LEU B 39 10.74 -4.11 3.54
CA LEU B 39 10.83 -2.65 3.46
C LEU B 39 9.69 -2.05 2.64
N MET B 40 9.37 -2.68 1.50
CA MET B 40 8.32 -2.22 0.58
C MET B 40 6.90 -2.46 1.13
N LYS B 41 6.73 -3.46 2.03
CA LYS B 41 5.46 -3.75 2.67
C LYS B 41 5.27 -2.94 3.97
N ASP B 42 6.31 -2.15 4.36
CA ASP B 42 6.38 -1.27 5.54
C ASP B 42 6.07 -2.03 6.84
N LEU B 43 6.74 -3.17 7.04
CA LEU B 43 6.55 -4.05 8.20
C LEU B 43 7.46 -3.73 9.37
N ALA B 44 8.56 -2.99 9.13
CA ALA B 44 9.54 -2.68 10.16
C ALA B 44 9.93 -1.21 10.25
N ASP B 45 10.21 -0.74 11.47
CA ASP B 45 10.69 0.63 11.71
C ASP B 45 12.21 0.63 11.66
N GLU B 46 12.82 -0.53 11.97
CA GLU B 46 14.25 -0.74 11.93
C GLU B 46 14.55 -2.09 11.30
N LEU B 47 15.52 -2.13 10.40
CA LEU B 47 15.95 -3.35 9.73
C LEU B 47 17.42 -3.58 9.99
N ALA B 48 17.76 -4.71 10.60
CA ALA B 48 19.14 -5.07 10.90
C ALA B 48 19.63 -6.14 9.94
N LEU B 49 20.82 -5.98 9.41
CA LEU B 49 21.39 -6.98 8.48
C LEU B 49 22.71 -7.49 8.97
N VAL B 50 22.86 -8.80 9.05
CA VAL B 50 24.13 -9.38 9.49
C VAL B 50 24.58 -10.44 8.49
N ASP B 51 25.91 -10.59 8.37
CA ASP B 51 26.58 -11.54 7.48
C ASP B 51 28.05 -11.66 7.88
N VAL B 52 28.71 -12.74 7.44
CA VAL B 52 30.15 -12.97 7.68
C VAL B 52 31.00 -12.11 6.76
N ILE B 53 30.57 -11.94 5.49
CA ILE B 53 31.24 -11.14 4.46
C ILE B 53 30.98 -9.65 4.75
N GLU B 54 31.99 -8.96 5.30
CA GLU B 54 31.93 -7.56 5.71
C GLU B 54 31.72 -6.56 4.57
N ASP B 55 32.39 -6.77 3.41
CA ASP B 55 32.32 -5.91 2.23
C ASP B 55 30.93 -5.84 1.61
N LYS B 56 30.38 -7.01 1.20
CA LYS B 56 29.05 -7.16 0.60
C LYS B 56 27.96 -6.57 1.52
N LEU B 57 28.07 -6.85 2.85
CA LEU B 57 27.16 -6.38 3.90
C LEU B 57 27.06 -4.86 3.96
N LYS B 58 28.21 -4.14 3.89
CA LYS B 58 28.22 -2.68 3.90
C LYS B 58 27.62 -2.11 2.61
N GLY B 59 27.94 -2.73 1.48
CA GLY B 59 27.45 -2.36 0.16
C GLY B 59 25.94 -2.49 0.04
N GLU B 60 25.39 -3.61 0.56
CA GLU B 60 23.96 -3.88 0.52
C GLU B 60 23.18 -2.94 1.44
N MET B 61 23.74 -2.66 2.64
CA MET B 61 23.15 -1.75 3.62
C MET B 61 23.06 -0.34 3.02
N MET B 62 24.13 0.13 2.36
CA MET B 62 24.22 1.44 1.72
C MET B 62 23.22 1.60 0.56
N ASP B 63 23.09 0.56 -0.29
CA ASP B 63 22.18 0.54 -1.43
C ASP B 63 20.72 0.69 -0.98
N LEU B 64 20.35 0.05 0.15
CA LEU B 64 19.01 0.16 0.71
C LEU B 64 18.81 1.54 1.33
N GLN B 65 19.85 2.04 2.05
CA GLN B 65 19.89 3.35 2.70
C GLN B 65 19.68 4.48 1.72
N HIS B 66 20.24 4.36 0.50
CA HIS B 66 20.11 5.38 -0.53
C HIS B 66 18.68 5.50 -1.05
N GLY B 67 17.93 4.39 -1.02
CA GLY B 67 16.55 4.35 -1.44
C GLY B 67 15.54 4.66 -0.35
N SER B 68 16.01 5.19 0.81
CA SER B 68 15.20 5.53 1.99
C SER B 68 14.12 6.61 1.73
N LEU B 69 14.30 7.42 0.68
CA LEU B 69 13.35 8.47 0.27
C LEU B 69 12.05 7.84 -0.22
N PHE B 70 12.14 6.63 -0.80
CA PHE B 70 11.02 5.88 -1.36
C PHE B 70 10.51 4.77 -0.41
N LEU B 71 11.06 4.71 0.82
CA LEU B 71 10.69 3.71 1.84
C LEU B 71 10.18 4.37 3.13
N ARG B 72 9.35 3.65 3.90
CA ARG B 72 8.82 4.16 5.17
C ARG B 72 9.56 3.55 6.38
N THR B 73 10.84 3.15 6.18
CA THR B 73 11.69 2.54 7.22
C THR B 73 12.81 3.53 7.59
N PRO B 74 12.68 4.23 8.73
CA PRO B 74 13.70 5.24 9.10
C PRO B 74 15.11 4.71 9.38
N LYS B 75 15.26 3.49 9.92
CA LYS B 75 16.57 2.95 10.27
C LYS B 75 16.90 1.63 9.59
N ILE B 76 18.08 1.58 8.95
CA ILE B 76 18.65 0.40 8.29
C ILE B 76 20.08 0.28 8.79
N VAL B 77 20.35 -0.78 9.58
CA VAL B 77 21.66 -1.02 10.19
C VAL B 77 22.28 -2.35 9.75
N SER B 78 23.61 -2.46 9.87
CA SER B 78 24.36 -3.68 9.53
C SER B 78 25.61 -3.81 10.39
N GLY B 79 26.19 -5.01 10.38
CA GLY B 79 27.40 -5.31 11.14
C GLY B 79 27.67 -6.77 11.36
N LYS B 80 28.93 -7.10 11.63
CA LYS B 80 29.38 -8.48 11.91
C LYS B 80 28.96 -8.85 13.34
N ASP B 81 28.92 -7.86 14.25
CA ASP B 81 28.52 -8.01 15.64
C ASP B 81 26.99 -8.01 15.72
N TYR B 82 26.44 -8.90 16.56
CA TYR B 82 24.99 -9.07 16.73
C TYR B 82 24.35 -8.03 17.68
N ASN B 83 25.15 -7.07 18.19
CA ASN B 83 24.66 -5.98 19.04
C ASN B 83 23.71 -5.07 18.25
N VAL B 84 23.82 -5.12 16.91
CA VAL B 84 22.97 -4.38 15.97
C VAL B 84 21.57 -5.01 15.87
N THR B 85 21.45 -6.32 16.24
CA THR B 85 20.22 -7.10 16.20
C THR B 85 19.36 -6.95 17.47
N ALA B 86 19.88 -6.28 18.50
CA ALA B 86 19.23 -6.06 19.79
C ALA B 86 17.78 -5.59 19.71
N ASN B 87 16.88 -6.22 20.49
CA ASN B 87 15.44 -5.93 20.56
C ASN B 87 14.73 -6.09 19.20
N SER B 88 14.84 -7.29 18.61
CA SER B 88 14.19 -7.63 17.34
C SER B 88 12.91 -8.38 17.61
N LYS B 89 11.87 -8.07 16.85
CA LYS B 89 10.58 -8.75 16.98
C LYS B 89 10.61 -10.05 16.17
N LEU B 90 11.38 -10.07 15.07
CA LEU B 90 11.50 -11.21 14.17
C LEU B 90 12.91 -11.30 13.60
N VAL B 91 13.48 -12.51 13.61
CA VAL B 91 14.81 -12.76 13.08
C VAL B 91 14.69 -13.80 11.96
N ILE B 92 15.04 -13.41 10.73
CA ILE B 92 14.99 -14.28 9.57
C ILE B 92 16.39 -14.79 9.25
N ILE B 93 16.60 -16.10 9.38
CA ILE B 93 17.89 -16.72 9.10
C ILE B 93 17.88 -17.36 7.70
N THR B 94 18.63 -16.74 6.80
CA THR B 94 18.80 -17.16 5.40
C THR B 94 20.26 -17.58 5.19
N ALA B 95 21.06 -17.62 6.27
CA ALA B 95 22.48 -17.97 6.20
C ALA B 95 22.68 -19.44 5.94
N GLY B 96 23.47 -19.74 4.92
CA GLY B 96 23.78 -21.11 4.54
C GLY B 96 25.10 -21.28 3.82
N ALA B 97 25.46 -22.54 3.60
CA ALA B 97 26.63 -22.97 2.84
C ALA B 97 26.11 -23.65 1.59
N ARG B 98 26.84 -23.55 0.47
CA ARG B 98 26.43 -24.20 -0.77
C ARG B 98 27.18 -25.51 -0.97
N GLN B 99 26.43 -26.59 -1.30
CA GLN B 99 26.95 -27.94 -1.51
C GLN B 99 28.17 -27.96 -2.43
N GLN B 100 29.32 -28.38 -1.87
CA GLN B 100 30.57 -28.46 -2.63
C GLN B 100 30.57 -29.67 -3.57
N GLU B 101 31.45 -29.63 -4.58
CA GLU B 101 31.59 -30.64 -5.64
C GLU B 101 31.84 -32.07 -5.12
N GLY B 102 32.77 -32.24 -4.19
CA GLY B 102 33.08 -33.54 -3.60
C GLY B 102 32.24 -33.88 -2.39
N GLU B 103 31.51 -32.88 -1.86
CA GLU B 103 30.67 -32.99 -0.66
C GLU B 103 29.40 -33.82 -0.83
N SER B 104 29.01 -34.50 0.27
CA SER B 104 27.79 -35.31 0.39
C SER B 104 26.70 -34.46 1.08
N ARG B 105 25.43 -34.91 1.03
CA ARG B 105 24.31 -34.19 1.65
C ARG B 105 24.49 -34.08 3.17
N LEU B 106 24.91 -35.19 3.82
CA LEU B 106 25.18 -35.28 5.26
C LEU B 106 26.29 -34.32 5.70
N ASN B 107 27.31 -34.11 4.83
CA ASN B 107 28.44 -33.21 5.08
C ASN B 107 27.95 -31.76 5.09
N LEU B 108 27.07 -31.40 4.15
CA LEU B 108 26.46 -30.08 4.00
C LEU B 108 25.60 -29.72 5.22
N VAL B 109 24.82 -30.69 5.74
CA VAL B 109 23.94 -30.53 6.90
C VAL B 109 24.75 -30.10 8.13
N GLN B 110 25.80 -30.86 8.48
CA GLN B 110 26.68 -30.58 9.62
C GLN B 110 27.36 -29.20 9.51
N ARG B 111 27.72 -28.77 8.28
CA ARG B 111 28.35 -27.48 8.03
C ARG B 111 27.41 -26.31 8.33
N ASN B 112 26.12 -26.48 8.01
CA ASN B 112 25.07 -25.50 8.30
C ASN B 112 24.76 -25.52 9.80
N VAL B 113 24.83 -26.72 10.44
CA VAL B 113 24.65 -26.91 11.88
C VAL B 113 25.75 -26.11 12.63
N ASN B 114 26.99 -26.11 12.09
CA ASN B 114 28.14 -25.35 12.60
C ASN B 114 27.90 -23.86 12.42
N ILE B 115 27.32 -23.45 11.27
CA ILE B 115 26.95 -22.06 10.96
C ILE B 115 25.89 -21.60 12.00
N PHE B 116 24.91 -22.48 12.27
CA PHE B 116 23.83 -22.26 13.22
C PHE B 116 24.29 -22.27 14.68
N LYS B 117 25.37 -23.00 15.00
CA LYS B 117 25.95 -23.07 16.35
C LYS B 117 26.56 -21.73 16.77
N PHE B 118 26.77 -20.83 15.80
CA PHE B 118 27.34 -19.50 16.00
C PHE B 118 26.24 -18.42 15.97
N ILE B 119 25.24 -18.57 15.08
CA ILE B 119 24.16 -17.61 14.86
C ILE B 119 23.13 -17.61 15.99
N ILE B 120 22.47 -18.76 16.21
CA ILE B 120 21.39 -18.97 17.18
C ILE B 120 21.78 -18.50 18.62
N PRO B 121 22.96 -18.82 19.22
CA PRO B 121 23.24 -18.29 20.57
C PRO B 121 23.44 -16.78 20.56
N ASN B 122 24.02 -16.23 19.47
CA ASN B 122 24.25 -14.80 19.30
C ASN B 122 22.96 -13.99 19.13
N VAL B 123 21.95 -14.56 18.44
CA VAL B 123 20.66 -13.90 18.23
C VAL B 123 19.84 -13.86 19.54
N VAL B 124 19.76 -15.00 20.26
CA VAL B 124 19.01 -15.12 21.54
C VAL B 124 19.61 -14.19 22.62
N LYS B 125 20.94 -13.95 22.56
CA LYS B 125 21.71 -13.09 23.46
C LYS B 125 21.17 -11.64 23.47
N TYR B 126 20.83 -11.11 22.28
CA TYR B 126 20.34 -9.74 22.12
C TYR B 126 18.82 -9.63 21.92
N SER B 127 18.20 -10.68 21.36
CA SER B 127 16.76 -10.76 21.13
C SER B 127 16.20 -12.08 21.71
N PRO B 128 15.99 -12.15 23.04
CA PRO B 128 15.49 -13.41 23.64
C PRO B 128 13.99 -13.64 23.48
N ASN B 129 13.22 -12.59 23.13
CA ASN B 129 11.75 -12.69 23.00
C ASN B 129 11.31 -12.61 21.53
N CYS B 130 12.25 -12.83 20.60
CA CYS B 130 11.97 -12.79 19.17
C CYS B 130 11.34 -14.11 18.69
N LYS B 131 10.92 -14.12 17.42
CA LYS B 131 10.37 -15.29 16.74
C LYS B 131 11.38 -15.61 15.63
N LEU B 132 11.89 -16.85 15.59
CA LEU B 132 12.87 -17.22 14.56
C LEU B 132 12.15 -17.73 13.33
N LEU B 133 12.52 -17.21 12.16
CA LEU B 133 11.97 -17.66 10.90
C LEU B 133 13.15 -18.20 10.07
N ILE B 134 13.31 -19.52 10.06
CA ILE B 134 14.44 -20.15 9.36
C ILE B 134 14.03 -20.47 7.90
N VAL B 135 14.90 -20.08 6.95
CA VAL B 135 14.71 -20.23 5.51
C VAL B 135 15.74 -21.24 4.95
N SER B 136 17.00 -21.17 5.40
CA SER B 136 18.13 -22.03 5.00
C SER B 136 17.79 -23.53 4.91
N ASN B 137 18.38 -24.24 3.93
CA ASN B 137 18.11 -25.67 3.70
C ASN B 137 19.14 -26.65 4.29
N PRO B 138 18.72 -27.86 4.77
CA PRO B 138 17.34 -28.40 4.85
C PRO B 138 16.54 -27.70 5.95
N VAL B 139 15.51 -26.92 5.54
CA VAL B 139 14.69 -26.10 6.43
C VAL B 139 14.11 -26.93 7.58
N ASP B 140 13.50 -28.09 7.28
CA ASP B 140 12.89 -28.99 8.27
C ASP B 140 13.89 -29.46 9.36
N ILE B 141 15.15 -29.72 8.98
CA ILE B 141 16.23 -30.15 9.91
C ILE B 141 16.79 -28.94 10.67
N LEU B 142 17.10 -27.83 9.96
CA LEU B 142 17.68 -26.64 10.58
C LEU B 142 16.71 -25.87 11.49
N THR B 143 15.37 -26.03 11.31
CA THR B 143 14.39 -25.42 12.22
C THR B 143 14.50 -26.16 13.57
N TYR B 144 14.73 -27.50 13.52
CA TYR B 144 14.95 -28.34 14.70
C TYR B 144 16.26 -27.97 15.40
N VAL B 145 17.34 -27.71 14.62
CA VAL B 145 18.66 -27.32 15.12
C VAL B 145 18.51 -25.97 15.85
N ALA B 146 17.76 -25.03 15.24
CA ALA B 146 17.48 -23.71 15.82
C ALA B 146 16.70 -23.83 17.12
N TRP B 147 15.68 -24.70 17.15
CA TRP B 147 14.84 -24.99 18.31
C TRP B 147 15.64 -25.58 19.49
N LYS B 148 16.60 -26.47 19.19
CA LYS B 148 17.44 -27.13 20.20
C LYS B 148 18.47 -26.19 20.84
N ILE B 149 19.18 -25.39 20.03
CA ILE B 149 20.20 -24.44 20.50
C ILE B 149 19.57 -23.28 21.26
N SER B 150 18.52 -22.65 20.69
CA SER B 150 17.82 -21.51 21.30
C SER B 150 17.18 -21.83 22.64
N GLY B 151 16.59 -23.03 22.73
CA GLY B 151 15.86 -23.46 23.92
C GLY B 151 14.51 -22.75 24.00
N PHE B 152 14.11 -22.11 22.89
CA PHE B 152 12.88 -21.36 22.71
C PHE B 152 11.71 -22.34 22.64
N PRO B 153 10.48 -21.93 23.08
CA PRO B 153 9.32 -22.83 22.93
C PRO B 153 8.98 -23.06 21.45
N LYS B 154 8.49 -24.27 21.10
CA LYS B 154 8.19 -24.68 19.71
C LYS B 154 7.45 -23.62 18.86
N ASN B 155 6.56 -22.81 19.48
CA ASN B 155 5.80 -21.75 18.80
C ASN B 155 6.68 -20.59 18.27
N ARG B 156 7.75 -20.25 18.98
CA ARG B 156 8.64 -19.17 18.60
C ARG B 156 9.71 -19.59 17.56
N VAL B 157 9.76 -20.89 17.20
CA VAL B 157 10.69 -21.40 16.19
C VAL B 157 9.86 -21.86 14.99
N ILE B 158 9.74 -20.97 13.99
CA ILE B 158 8.96 -21.18 12.77
C ILE B 158 9.94 -21.43 11.61
N GLY B 159 9.59 -22.39 10.76
CA GLY B 159 10.37 -22.73 9.58
C GLY B 159 9.57 -22.46 8.34
N SER B 160 10.20 -21.85 7.30
CA SER B 160 9.57 -21.51 6.02
C SER B 160 8.72 -22.67 5.48
N GLY B 161 9.30 -23.88 5.51
CA GLY B 161 8.66 -25.11 5.11
C GLY B 161 8.08 -25.14 3.71
N CYS B 162 6.81 -25.54 3.61
CA CYS B 162 6.12 -25.68 2.34
C CYS B 162 5.33 -24.44 1.91
N ASN B 163 5.74 -23.24 2.39
CA ASN B 163 5.09 -21.98 2.04
C ASN B 163 5.32 -21.63 0.57
N LEU B 164 6.54 -21.93 0.06
CA LEU B 164 6.95 -21.72 -1.32
C LEU B 164 6.37 -22.81 -2.25
N ASP B 165 6.34 -24.07 -1.78
CA ASP B 165 5.78 -25.23 -2.50
C ASP B 165 4.33 -24.94 -2.82
N SER B 166 3.54 -24.49 -1.82
CA SER B 166 2.13 -24.14 -1.94
C SER B 166 1.92 -22.94 -2.85
N ALA B 167 2.80 -21.91 -2.75
CA ALA B 167 2.75 -20.71 -3.59
C ALA B 167 2.95 -21.05 -5.07
N ARG B 168 3.92 -21.95 -5.37
CA ARG B 168 4.20 -22.44 -6.72
C ARG B 168 3.05 -23.32 -7.24
N PHE B 169 2.49 -24.17 -6.35
CA PHE B 169 1.38 -25.07 -6.66
C PHE B 169 0.12 -24.29 -6.99
N ARG B 170 -0.19 -23.24 -6.19
CA ARG B 170 -1.37 -22.38 -6.40
C ARG B 170 -1.25 -21.58 -7.70
N TYR B 171 -0.01 -21.30 -8.14
CA TYR B 171 0.25 -20.59 -9.39
C TYR B 171 -0.06 -21.50 -10.60
N LEU B 172 0.43 -22.76 -10.55
CA LEU B 172 0.24 -23.75 -11.62
C LEU B 172 -1.21 -24.24 -11.68
N MET B 173 -1.89 -24.28 -10.53
CA MET B 173 -3.32 -24.61 -10.41
C MET B 173 -4.08 -23.43 -11.04
N GLY B 174 -3.62 -22.21 -10.73
CA GLY B 174 -4.18 -20.96 -11.23
C GLY B 174 -4.13 -20.81 -12.74
N GLU B 175 -2.96 -21.12 -13.33
CA GLU B 175 -2.72 -21.06 -14.77
C GLU B 175 -3.60 -22.04 -15.53
N ARG B 176 -3.77 -23.26 -14.98
CA ARG B 176 -4.58 -24.32 -15.56
C ARG B 176 -6.07 -23.98 -15.57
N LEU B 177 -6.59 -23.47 -14.44
CA LEU B 177 -8.01 -23.11 -14.31
C LEU B 177 -8.33 -21.69 -14.78
N GLY B 178 -7.30 -20.88 -15.06
CA GLY B 178 -7.45 -19.50 -15.53
C GLY B 178 -8.07 -18.59 -14.48
N VAL B 179 -7.64 -18.75 -13.23
CA VAL B 179 -8.13 -18.02 -12.06
C VAL B 179 -6.88 -17.58 -11.26
N HIS B 180 -6.96 -16.45 -10.52
CA HIS B 180 -5.85 -15.93 -9.71
C HIS B 180 -5.43 -16.93 -8.62
N PRO B 181 -4.11 -17.14 -8.38
CA PRO B 181 -3.69 -18.10 -7.32
C PRO B 181 -4.30 -17.87 -5.93
N LEU B 182 -4.78 -16.64 -5.64
CA LEU B 182 -5.43 -16.29 -4.38
C LEU B 182 -6.79 -16.96 -4.25
N SER B 183 -7.45 -17.21 -5.40
CA SER B 183 -8.74 -17.88 -5.47
C SER B 183 -8.59 -19.40 -5.68
N CYS B 184 -7.35 -19.86 -5.92
CA CYS B 184 -6.96 -21.24 -6.10
C CYS B 184 -6.38 -21.77 -4.80
N HIS B 185 -7.22 -22.41 -3.98
CA HIS B 185 -6.80 -22.95 -2.69
C HIS B 185 -6.26 -24.35 -2.80
N GLY B 186 -4.98 -24.49 -2.45
CA GLY B 186 -4.25 -25.75 -2.50
C GLY B 186 -3.19 -25.79 -1.42
N TRP B 187 -3.05 -26.95 -0.77
CA TRP B 187 -2.10 -27.14 0.32
C TRP B 187 -1.12 -28.26 0.07
N VAL B 188 0.17 -27.94 0.15
CA VAL B 188 1.27 -28.90 -0.01
C VAL B 188 1.90 -28.97 1.39
N LEU B 189 1.89 -30.15 2.02
CA LEU B 189 2.40 -30.32 3.39
C LEU B 189 3.60 -31.27 3.51
N GLY B 190 4.05 -31.45 4.75
CA GLY B 190 5.16 -32.34 5.08
C GLY B 190 6.53 -31.73 4.89
N GLU B 191 7.47 -32.55 4.39
CA GLU B 191 8.87 -32.19 4.15
C GLU B 191 8.98 -31.30 2.92
N HIS B 192 9.61 -30.12 3.08
CA HIS B 192 9.81 -29.15 2.02
C HIS B 192 10.74 -29.71 0.94
N GLY B 193 10.33 -29.55 -0.33
CA GLY B 193 11.10 -30.02 -1.47
C GLY B 193 10.45 -31.15 -2.25
N ASP B 194 11.26 -32.17 -2.61
CA ASP B 194 10.87 -33.34 -3.39
C ASP B 194 9.82 -34.22 -2.69
N SER B 195 10.00 -34.45 -1.37
CA SER B 195 9.13 -35.29 -0.54
C SER B 195 7.83 -34.60 -0.05
N SER B 196 7.52 -33.41 -0.59
CA SER B 196 6.32 -32.65 -0.24
C SER B 196 5.04 -33.37 -0.64
N VAL B 197 4.03 -33.35 0.24
CA VAL B 197 2.76 -34.07 0.05
C VAL B 197 1.60 -33.14 -0.33
N PRO B 198 1.08 -33.22 -1.58
CA PRO B 198 -0.07 -32.39 -1.94
C PRO B 198 -1.38 -32.98 -1.43
N VAL B 199 -2.16 -32.15 -0.71
CA VAL B 199 -3.45 -32.55 -0.13
C VAL B 199 -4.56 -32.27 -1.16
N TRP B 200 -4.87 -33.30 -1.98
CA TRP B 200 -5.85 -33.26 -3.08
C TRP B 200 -7.29 -33.02 -2.61
N SER B 201 -7.63 -33.44 -1.39
CA SER B 201 -8.96 -33.24 -0.83
C SER B 201 -9.21 -31.76 -0.54
N GLY B 202 -8.17 -31.08 -0.06
CA GLY B 202 -8.19 -29.67 0.29
C GLY B 202 -8.25 -28.73 -0.90
N MET B 203 -7.80 -29.21 -2.07
CA MET B 203 -7.78 -28.46 -3.32
C MET B 203 -9.17 -28.02 -3.74
N ASN B 204 -9.39 -26.70 -3.75
CA ASN B 204 -10.68 -26.13 -4.10
C ASN B 204 -10.58 -24.73 -4.74
N VAL B 205 -11.69 -24.28 -5.30
CA VAL B 205 -11.92 -22.98 -5.90
C VAL B 205 -13.36 -22.66 -5.50
N ALA B 206 -13.57 -21.55 -4.76
CA ALA B 206 -14.87 -21.08 -4.27
C ALA B 206 -15.59 -22.09 -3.34
N GLY B 207 -14.79 -22.88 -2.62
CA GLY B 207 -15.29 -23.89 -1.69
C GLY B 207 -15.61 -25.23 -2.29
N VAL B 208 -15.79 -25.28 -3.63
CA VAL B 208 -16.10 -26.50 -4.37
C VAL B 208 -14.81 -27.34 -4.53
N SER B 209 -14.83 -28.56 -3.94
CA SER B 209 -13.72 -29.50 -3.95
C SER B 209 -13.44 -30.07 -5.35
N LEU B 210 -12.17 -29.97 -5.79
CA LEU B 210 -11.73 -30.48 -7.09
C LEU B 210 -11.66 -32.01 -7.14
N LYS B 211 -11.49 -32.67 -5.97
CA LYS B 211 -11.48 -34.12 -5.84
C LYS B 211 -12.91 -34.67 -5.97
N THR B 212 -13.91 -33.86 -5.58
CA THR B 212 -15.33 -34.22 -5.64
C THR B 212 -15.81 -34.33 -7.11
N LEU B 213 -15.59 -33.29 -7.96
CA LEU B 213 -16.04 -33.39 -9.35
C LEU B 213 -14.95 -33.91 -10.31
N HIS B 214 -13.93 -34.59 -9.77
CA HIS B 214 -12.84 -35.24 -10.49
C HIS B 214 -12.18 -36.20 -9.50
N PRO B 215 -12.76 -37.41 -9.31
CA PRO B 215 -12.22 -38.35 -8.33
C PRO B 215 -10.82 -38.88 -8.63
N ASP B 216 -10.41 -38.87 -9.91
CA ASP B 216 -9.08 -39.31 -10.34
C ASP B 216 -7.98 -38.27 -10.04
N LEU B 217 -8.34 -37.14 -9.40
CA LEU B 217 -7.44 -36.04 -9.02
C LEU B 217 -6.27 -36.55 -8.17
N GLY B 218 -5.06 -36.39 -8.67
CA GLY B 218 -3.85 -36.80 -7.98
C GLY B 218 -3.47 -38.27 -8.09
N THR B 219 -4.21 -39.05 -8.91
CA THR B 219 -3.92 -40.47 -9.12
C THR B 219 -3.41 -40.66 -10.55
N ASP B 220 -2.66 -41.75 -10.81
CA ASP B 220 -2.12 -42.08 -12.14
C ASP B 220 -3.22 -42.31 -13.19
N LYS B 221 -4.41 -42.75 -12.73
CA LYS B 221 -5.59 -43.04 -13.54
C LYS B 221 -6.26 -41.79 -14.14
N ASP B 222 -5.77 -40.59 -13.81
CA ASP B 222 -6.27 -39.30 -14.30
C ASP B 222 -5.98 -39.10 -15.78
N LYS B 223 -7.03 -38.76 -16.54
CA LYS B 223 -6.98 -38.49 -17.98
C LYS B 223 -6.36 -37.12 -18.25
N GLU B 224 -6.67 -36.12 -17.40
CA GLU B 224 -6.19 -34.74 -17.52
C GLU B 224 -4.76 -34.53 -17.02
N GLN B 225 -4.25 -35.49 -16.21
CA GLN B 225 -2.90 -35.55 -15.62
C GLN B 225 -2.65 -34.38 -14.63
N TRP B 226 -3.49 -34.31 -13.58
CA TRP B 226 -3.37 -33.33 -12.50
C TRP B 226 -2.25 -33.67 -11.52
N LYS B 227 -1.66 -34.88 -11.64
CA LYS B 227 -0.51 -35.35 -10.88
C LYS B 227 0.72 -34.51 -11.24
N GLU B 228 0.82 -34.13 -12.53
CA GLU B 228 1.89 -33.32 -13.11
C GLU B 228 1.96 -31.90 -12.56
N VAL B 229 0.86 -31.37 -11.97
CA VAL B 229 0.82 -30.03 -11.38
C VAL B 229 1.88 -29.93 -10.27
N HIS B 230 1.88 -30.91 -9.33
CA HIS B 230 2.85 -31.01 -8.25
C HIS B 230 4.24 -31.43 -8.77
N LYS B 231 4.29 -32.26 -9.82
CA LYS B 231 5.57 -32.71 -10.40
C LYS B 231 6.29 -31.53 -11.09
N GLN B 232 5.50 -30.59 -11.67
CA GLN B 232 5.98 -29.36 -12.32
C GLN B 232 6.52 -28.36 -11.28
N VAL B 233 5.98 -28.41 -10.02
CA VAL B 233 6.42 -27.56 -8.89
C VAL B 233 7.89 -27.90 -8.61
N VAL B 234 8.19 -29.21 -8.52
CA VAL B 234 9.55 -29.74 -8.29
C VAL B 234 10.44 -29.40 -9.50
N GLU B 235 9.97 -29.71 -10.73
CA GLU B 235 10.66 -29.44 -12.00
C GLU B 235 11.04 -27.96 -12.14
N SER B 236 10.11 -27.03 -11.83
CA SER B 236 10.33 -25.58 -11.95
C SER B 236 11.41 -25.08 -10.99
N ALA B 237 11.48 -25.65 -9.77
CA ALA B 237 12.48 -25.30 -8.76
C ALA B 237 13.89 -25.63 -9.25
N TYR B 238 14.05 -26.80 -9.92
CA TYR B 238 15.32 -27.24 -10.50
C TYR B 238 15.62 -26.44 -11.77
N GLU B 239 14.56 -26.01 -12.49
CA GLU B 239 14.67 -25.23 -13.71
C GLU B 239 15.23 -23.84 -13.45
N VAL B 240 14.74 -23.15 -12.40
CA VAL B 240 15.17 -21.79 -12.00
C VAL B 240 16.68 -21.79 -11.71
N ILE B 241 17.19 -22.79 -10.97
CA ILE B 241 18.62 -22.91 -10.65
C ILE B 241 19.44 -23.19 -11.91
N LYS B 242 18.90 -23.97 -12.85
CA LYS B 242 19.54 -24.32 -14.13
C LYS B 242 19.64 -23.06 -15.03
N LEU B 243 18.57 -22.23 -15.02
CA LEU B 243 18.43 -21.03 -15.86
C LEU B 243 19.11 -19.76 -15.33
N LYS B 244 19.05 -19.49 -14.00
CA LYS B 244 19.66 -18.27 -13.46
C LYS B 244 20.68 -18.54 -12.33
N GLY B 245 20.60 -19.70 -11.67
CA GLY B 245 21.54 -20.08 -10.62
C GLY B 245 21.05 -20.04 -9.18
N TYR B 246 19.95 -19.30 -8.94
CA TYR B 246 19.38 -19.12 -7.60
C TYR B 246 17.91 -18.72 -7.66
N THR B 247 17.19 -18.89 -6.54
CA THR B 247 15.81 -18.45 -6.38
C THR B 247 15.86 -17.28 -5.41
N SER B 248 15.18 -16.17 -5.72
CA SER B 248 15.22 -15.01 -4.85
C SER B 248 13.85 -14.39 -4.58
N TRP B 249 13.20 -13.85 -5.63
CA TRP B 249 11.94 -13.13 -5.54
C TRP B 249 10.78 -13.91 -4.92
N ALA B 250 10.48 -15.12 -5.45
CA ALA B 250 9.38 -15.96 -4.97
C ALA B 250 9.47 -16.28 -3.47
N ILE B 251 10.67 -16.64 -2.99
CA ILE B 251 10.89 -16.98 -1.58
C ILE B 251 10.80 -15.70 -0.71
N GLY B 252 11.46 -14.60 -1.12
CA GLY B 252 11.45 -13.34 -0.39
C GLY B 252 10.06 -12.79 -0.14
N LEU B 253 9.20 -12.86 -1.18
CA LEU B 253 7.80 -12.42 -1.11
C LEU B 253 6.99 -13.28 -0.16
N SER B 254 7.28 -14.60 -0.10
CA SER B 254 6.61 -15.55 0.78
C SER B 254 6.97 -15.30 2.24
N VAL B 255 8.27 -15.02 2.51
CA VAL B 255 8.84 -14.69 3.82
C VAL B 255 8.17 -13.43 4.37
N ALA B 256 7.98 -12.41 3.51
CA ALA B 256 7.31 -11.15 3.85
C ALA B 256 5.83 -11.37 4.20
N ASP B 257 5.17 -12.32 3.51
CA ASP B 257 3.77 -12.68 3.77
C ASP B 257 3.62 -13.31 5.15
N LEU B 258 4.63 -14.11 5.58
CA LEU B 258 4.67 -14.72 6.90
C LEU B 258 4.93 -13.62 7.91
N ALA B 259 5.92 -12.75 7.63
CA ALA B 259 6.32 -11.62 8.44
C ALA B 259 5.14 -10.69 8.70
N GLU B 260 4.30 -10.44 7.68
CA GLU B 260 3.10 -9.60 7.79
C GLU B 260 2.17 -10.14 8.88
N SER B 261 1.88 -11.46 8.88
CA SER B 261 1.00 -12.11 9.87
C SER B 261 1.59 -12.10 11.28
N ILE B 262 2.93 -12.24 11.39
CA ILE B 262 3.62 -12.22 12.67
C ILE B 262 3.64 -10.79 13.24
N MET B 263 4.18 -9.83 12.47
CA MET B 263 4.33 -8.41 12.84
C MET B 263 3.03 -7.67 13.10
N LYS B 264 1.92 -8.07 12.46
CA LYS B 264 0.62 -7.42 12.59
C LYS B 264 -0.40 -8.24 13.40
N ASN B 265 -0.02 -9.48 13.83
CA ASN B 265 -0.86 -10.43 14.58
C ASN B 265 -2.16 -10.73 13.81
N LEU B 266 -2.04 -10.99 12.51
CA LEU B 266 -3.16 -11.24 11.61
C LEU B 266 -3.94 -12.54 11.89
N ARG B 267 -3.25 -13.60 12.36
CA ARG B 267 -3.84 -14.92 12.67
C ARG B 267 -4.36 -15.62 11.39
N ARG B 268 -3.55 -15.53 10.33
CA ARG B 268 -3.80 -16.17 9.05
C ARG B 268 -3.15 -17.55 9.09
N VAL B 269 -3.70 -18.49 8.32
CA VAL B 269 -3.19 -19.85 8.23
C VAL B 269 -2.13 -19.90 7.11
N HIS B 270 -0.96 -20.53 7.40
CA HIS B 270 0.15 -20.65 6.47
C HIS B 270 0.79 -22.04 6.53
N PRO B 271 1.30 -22.61 5.41
CA PRO B 271 1.98 -23.92 5.50
C PRO B 271 3.44 -23.75 5.93
N VAL B 272 3.69 -23.83 7.25
CA VAL B 272 5.03 -23.65 7.80
C VAL B 272 5.49 -24.83 8.63
N SER B 273 6.81 -25.10 8.58
CA SER B 273 7.51 -26.17 9.29
C SER B 273 7.42 -25.94 10.80
N THR B 274 6.78 -26.89 11.53
CA THR B 274 6.61 -26.86 12.99
C THR B 274 6.77 -28.26 13.59
N MET B 275 6.98 -28.35 14.92
CA MET B 275 7.13 -29.59 15.71
C MET B 275 5.87 -30.48 15.54
N ILE B 276 5.97 -31.49 14.66
CA ILE B 276 4.88 -32.40 14.30
C ILE B 276 4.71 -33.58 15.27
N LYS B 277 5.68 -33.78 16.19
CA LYS B 277 5.69 -34.84 17.21
C LYS B 277 4.33 -34.95 17.92
N GLY B 278 3.78 -36.16 17.92
CA GLY B 278 2.48 -36.45 18.52
C GLY B 278 1.32 -36.42 17.55
N LEU B 279 1.58 -36.06 16.29
CA LEU B 279 0.56 -36.01 15.24
C LEU B 279 0.91 -36.90 14.06
N TYR B 280 -0.12 -37.53 13.46
CA TYR B 280 -0.03 -38.45 12.31
C TYR B 280 0.94 -39.62 12.56
N GLY B 281 0.93 -40.13 13.80
CA GLY B 281 1.78 -41.24 14.24
C GLY B 281 3.27 -40.97 14.17
N ILE B 282 3.71 -39.76 14.58
CA ILE B 282 5.11 -39.35 14.58
C ILE B 282 5.60 -39.21 16.03
N LYS B 283 6.61 -40.02 16.41
CA LYS B 283 7.15 -40.04 17.77
C LYS B 283 8.45 -39.27 17.93
N ASP B 284 9.16 -38.95 16.82
CA ASP B 284 10.43 -38.24 16.88
C ASP B 284 10.28 -36.73 16.85
N ASP B 285 11.26 -36.00 17.41
CA ASP B 285 11.28 -34.53 17.47
C ASP B 285 11.61 -33.97 16.08
N VAL B 286 10.64 -34.07 15.16
CA VAL B 286 10.77 -33.67 13.77
C VAL B 286 9.87 -32.48 13.46
N PHE B 287 10.36 -31.57 12.58
CA PHE B 287 9.63 -30.39 12.12
C PHE B 287 9.13 -30.62 10.70
N LEU B 288 7.80 -30.50 10.51
CA LEU B 288 7.16 -30.69 9.21
C LEU B 288 6.06 -29.66 9.00
N SER B 289 5.84 -29.26 7.73
CA SER B 289 4.83 -28.26 7.37
C SER B 289 3.42 -28.77 7.51
N VAL B 290 2.62 -28.02 8.25
CA VAL B 290 1.20 -28.22 8.53
C VAL B 290 0.59 -26.81 8.56
N PRO B 291 -0.71 -26.61 8.27
CA PRO B 291 -1.27 -25.25 8.31
C PRO B 291 -1.28 -24.70 9.74
N CYS B 292 -0.60 -23.57 9.97
CA CYS B 292 -0.45 -22.94 11.28
C CYS B 292 -1.09 -21.55 11.32
N ILE B 293 -1.72 -21.21 12.46
CA ILE B 293 -2.26 -19.88 12.67
C ILE B 293 -1.09 -19.03 13.19
N LEU B 294 -0.64 -18.06 12.38
CA LEU B 294 0.51 -17.21 12.69
C LEU B 294 0.11 -15.84 13.22
N GLY B 295 0.63 -15.49 14.38
CA GLY B 295 0.39 -14.22 15.06
C GLY B 295 1.63 -13.66 15.75
N GLN B 296 1.41 -12.79 16.75
CA GLN B 296 2.47 -12.15 17.52
C GLN B 296 3.24 -13.12 18.44
N ASN B 297 2.62 -14.27 18.78
CA ASN B 297 3.21 -15.31 19.62
C ASN B 297 3.86 -16.44 18.80
N GLY B 298 3.95 -16.23 17.48
CA GLY B 298 4.48 -17.19 16.53
C GLY B 298 3.39 -18.14 16.08
N ILE B 299 3.58 -19.44 16.33
CA ILE B 299 2.58 -20.47 15.99
C ILE B 299 1.71 -20.67 17.22
N SER B 300 0.60 -19.95 17.32
CA SER B 300 -0.29 -20.07 18.47
C SER B 300 -1.15 -21.35 18.38
N ASP B 301 -1.51 -21.73 17.15
CA ASP B 301 -2.39 -22.86 16.88
C ASP B 301 -2.01 -23.58 15.58
N LEU B 302 -2.42 -24.86 15.48
CA LEU B 302 -2.24 -25.73 14.31
C LEU B 302 -3.60 -26.12 13.76
N VAL B 303 -3.66 -26.42 12.46
CA VAL B 303 -4.87 -26.96 11.82
C VAL B 303 -4.68 -28.47 11.66
N LYS B 304 -5.62 -29.27 12.21
CA LYS B 304 -5.61 -30.72 12.13
C LYS B 304 -6.21 -31.13 10.78
N VAL B 305 -5.35 -31.48 9.81
CA VAL B 305 -5.76 -31.85 8.45
C VAL B 305 -6.03 -33.35 8.34
N THR B 306 -7.25 -33.69 7.89
CA THR B 306 -7.68 -35.07 7.68
C THR B 306 -6.91 -35.61 6.46
N LEU B 307 -5.86 -36.41 6.71
CA LEU B 307 -5.04 -36.97 5.64
C LEU B 307 -5.46 -38.39 5.31
N THR B 308 -5.27 -38.79 4.04
CA THR B 308 -5.56 -40.15 3.60
C THR B 308 -4.43 -41.06 4.10
N SER B 309 -4.65 -42.38 4.14
CA SER B 309 -3.67 -43.36 4.60
C SER B 309 -2.31 -43.22 3.91
N GLU B 310 -2.31 -43.00 2.57
CA GLU B 310 -1.09 -42.81 1.77
C GLU B 310 -0.40 -41.50 2.11
N GLU B 311 -1.16 -40.40 2.33
CA GLU B 311 -0.64 -39.08 2.71
C GLU B 311 0.00 -39.16 4.10
N GLU B 312 -0.69 -39.79 5.07
CA GLU B 312 -0.24 -39.99 6.44
C GLU B 312 1.03 -40.86 6.49
N ALA B 313 1.12 -41.89 5.61
CA ALA B 313 2.29 -42.79 5.50
C ALA B 313 3.47 -42.04 4.90
N ARG B 314 3.21 -41.12 3.95
CA ARG B 314 4.21 -40.29 3.28
C ARG B 314 4.87 -39.35 4.27
N LEU B 315 4.06 -38.75 5.15
CA LEU B 315 4.48 -37.84 6.21
C LEU B 315 5.31 -38.57 7.27
N LYS B 316 4.88 -39.78 7.70
CA LYS B 316 5.64 -40.52 8.71
C LYS B 316 6.96 -41.08 8.12
N LYS B 317 7.03 -41.26 6.79
CA LYS B 317 8.25 -41.69 6.12
C LYS B 317 9.29 -40.56 6.14
N SER B 318 8.85 -39.32 5.82
CA SER B 318 9.68 -38.11 5.84
C SER B 318 10.19 -37.84 7.26
N ALA B 319 9.33 -38.05 8.27
CA ALA B 319 9.67 -37.87 9.69
C ALA B 319 10.69 -38.91 10.14
N ASP B 320 10.64 -40.12 9.57
CA ASP B 320 11.61 -41.19 9.86
C ASP B 320 12.91 -40.91 9.12
N THR B 321 12.82 -40.34 7.90
CA THR B 321 13.95 -39.98 7.04
C THR B 321 14.77 -38.85 7.66
N LEU B 322 14.09 -37.74 8.07
CA LEU B 322 14.72 -36.57 8.69
C LEU B 322 15.40 -36.92 10.02
N TRP B 323 14.77 -37.79 10.83
CA TRP B 323 15.33 -38.21 12.11
C TRP B 323 16.63 -39.02 11.95
N GLY B 324 16.73 -39.76 10.82
CA GLY B 324 17.89 -40.56 10.46
C GLY B 324 19.16 -39.74 10.34
N ILE B 325 19.01 -38.48 9.87
CA ILE B 325 20.09 -37.49 9.74
C ILE B 325 20.26 -36.80 11.10
N GLN B 326 19.13 -36.33 11.70
CA GLN B 326 19.05 -35.59 12.96
C GLN B 326 19.70 -36.29 14.16
N LYS B 327 19.55 -37.62 14.30
CA LYS B 327 20.15 -38.37 15.40
C LYS B 327 21.67 -38.44 15.29
N GLU B 328 22.19 -38.41 14.05
CA GLU B 328 23.60 -38.47 13.69
C GLU B 328 24.30 -37.10 13.76
N LEU B 329 23.57 -36.03 14.13
CA LEU B 329 24.09 -34.67 14.22
C LEU B 329 24.89 -34.42 15.49
N GLN B 330 25.98 -33.62 15.36
CA GLN B 330 26.87 -33.28 16.47
C GLN B 330 26.84 -31.77 16.73
N PHE B 331 26.24 -31.36 17.86
CA PHE B 331 26.11 -29.96 18.25
C PHE B 331 26.04 -29.78 19.77
N ALA C 1 -15.67 -33.59 21.65
CA ALA C 1 -14.94 -32.34 21.43
C ALA C 1 -15.64 -31.42 20.43
N THR C 2 -15.57 -30.09 20.67
CA THR C 2 -16.16 -29.05 19.81
C THR C 2 -15.44 -28.99 18.46
N LEU C 3 -16.08 -28.39 17.46
CA LEU C 3 -15.53 -28.22 16.11
C LEU C 3 -14.22 -27.44 16.14
N LYS C 4 -14.12 -26.39 16.99
CA LYS C 4 -12.91 -25.59 17.17
C LYS C 4 -11.77 -26.48 17.68
N ASP C 5 -12.08 -27.42 18.62
CA ASP C 5 -11.12 -28.37 19.19
C ASP C 5 -10.74 -29.45 18.19
N GLN C 6 -11.69 -29.84 17.33
CA GLN C 6 -11.53 -30.85 16.28
C GLN C 6 -10.65 -30.33 15.14
N LEU C 7 -10.90 -29.08 14.72
CA LEU C 7 -10.20 -28.42 13.63
C LEU C 7 -8.85 -27.81 14.04
N ILE C 8 -8.84 -27.04 15.14
CA ILE C 8 -7.64 -26.33 15.60
C ILE C 8 -7.06 -26.88 16.91
N TYR C 9 -5.75 -27.20 16.90
CA TYR C 9 -5.01 -27.63 18.08
C TYR C 9 -4.20 -26.43 18.60
N ASN C 10 -4.53 -25.97 19.82
CA ASN C 10 -3.90 -24.82 20.45
C ASN C 10 -2.57 -25.15 21.13
N LEU C 11 -1.55 -24.30 20.89
CA LEU C 11 -0.22 -24.42 21.49
C LEU C 11 -0.13 -23.58 22.76
N LEU C 12 -0.68 -22.35 22.70
CA LEU C 12 -0.75 -21.40 23.81
C LEU C 12 -1.94 -20.46 23.68
N LYS C 13 -2.48 -20.02 24.82
CA LYS C 13 -3.59 -19.07 24.90
C LYS C 13 -3.12 -17.83 25.68
N GLU C 14 -1.81 -17.49 25.56
CA GLU C 14 -1.20 -16.35 26.24
C GLU C 14 -1.66 -15.00 25.68
N GLU C 15 -2.61 -14.36 26.38
CA GLU C 15 -3.17 -13.05 26.02
C GLU C 15 -2.10 -11.98 26.21
N GLN C 16 -1.52 -11.51 25.09
CA GLN C 16 -0.48 -10.47 25.10
C GLN C 16 -1.11 -9.08 25.03
N THR C 17 -0.29 -8.04 25.25
CA THR C 17 -0.74 -6.64 25.18
C THR C 17 -0.59 -6.12 23.72
N PRO C 18 -1.60 -5.38 23.18
CA PRO C 18 -1.47 -4.87 21.79
C PRO C 18 -0.29 -3.90 21.66
N GLN C 19 0.64 -4.21 20.74
CA GLN C 19 1.87 -3.44 20.54
C GLN C 19 1.67 -2.10 19.82
N ASN C 20 0.63 -1.98 18.98
CA ASN C 20 0.35 -0.79 18.20
C ASN C 20 -1.14 -0.42 18.26
N LYS C 21 -1.60 -0.02 19.45
CA LYS C 21 -3.01 0.32 19.67
C LYS C 21 -3.29 1.81 19.47
N ILE C 22 -4.44 2.14 18.85
CA ILE C 22 -4.89 3.51 18.63
C ILE C 22 -6.33 3.65 19.14
N THR C 23 -6.57 4.67 19.97
CA THR C 23 -7.89 5.00 20.53
C THR C 23 -8.42 6.25 19.86
N VAL C 24 -9.70 6.24 19.48
CA VAL C 24 -10.35 7.41 18.91
C VAL C 24 -11.51 7.79 19.85
N VAL C 25 -11.37 8.93 20.52
CA VAL C 25 -12.39 9.46 21.44
C VAL C 25 -13.23 10.44 20.63
N GLY C 26 -14.49 10.07 20.42
CA GLY C 26 -15.42 10.83 19.60
C GLY C 26 -15.66 10.04 18.33
N VAL C 27 -16.91 9.64 18.12
CA VAL C 27 -17.33 8.78 17.03
C VAL C 27 -18.17 9.60 16.01
N GLY C 28 -17.87 10.90 15.93
CA GLY C 28 -18.54 11.83 15.03
C GLY C 28 -18.08 11.66 13.60
N ALA C 29 -18.40 12.64 12.75
CA ALA C 29 -18.01 12.63 11.33
C ALA C 29 -16.49 12.58 11.18
N VAL C 30 -15.76 13.38 12.00
CA VAL C 30 -14.30 13.48 12.05
C VAL C 30 -13.69 12.19 12.57
N GLY C 31 -14.15 11.74 13.74
CA GLY C 31 -13.69 10.53 14.39
C GLY C 31 -13.70 9.31 13.50
N MET C 32 -14.86 9.08 12.84
CA MET C 32 -15.02 7.95 11.92
C MET C 32 -14.13 8.02 10.71
N ALA C 33 -13.93 9.24 10.17
CA ALA C 33 -13.06 9.50 9.03
C ALA C 33 -11.60 9.21 9.38
N CYS C 34 -11.21 9.52 10.63
CA CYS C 34 -9.87 9.24 11.15
C CYS C 34 -9.70 7.74 11.28
N ALA C 35 -10.70 7.06 11.89
CA ALA C 35 -10.74 5.61 12.10
C ALA C 35 -10.51 4.82 10.81
N ILE C 36 -11.32 5.07 9.76
CA ILE C 36 -11.22 4.39 8.46
C ILE C 36 -9.90 4.73 7.75
N SER C 37 -9.36 5.97 7.91
CA SER C 37 -8.09 6.37 7.32
C SER C 37 -6.92 5.59 7.94
N ILE C 38 -6.98 5.36 9.27
CA ILE C 38 -5.98 4.60 10.02
C ILE C 38 -6.02 3.12 9.63
N LEU C 39 -7.23 2.52 9.63
CA LEU C 39 -7.43 1.11 9.30
C LEU C 39 -6.95 0.76 7.90
N MET C 40 -7.23 1.65 6.92
CA MET C 40 -6.84 1.46 5.52
C MET C 40 -5.34 1.66 5.28
N LYS C 41 -4.67 2.44 6.14
CA LYS C 41 -3.22 2.67 6.08
C LYS C 41 -2.44 1.60 6.87
N ASP C 42 -3.17 0.69 7.57
CA ASP C 42 -2.66 -0.42 8.39
C ASP C 42 -1.68 0.04 9.47
N LEU C 43 -2.08 1.07 10.22
CA LEU C 43 -1.25 1.69 11.27
C LEU C 43 -1.44 1.07 12.65
N ALA C 44 -2.55 0.34 12.86
CA ALA C 44 -2.83 -0.24 14.17
C ALA C 44 -3.22 -1.71 14.13
N ASP C 45 -2.83 -2.47 15.17
CA ASP C 45 -3.19 -3.87 15.34
C ASP C 45 -4.52 -3.96 16.10
N GLU C 46 -4.79 -2.93 16.92
CA GLU C 46 -6.02 -2.80 17.69
C GLU C 46 -6.51 -1.37 17.61
N LEU C 47 -7.82 -1.19 17.38
CA LEU C 47 -8.44 0.12 17.31
C LEU C 47 -9.55 0.19 18.34
N ALA C 48 -9.44 1.14 19.27
CA ALA C 48 -10.44 1.34 20.32
C ALA C 48 -11.28 2.58 20.00
N LEU C 49 -12.60 2.47 20.14
CA LEU C 49 -13.48 3.59 19.88
C LEU C 49 -14.31 3.93 21.09
N VAL C 50 -14.31 5.21 21.49
CA VAL C 50 -15.02 5.70 22.68
C VAL C 50 -15.91 6.88 22.33
N ASP C 51 -17.12 6.92 22.92
CA ASP C 51 -18.12 7.98 22.74
C ASP C 51 -19.15 7.93 23.86
N VAL C 52 -19.88 9.03 24.07
CA VAL C 52 -20.94 9.13 25.08
C VAL C 52 -22.23 8.44 24.59
N ILE C 53 -22.53 8.57 23.27
CA ILE C 53 -23.70 7.98 22.61
C ILE C 53 -23.41 6.48 22.39
N GLU C 54 -24.02 5.62 23.24
CA GLU C 54 -23.85 4.17 23.23
C GLU C 54 -24.34 3.45 21.96
N ASP C 55 -25.50 3.87 21.41
CA ASP C 55 -26.11 3.28 20.22
C ASP C 55 -25.27 3.43 18.97
N LYS C 56 -24.93 4.69 18.60
CA LYS C 56 -24.11 5.04 17.43
C LYS C 56 -22.74 4.34 17.50
N LEU C 57 -22.12 4.31 18.70
CA LEU C 57 -20.82 3.70 19.00
C LEU C 57 -20.81 2.20 18.67
N LYS C 58 -21.87 1.45 19.05
CA LYS C 58 -21.96 0.02 18.77
C LYS C 58 -22.17 -0.23 17.28
N GLY C 59 -23.00 0.61 16.64
CA GLY C 59 -23.29 0.54 15.22
C GLY C 59 -22.07 0.79 14.36
N GLU C 60 -21.26 1.81 14.73
CA GLU C 60 -20.03 2.16 14.01
C GLU C 60 -18.97 1.09 14.16
N MET C 61 -18.83 0.52 15.38
CA MET C 61 -17.87 -0.55 15.69
C MET C 61 -18.20 -1.79 14.86
N MET C 62 -19.49 -2.15 14.77
CA MET C 62 -19.99 -3.30 14.01
C MET C 62 -19.77 -3.15 12.51
N ASP C 63 -20.03 -1.94 11.96
CA ASP C 63 -19.84 -1.62 10.53
C ASP C 63 -18.38 -1.80 10.11
N LEU C 64 -17.43 -1.40 10.99
CA LEU C 64 -16.01 -1.55 10.73
C LEU C 64 -15.61 -3.01 10.84
N GLN C 65 -16.16 -3.71 11.86
CA GLN C 65 -15.92 -5.13 12.16
C GLN C 65 -16.34 -6.02 11.00
N HIS C 66 -17.45 -5.67 10.31
CA HIS C 66 -17.95 -6.45 9.17
C HIS C 66 -17.01 -6.38 7.96
N GLY C 67 -16.29 -5.26 7.83
CA GLY C 67 -15.32 -5.04 6.77
C GLY C 67 -13.92 -5.50 7.08
N SER C 68 -13.74 -6.28 8.18
CA SER C 68 -12.46 -6.83 8.65
C SER C 68 -11.74 -7.74 7.67
N LEU C 69 -12.49 -8.33 6.70
CA LEU C 69 -11.96 -9.22 5.67
C LEU C 69 -11.06 -8.43 4.71
N PHE C 70 -11.37 -7.13 4.52
CA PHE C 70 -10.66 -6.21 3.64
C PHE C 70 -9.68 -5.28 4.39
N LEU C 71 -9.48 -5.53 5.70
CA LEU C 71 -8.59 -4.74 6.56
C LEU C 71 -7.53 -5.61 7.22
N ARG C 72 -6.37 -5.02 7.55
CA ARG C 72 -5.26 -5.73 8.21
C ARG C 72 -5.21 -5.40 9.72
N THR C 73 -6.39 -5.15 10.33
CA THR C 73 -6.53 -4.82 11.75
C THR C 73 -7.36 -5.92 12.43
N PRO C 74 -6.71 -6.86 13.16
CA PRO C 74 -7.44 -7.96 13.78
C PRO C 74 -8.47 -7.60 14.85
N LYS C 75 -8.22 -6.53 15.63
CA LYS C 75 -9.11 -6.15 16.72
C LYS C 75 -9.66 -4.75 16.62
N ILE C 76 -10.99 -4.63 16.72
CA ILE C 76 -11.75 -3.37 16.72
C ILE C 76 -12.70 -3.44 17.91
N VAL C 77 -12.45 -2.61 18.93
CA VAL C 77 -13.22 -2.58 20.18
C VAL C 77 -13.89 -1.23 20.42
N SER C 78 -14.95 -1.22 21.24
CA SER C 78 -15.68 0.00 21.62
C SER C 78 -16.29 -0.13 23.00
N GLY C 79 -16.71 1.01 23.55
CA GLY C 79 -17.33 1.06 24.87
C GLY C 79 -17.33 2.44 25.49
N LYS C 80 -18.25 2.65 26.44
CA LYS C 80 -18.40 3.88 27.21
C LYS C 80 -17.26 3.95 28.25
N ASP C 81 -16.85 2.78 28.78
CA ASP C 81 -15.75 2.63 29.75
C ASP C 81 -14.40 2.71 29.02
N TYR C 82 -13.43 3.42 29.62
CA TYR C 82 -12.10 3.63 29.03
C TYR C 82 -11.14 2.45 29.26
N ASN C 83 -11.63 1.35 29.89
CA ASN C 83 -10.82 0.15 30.10
C ASN C 83 -10.48 -0.50 28.76
N VAL C 84 -11.28 -0.19 27.72
CA VAL C 84 -11.10 -0.65 26.34
C VAL C 84 -9.91 0.07 25.67
N THR C 85 -9.53 1.26 26.19
CA THR C 85 -8.44 2.11 25.69
C THR C 85 -7.06 1.75 26.26
N ALA C 86 -7.02 0.82 27.24
CA ALA C 86 -5.81 0.38 27.93
C ALA C 86 -4.64 0.03 27.00
N ASN C 87 -3.45 0.55 27.34
CA ASN C 87 -2.16 0.38 26.67
C ASN C 87 -2.16 0.87 25.20
N SER C 88 -2.67 2.10 24.99
CA SER C 88 -2.71 2.77 23.68
C SER C 88 -1.37 3.42 23.35
N LYS C 89 -0.98 3.41 22.07
CA LYS C 89 0.24 4.06 21.59
C LYS C 89 -0.10 5.51 21.23
N LEU C 90 -1.34 5.76 20.80
CA LEU C 90 -1.83 7.06 20.38
C LEU C 90 -3.32 7.19 20.66
N VAL C 91 -3.72 8.34 21.22
CA VAL C 91 -5.12 8.62 21.52
C VAL C 91 -5.52 9.88 20.76
N ILE C 92 -6.48 9.75 19.83
CA ILE C 92 -6.99 10.86 19.03
C ILE C 92 -8.31 11.35 19.60
N ILE C 93 -8.33 12.59 20.11
CA ILE C 93 -9.53 13.19 20.68
C ILE C 93 -10.20 14.10 19.66
N THR C 94 -11.36 13.66 19.18
CA THR C 94 -12.21 14.36 18.20
C THR C 94 -13.54 14.73 18.87
N ALA C 95 -13.64 14.49 20.19
CA ALA C 95 -14.86 14.76 20.95
C ALA C 95 -15.07 16.25 21.15
N GLY C 96 -16.26 16.73 20.79
CA GLY C 96 -16.61 18.13 20.94
C GLY C 96 -18.10 18.39 21.05
N ALA C 97 -18.44 19.67 21.28
CA ALA C 97 -19.80 20.20 21.37
C ALA C 97 -20.07 21.06 20.13
N ARG C 98 -21.37 21.27 19.81
CA ARG C 98 -21.79 22.05 18.63
C ARG C 98 -22.32 23.43 19.05
N GLN C 99 -21.63 24.51 18.61
CA GLN C 99 -21.95 25.90 18.92
C GLN C 99 -23.31 26.31 18.35
N GLN C 100 -24.10 27.05 19.16
CA GLN C 100 -25.45 27.52 18.81
C GLN C 100 -25.43 29.01 18.38
N GLU C 101 -26.54 29.48 17.76
CA GLU C 101 -26.69 30.85 17.28
C GLU C 101 -26.73 31.91 18.40
N GLY C 102 -27.12 31.49 19.60
CA GLY C 102 -27.15 32.34 20.80
C GLY C 102 -26.12 31.92 21.82
N GLU C 103 -24.89 31.56 21.35
CA GLU C 103 -23.80 31.09 22.19
C GLU C 103 -22.50 31.87 22.00
N SER C 104 -21.85 32.21 23.13
CA SER C 104 -20.57 32.91 23.21
C SER C 104 -19.42 31.94 22.92
N ARG C 105 -18.29 32.47 22.39
CA ARG C 105 -17.07 31.69 22.09
C ARG C 105 -16.47 31.13 23.38
N LEU C 106 -16.34 31.96 24.44
CA LEU C 106 -15.81 31.58 25.75
C LEU C 106 -16.64 30.45 26.39
N ASN C 107 -17.97 30.50 26.18
CA ASN C 107 -18.91 29.48 26.68
C ASN C 107 -18.61 28.15 26.01
N LEU C 108 -18.45 28.17 24.67
CA LEU C 108 -18.13 27.00 23.82
C LEU C 108 -16.82 26.35 24.28
N VAL C 109 -15.78 27.18 24.53
CA VAL C 109 -14.47 26.73 25.01
C VAL C 109 -14.65 26.01 26.35
N GLN C 110 -15.43 26.61 27.29
CA GLN C 110 -15.73 26.05 28.62
C GLN C 110 -16.46 24.72 28.51
N ARG C 111 -17.44 24.62 27.59
CA ARG C 111 -18.23 23.40 27.32
C ARG C 111 -17.28 22.28 26.90
N ASN C 112 -16.32 22.60 26.00
CA ASN C 112 -15.31 21.65 25.51
C ASN C 112 -14.26 21.34 26.56
N VAL C 113 -14.04 22.26 27.52
CA VAL C 113 -13.11 22.06 28.65
C VAL C 113 -13.79 21.06 29.63
N ASN C 114 -15.12 21.18 29.82
CA ASN C 114 -15.90 20.29 30.70
C ASN C 114 -15.91 18.87 30.17
N ILE C 115 -15.94 18.71 28.82
CA ILE C 115 -15.89 17.45 28.08
C ILE C 115 -14.49 16.84 28.28
N PHE C 116 -13.44 17.68 28.17
CA PHE C 116 -12.04 17.31 28.34
C PHE C 116 -11.67 16.97 29.79
N LYS C 117 -12.38 17.55 30.78
CA LYS C 117 -12.17 17.32 32.21
C LYS C 117 -12.57 15.89 32.60
N PHE C 118 -13.30 15.20 31.72
CA PHE C 118 -13.77 13.83 31.88
C PHE C 118 -12.92 12.84 31.05
N ILE C 119 -12.53 13.24 29.83
CA ILE C 119 -11.79 12.41 28.89
C ILE C 119 -10.32 12.22 29.29
N ILE C 120 -9.56 13.34 29.38
CA ILE C 120 -8.14 13.39 29.65
C ILE C 120 -7.76 12.59 30.94
N PRO C 121 -8.43 12.72 32.12
CA PRO C 121 -8.02 11.89 33.27
C PRO C 121 -8.28 10.41 33.06
N ASN C 122 -9.37 10.08 32.34
CA ASN C 122 -9.76 8.69 32.02
C ASN C 122 -8.80 8.02 31.03
N VAL C 123 -8.25 8.78 30.06
CA VAL C 123 -7.30 8.25 29.08
C VAL C 123 -5.93 7.98 29.72
N VAL C 124 -5.40 8.94 30.52
CA VAL C 124 -4.10 8.82 31.22
C VAL C 124 -4.12 7.65 32.23
N LYS C 125 -5.30 7.35 32.81
CA LYS C 125 -5.55 6.28 33.77
C LYS C 125 -5.19 4.89 33.19
N TYR C 126 -5.55 4.64 31.91
CA TYR C 126 -5.31 3.37 31.23
C TYR C 126 -4.12 3.40 30.27
N SER C 127 -3.81 4.59 29.70
CA SER C 127 -2.69 4.79 28.78
C SER C 127 -1.82 5.98 29.25
N PRO C 128 -0.95 5.77 30.27
CA PRO C 128 -0.13 6.90 30.75
C PRO C 128 1.09 7.23 29.89
N ASN C 129 1.48 6.33 28.97
CA ASN C 129 2.66 6.53 28.11
C ASN C 129 2.28 6.82 26.64
N CYS C 130 1.00 7.17 26.40
CA CYS C 130 0.49 7.47 25.08
C CYS C 130 0.86 8.90 24.64
N LYS C 131 0.55 9.22 23.37
CA LYS C 131 0.74 10.54 22.77
C LYS C 131 -0.68 11.03 22.48
N LEU C 132 -1.01 12.23 22.96
CA LEU C 132 -2.32 12.83 22.76
C LEU C 132 -2.37 13.66 21.46
N LEU C 133 -3.31 13.30 20.54
CA LEU C 133 -3.50 14.03 19.30
C LEU C 133 -4.88 14.70 19.33
N ILE C 134 -4.88 16.03 19.57
CA ILE C 134 -6.10 16.84 19.71
C ILE C 134 -6.58 17.35 18.36
N VAL C 135 -7.87 17.12 18.06
CA VAL C 135 -8.49 17.57 16.80
C VAL C 135 -9.58 18.62 17.11
N SER C 136 -10.35 18.41 18.20
CA SER C 136 -11.44 19.27 18.71
C SER C 136 -11.12 20.77 18.63
N ASN C 137 -12.13 21.63 18.30
CA ASN C 137 -11.92 23.07 18.23
C ASN C 137 -12.38 23.88 19.47
N PRO C 138 -11.67 24.97 19.88
CA PRO C 138 -10.41 25.53 19.33
C PRO C 138 -9.21 24.66 19.68
N VAL C 139 -8.58 24.04 18.65
CA VAL C 139 -7.44 23.11 18.80
C VAL C 139 -6.33 23.71 19.66
N ASP C 140 -5.90 24.93 19.33
CA ASP C 140 -4.81 25.62 20.02
C ASP C 140 -5.08 25.79 21.53
N ILE C 141 -6.34 26.05 21.94
CA ILE C 141 -6.74 26.19 23.35
C ILE C 141 -6.91 24.81 24.01
N LEU C 142 -7.58 23.89 23.31
CA LEU C 142 -7.85 22.54 23.81
C LEU C 142 -6.60 21.65 23.95
N THR C 143 -5.55 21.92 23.17
CA THR C 143 -4.28 21.18 23.29
C THR C 143 -3.63 21.62 24.61
N TYR C 144 -3.75 22.92 24.98
CA TYR C 144 -3.27 23.47 26.25
C TYR C 144 -4.04 22.89 27.44
N VAL C 145 -5.38 22.75 27.30
CA VAL C 145 -6.28 22.17 28.32
C VAL C 145 -5.87 20.71 28.55
N ALA C 146 -5.60 19.97 27.46
CA ALA C 146 -5.16 18.57 27.50
C ALA C 146 -3.82 18.45 28.21
N TRP C 147 -2.88 19.35 27.88
CA TRP C 147 -1.54 19.40 28.46
C TRP C 147 -1.56 19.68 29.98
N LYS C 148 -2.48 20.56 30.43
CA LYS C 148 -2.62 20.95 31.84
C LYS C 148 -3.25 19.83 32.71
N ILE C 149 -4.34 19.20 32.21
CA ILE C 149 -5.03 18.11 32.94
C ILE C 149 -4.17 16.83 32.99
N SER C 150 -3.61 16.40 31.84
CA SER C 150 -2.78 15.19 31.74
C SER C 150 -1.51 15.26 32.59
N GLY C 151 -0.88 16.44 32.61
CA GLY C 151 0.39 16.64 33.29
C GLY C 151 1.53 16.00 32.52
N PHE C 152 1.25 15.64 31.25
CA PHE C 152 2.16 15.02 30.30
C PHE C 152 3.19 16.04 29.82
N PRO C 153 4.42 15.61 29.46
CA PRO C 153 5.39 16.59 28.93
C PRO C 153 4.93 17.15 27.58
N LYS C 154 5.25 18.43 27.29
CA LYS C 154 4.83 19.16 26.08
C LYS C 154 4.93 18.37 24.75
N ASN C 155 5.94 17.49 24.62
CA ASN C 155 6.16 16.65 23.43
C ASN C 155 5.05 15.60 23.20
N ARG C 156 4.50 15.04 24.29
CA ARG C 156 3.45 14.02 24.22
C ARG C 156 2.05 14.60 24.01
N VAL C 157 1.92 15.94 24.02
CA VAL C 157 0.63 16.61 23.77
C VAL C 157 0.72 17.37 22.44
N ILE C 158 0.24 16.72 21.37
CA ILE C 158 0.27 17.23 19.99
C ILE C 158 -1.14 17.68 19.60
N GLY C 159 -1.23 18.81 18.91
CA GLY C 159 -2.48 19.35 18.42
C GLY C 159 -2.48 19.42 16.92
N SER C 160 -3.60 19.02 16.27
CA SER C 160 -3.77 19.02 14.82
C SER C 160 -3.26 20.31 14.17
N GLY C 161 -3.64 21.45 14.76
CA GLY C 161 -3.22 22.78 14.34
C GLY C 161 -3.46 23.14 12.90
N CYS C 162 -2.41 23.65 12.24
CA CYS C 162 -2.45 24.07 10.84
C CYS C 162 -2.05 22.96 9.85
N ASN C 163 -2.34 21.69 10.17
CA ASN C 163 -2.04 20.57 9.27
C ASN C 163 -3.03 20.54 8.10
N LEU C 164 -4.30 20.88 8.38
CA LEU C 164 -5.40 20.95 7.41
C LEU C 164 -5.31 22.23 6.58
N ASP C 165 -4.96 23.37 7.21
CA ASP C 165 -4.80 24.68 6.57
C ASP C 165 -3.74 24.56 5.48
N SER C 166 -2.59 23.94 5.83
CA SER C 166 -1.47 23.71 4.91
C SER C 166 -1.87 22.78 3.77
N ALA C 167 -2.58 21.68 4.09
CA ALA C 167 -3.07 20.69 3.12
C ALA C 167 -3.99 21.34 2.07
N ARG C 168 -4.91 22.23 2.52
CA ARG C 168 -5.84 22.97 1.68
C ARG C 168 -5.08 24.00 0.82
N PHE C 169 -4.08 24.67 1.44
CA PHE C 169 -3.24 25.68 0.79
C PHE C 169 -2.40 25.06 -0.33
N ARG C 170 -1.80 23.89 -0.06
CA ARG C 170 -0.97 23.17 -1.05
C ARG C 170 -1.81 22.65 -2.22
N TYR C 171 -3.12 22.40 -1.97
CA TYR C 171 -4.05 21.96 -3.01
C TYR C 171 -4.37 23.13 -3.96
N LEU C 172 -4.68 24.32 -3.40
CA LEU C 172 -5.02 25.52 -4.16
C LEU C 172 -3.81 26.09 -4.88
N MET C 173 -2.61 25.92 -4.30
CA MET C 173 -1.34 26.32 -4.90
C MET C 173 -1.09 25.36 -6.07
N GLY C 174 -1.40 24.08 -5.84
CA GLY C 174 -1.28 23.01 -6.82
C GLY C 174 -2.15 23.18 -8.06
N GLU C 175 -3.44 23.53 -7.86
CA GLU C 175 -4.41 23.74 -8.95
C GLU C 175 -4.08 24.98 -9.78
N ARG C 176 -3.48 26.01 -9.16
CA ARG C 176 -3.08 27.24 -9.83
C ARG C 176 -1.85 27.01 -10.72
N LEU C 177 -0.82 26.33 -10.18
CA LEU C 177 0.42 26.04 -10.90
C LEU C 177 0.36 24.78 -11.79
N GLY C 178 -0.70 23.98 -11.63
CA GLY C 178 -0.91 22.75 -12.41
C GLY C 178 0.13 21.69 -12.09
N VAL C 179 0.44 21.53 -10.80
CA VAL C 179 1.43 20.60 -10.26
C VAL C 179 0.77 19.91 -9.04
N HIS C 180 1.16 18.66 -8.73
CA HIS C 180 0.62 17.90 -7.59
C HIS C 180 0.92 18.61 -6.24
N PRO C 181 -0.06 18.66 -5.28
CA PRO C 181 0.21 19.33 -3.99
C PRO C 181 1.44 18.86 -3.23
N LEU C 182 1.93 17.62 -3.53
CA LEU C 182 3.13 17.04 -2.92
C LEU C 182 4.38 17.77 -3.38
N SER C 183 4.34 18.31 -4.61
CA SER C 183 5.43 19.08 -5.22
C SER C 183 5.29 20.59 -4.96
N CYS C 184 4.14 20.99 -4.40
CA CYS C 184 3.81 22.36 -4.04
C CYS C 184 4.03 22.56 -2.55
N HIS C 185 5.22 23.05 -2.18
CA HIS C 185 5.58 23.26 -0.77
C HIS C 185 5.14 24.62 -0.27
N GLY C 186 4.29 24.59 0.74
CA GLY C 186 3.73 25.78 1.37
C GLY C 186 3.41 25.52 2.82
N TRP C 187 3.71 26.50 3.68
CA TRP C 187 3.49 26.39 5.12
C TRP C 187 2.59 27.47 5.68
N VAL C 188 1.53 27.07 6.36
CA VAL C 188 0.60 27.96 7.05
C VAL C 188 0.85 27.68 8.55
N LEU C 189 1.18 28.73 9.31
CA LEU C 189 1.50 28.57 10.73
C LEU C 189 0.62 29.39 11.68
N GLY C 190 0.91 29.29 12.97
CA GLY C 190 0.22 30.01 14.02
C GLY C 190 -1.09 29.37 14.46
N GLU C 191 -2.09 30.23 14.73
CA GLU C 191 -3.43 29.86 15.18
C GLU C 191 -4.23 29.25 14.03
N HIS C 192 -4.76 28.04 14.25
CA HIS C 192 -5.56 27.30 13.27
C HIS C 192 -6.87 28.02 12.99
N GLY C 193 -7.20 28.17 11.71
CA GLY C 193 -8.44 28.82 11.27
C GLY C 193 -8.23 30.12 10.52
N ASP C 194 -9.04 31.13 10.87
CA ASP C 194 -9.04 32.48 10.26
C ASP C 194 -7.73 33.23 10.47
N SER C 195 -7.18 33.17 11.71
CA SER C 195 -5.95 33.85 12.13
C SER C 195 -4.63 33.15 11.70
N SER C 196 -4.72 32.13 10.82
CA SER C 196 -3.57 31.38 10.31
C SER C 196 -2.65 32.25 9.46
N VAL C 197 -1.33 32.09 9.65
CA VAL C 197 -0.31 32.91 8.98
C VAL C 197 0.41 32.16 7.84
N PRO C 198 0.20 32.54 6.57
CA PRO C 198 0.93 31.87 5.49
C PRO C 198 2.35 32.40 5.35
N VAL C 199 3.34 31.49 5.36
CA VAL C 199 4.76 31.84 5.25
C VAL C 199 5.17 31.85 3.76
N TRP C 200 5.07 33.05 3.16
CA TRP C 200 5.33 33.31 1.74
C TRP C 200 6.78 33.05 1.31
N SER C 201 7.74 33.20 2.24
CA SER C 201 9.16 32.95 1.98
C SER C 201 9.41 31.46 1.76
N GLY C 202 8.70 30.63 2.52
CA GLY C 202 8.80 29.18 2.46
C GLY C 202 8.15 28.56 1.23
N MET C 203 7.18 29.27 0.64
CA MET C 203 6.40 28.88 -0.54
C MET C 203 7.29 28.64 -1.77
N ASN C 204 7.46 27.35 -2.16
CA ASN C 204 8.33 26.92 -3.27
C ASN C 204 7.81 25.71 -4.03
N VAL C 205 8.41 25.49 -5.21
CA VAL C 205 8.20 24.36 -6.12
C VAL C 205 9.61 24.04 -6.61
N ALA C 206 10.08 22.81 -6.38
CA ALA C 206 11.39 22.31 -6.76
C ALA C 206 12.57 23.10 -6.16
N GLY C 207 12.34 23.65 -4.97
CA GLY C 207 13.34 24.42 -4.23
C GLY C 207 13.40 25.90 -4.59
N VAL C 208 12.85 26.26 -5.75
CA VAL C 208 12.83 27.64 -6.24
C VAL C 208 11.74 28.43 -5.51
N SER C 209 12.17 29.45 -4.73
CA SER C 209 11.31 30.32 -3.93
C SER C 209 10.42 31.20 -4.79
N LEU C 210 9.10 31.14 -4.54
CA LEU C 210 8.10 31.93 -5.27
C LEU C 210 8.15 33.41 -4.89
N LYS C 211 8.64 33.75 -3.68
CA LYS C 211 8.82 35.13 -3.21
C LYS C 211 10.04 35.76 -3.90
N THR C 212 11.04 34.93 -4.27
CA THR C 212 12.26 35.38 -4.95
C THR C 212 11.92 35.85 -6.37
N LEU C 213 11.21 35.00 -7.16
CA LEU C 213 10.79 35.30 -8.53
C LEU C 213 9.76 36.43 -8.55
N HIS C 214 8.82 36.42 -7.59
CA HIS C 214 7.74 37.38 -7.47
C HIS C 214 7.80 38.06 -6.08
N PRO C 215 8.47 39.22 -5.93
CA PRO C 215 8.57 39.87 -4.60
C PRO C 215 7.25 40.37 -4.04
N ASP C 216 6.27 40.64 -4.90
CA ASP C 216 4.95 41.10 -4.48
C ASP C 216 4.05 39.95 -3.95
N LEU C 217 4.60 38.72 -3.83
CA LEU C 217 3.91 37.52 -3.34
C LEU C 217 3.35 37.71 -1.92
N GLY C 218 2.04 37.57 -1.78
CA GLY C 218 1.33 37.70 -0.52
C GLY C 218 1.11 39.14 -0.06
N THR C 219 1.55 40.11 -0.87
CA THR C 219 1.42 41.52 -0.58
C THR C 219 0.07 42.02 -1.13
N ASP C 220 -0.48 43.07 -0.49
CA ASP C 220 -1.74 43.70 -0.85
C ASP C 220 -1.71 44.37 -2.23
N LYS C 221 -0.51 44.68 -2.75
CA LYS C 221 -0.31 45.31 -4.06
C LYS C 221 0.18 44.31 -5.14
N ASP C 222 -0.19 43.02 -5.00
CA ASP C 222 0.17 41.96 -5.96
C ASP C 222 -0.73 42.06 -7.19
N LYS C 223 -0.13 41.93 -8.39
CA LYS C 223 -0.88 41.96 -9.66
C LYS C 223 -1.69 40.68 -9.83
N GLU C 224 -1.04 39.50 -9.60
CA GLU C 224 -1.63 38.17 -9.69
C GLU C 224 -2.54 37.83 -8.50
N GLN C 225 -2.36 38.56 -7.37
CA GLN C 225 -3.10 38.41 -6.12
C GLN C 225 -2.99 36.98 -5.55
N TRP C 226 -1.78 36.59 -5.12
CA TRP C 226 -1.52 35.28 -4.53
C TRP C 226 -2.05 35.18 -3.09
N LYS C 227 -2.53 36.32 -2.54
CA LYS C 227 -3.18 36.45 -1.24
C LYS C 227 -4.51 35.69 -1.31
N GLU C 228 -5.17 35.70 -2.50
CA GLU C 228 -6.42 35.01 -2.82
C GLU C 228 -6.36 33.52 -2.49
N VAL C 229 -5.17 32.89 -2.62
CA VAL C 229 -4.92 31.47 -2.31
C VAL C 229 -5.29 31.18 -0.85
N HIS C 230 -4.68 31.90 0.10
CA HIS C 230 -4.93 31.74 1.54
C HIS C 230 -6.35 32.18 1.90
N LYS C 231 -6.87 33.20 1.19
CA LYS C 231 -8.22 33.73 1.35
C LYS C 231 -9.23 32.63 1.01
N GLN C 232 -8.97 31.88 -0.10
CA GLN C 232 -9.80 30.76 -0.58
C GLN C 232 -9.76 29.56 0.36
N VAL C 233 -8.67 29.38 1.14
CA VAL C 233 -8.52 28.29 2.12
C VAL C 233 -9.59 28.46 3.19
N VAL C 234 -9.70 29.68 3.75
CA VAL C 234 -10.68 30.03 4.78
C VAL C 234 -12.10 29.94 4.18
N GLU C 235 -12.30 30.53 2.99
CA GLU C 235 -13.58 30.53 2.26
C GLU C 235 -14.11 29.12 1.96
N SER C 236 -13.23 28.20 1.52
CA SER C 236 -13.58 26.81 1.21
C SER C 236 -14.03 26.03 2.45
N ALA C 237 -13.41 26.32 3.62
CA ALA C 237 -13.74 25.69 4.90
C ALA C 237 -15.18 26.05 5.31
N TYR C 238 -15.58 27.33 5.11
CA TYR C 238 -16.93 27.80 5.39
C TYR C 238 -17.91 27.28 4.34
N GLU C 239 -17.43 27.09 3.10
CA GLU C 239 -18.21 26.58 1.97
C GLU C 239 -18.65 25.12 2.19
N VAL C 240 -17.70 24.25 2.64
CA VAL C 240 -17.95 22.83 2.91
C VAL C 240 -19.09 22.67 3.94
N ILE C 241 -19.06 23.47 5.03
CA ILE C 241 -20.10 23.44 6.08
C ILE C 241 -21.45 23.93 5.53
N LYS C 242 -21.41 24.93 4.65
CA LYS C 242 -22.61 25.49 4.01
C LYS C 242 -23.26 24.46 3.05
N LEU C 243 -22.42 23.70 2.31
CA LEU C 243 -22.82 22.74 1.30
C LEU C 243 -23.20 21.35 1.83
N LYS C 244 -22.47 20.79 2.82
CA LYS C 244 -22.78 19.46 3.33
C LYS C 244 -23.01 19.41 4.85
N GLY C 245 -22.53 20.41 5.59
CA GLY C 245 -22.75 20.51 7.03
C GLY C 245 -21.59 20.18 7.95
N TYR C 246 -20.57 19.47 7.41
CA TYR C 246 -19.40 19.04 8.17
C TYR C 246 -18.21 18.74 7.28
N THR C 247 -17.01 18.70 7.85
CA THR C 247 -15.78 18.33 7.17
C THR C 247 -15.39 16.98 7.77
N SER C 248 -15.05 16.01 6.91
CA SER C 248 -14.71 14.67 7.40
C SER C 248 -13.44 14.10 6.77
N TRP C 249 -13.48 13.83 5.45
CA TRP C 249 -12.41 13.18 4.70
C TRP C 249 -11.05 13.87 4.76
N ALA C 250 -10.99 15.19 4.44
CA ALA C 250 -9.75 15.97 4.44
C ALA C 250 -9.03 15.95 5.78
N ILE C 251 -9.77 16.14 6.89
CA ILE C 251 -9.19 16.14 8.23
C ILE C 251 -8.75 14.71 8.64
N GLY C 252 -9.60 13.71 8.38
CA GLY C 252 -9.35 12.31 8.67
C GLY C 252 -8.07 11.77 8.05
N LEU C 253 -7.81 12.16 6.79
CA LEU C 253 -6.62 11.78 6.03
C LEU C 253 -5.38 12.46 6.58
N SER C 254 -5.53 13.71 7.08
CA SER C 254 -4.42 14.50 7.66
C SER C 254 -3.99 13.91 9.00
N VAL C 255 -4.97 13.51 9.83
CA VAL C 255 -4.79 12.89 11.15
C VAL C 255 -4.01 11.56 10.98
N ALA C 256 -4.37 10.77 9.96
CA ALA C 256 -3.70 9.50 9.62
C ALA C 256 -2.26 9.73 9.18
N ASP C 257 -1.98 10.85 8.47
CA ASP C 257 -0.64 11.22 8.01
C ASP C 257 0.26 11.54 9.21
N LEU C 258 -0.33 12.16 10.27
CA LEU C 258 0.38 12.48 11.52
C LEU C 258 0.61 11.16 12.25
N ALA C 259 -0.45 10.33 12.36
CA ALA C 259 -0.44 9.03 13.00
C ALA C 259 0.63 8.12 12.39
N GLU C 260 0.80 8.16 11.05
CA GLU C 260 1.81 7.38 10.33
C GLU C 260 3.20 7.73 10.83
N SER C 261 3.51 9.04 10.97
CA SER C 261 4.80 9.54 11.44
C SER C 261 5.08 9.17 12.90
N ILE C 262 4.03 9.20 13.75
CA ILE C 262 4.12 8.85 15.17
C ILE C 262 4.31 7.34 15.34
N MET C 263 3.37 6.53 14.79
CA MET C 263 3.34 5.07 14.89
C MET C 263 4.53 4.36 14.25
N LYS C 264 5.14 4.96 13.22
CA LYS C 264 6.27 4.35 12.51
C LYS C 264 7.62 5.03 12.81
N ASN C 265 7.61 6.12 13.61
CA ASN C 265 8.78 6.94 13.99
C ASN C 265 9.51 7.47 12.74
N LEU C 266 8.73 8.00 11.78
CA LEU C 266 9.23 8.50 10.51
C LEU C 266 10.14 9.74 10.62
N ARG C 267 9.86 10.65 11.58
CA ARG C 267 10.61 11.90 11.80
C ARG C 267 10.43 12.89 10.62
N ARG C 268 9.20 12.98 10.11
CA ARG C 268 8.81 13.91 9.06
C ARG C 268 8.34 15.21 9.73
N VAL C 269 8.48 16.33 9.03
CA VAL C 269 8.08 17.65 9.52
C VAL C 269 6.59 17.88 9.18
N HIS C 270 5.80 18.36 10.16
CA HIS C 270 4.37 18.60 10.01
C HIS C 270 3.96 19.91 10.70
N PRO C 271 2.96 20.67 10.17
CA PRO C 271 2.54 21.89 10.88
C PRO C 271 1.52 21.55 11.97
N VAL C 272 2.01 21.33 13.19
CA VAL C 272 1.16 20.95 14.34
C VAL C 272 1.30 21.89 15.52
N SER C 273 0.17 22.07 16.24
CA SER C 273 0.03 22.92 17.42
C SER C 273 0.89 22.39 18.57
N THR C 274 1.88 23.19 19.02
CA THR C 274 2.80 22.87 20.12
C THR C 274 3.08 24.08 21.01
N MET C 275 3.61 23.84 22.24
CA MET C 275 4.01 24.86 23.21
C MET C 275 4.98 25.85 22.55
N ILE C 276 4.54 27.11 22.43
CA ILE C 276 5.28 28.16 21.75
C ILE C 276 6.06 29.11 22.70
N LYS C 277 5.78 29.05 24.02
CA LYS C 277 6.43 29.87 25.05
C LYS C 277 7.96 29.83 24.94
N GLY C 278 8.54 30.98 24.61
CA GLY C 278 9.98 31.15 24.45
C GLY C 278 10.43 31.78 23.14
N LEU C 279 9.69 31.52 22.04
CA LEU C 279 10.03 32.03 20.71
C LEU C 279 9.03 33.03 20.14
N TYR C 280 9.53 33.92 19.25
CA TYR C 280 8.82 35.01 18.55
C TYR C 280 8.27 36.09 19.51
N GLY C 281 8.87 36.17 20.69
CA GLY C 281 8.48 37.10 21.75
C GLY C 281 7.21 36.70 22.48
N ILE C 282 7.04 35.39 22.73
CA ILE C 282 5.87 34.89 23.45
C ILE C 282 6.30 34.36 24.81
N LYS C 283 5.67 34.91 25.88
CA LYS C 283 5.96 34.55 27.27
C LYS C 283 4.88 33.69 27.93
N ASP C 284 3.67 33.62 27.34
CA ASP C 284 2.55 32.85 27.88
C ASP C 284 2.54 31.40 27.40
N ASP C 285 1.94 30.49 28.21
CA ASP C 285 1.81 29.05 27.93
C ASP C 285 0.75 28.82 26.86
N VAL C 286 1.09 29.17 25.61
CA VAL C 286 0.20 29.08 24.45
C VAL C 286 0.70 28.03 23.44
N PHE C 287 -0.24 27.34 22.78
CA PHE C 287 0.04 26.32 21.76
C PHE C 287 -0.26 26.89 20.37
N LEU C 288 0.75 26.88 19.48
CA LEU C 288 0.62 27.38 18.10
C LEU C 288 1.35 26.48 17.13
N SER C 289 0.85 26.40 15.89
CA SER C 289 1.42 25.56 14.84
C SER C 289 2.73 26.10 14.30
N VAL C 290 3.74 25.26 14.35
CA VAL C 290 5.09 25.47 13.84
C VAL C 290 5.52 24.13 13.26
N PRO C 291 6.47 24.07 12.29
CA PRO C 291 6.86 22.77 11.74
C PRO C 291 7.60 21.93 12.80
N CYS C 292 7.05 20.74 13.11
CA CYS C 292 7.57 19.83 14.13
C CYS C 292 8.02 18.52 13.54
N ILE C 293 9.14 17.97 14.07
CA ILE C 293 9.62 16.64 13.68
C ILE C 293 8.84 15.65 14.56
N LEU C 294 7.97 14.85 13.93
CA LEU C 294 7.11 13.89 14.62
C LEU C 294 7.63 12.46 14.53
N GLY C 295 7.77 11.84 15.71
CA GLY C 295 8.24 10.46 15.87
C GLY C 295 7.53 9.71 16.97
N GLN C 296 8.16 8.64 17.48
CA GLN C 296 7.61 7.79 18.54
C GLN C 296 7.53 8.49 19.91
N ASN C 297 8.31 9.57 20.10
CA ASN C 297 8.34 10.37 21.34
C ASN C 297 7.43 11.61 21.24
N GLY C 298 6.64 11.69 20.16
CA GLY C 298 5.76 12.81 19.87
C GLY C 298 6.52 13.89 19.13
N ILE C 299 6.58 15.09 19.71
CA ILE C 299 7.31 16.23 19.13
C ILE C 299 8.71 16.22 19.73
N SER C 300 9.66 15.56 19.06
CA SER C 300 11.04 15.50 19.56
C SER C 300 11.78 16.82 19.30
N ASP C 301 11.47 17.47 18.16
CA ASP C 301 12.13 18.69 17.72
C ASP C 301 11.17 19.63 16.98
N LEU C 302 11.49 20.93 16.91
CA LEU C 302 10.69 21.88 16.15
C LEU C 302 11.60 22.80 15.32
N VAL C 303 11.17 23.09 14.08
CA VAL C 303 11.88 23.89 13.08
C VAL C 303 11.72 25.39 13.37
N LYS C 304 12.86 26.10 13.47
CA LYS C 304 12.93 27.55 13.71
C LYS C 304 12.71 28.28 12.38
N VAL C 305 11.49 28.77 12.15
CA VAL C 305 11.12 29.46 10.91
C VAL C 305 11.35 30.97 11.02
N THR C 306 12.17 31.49 10.10
CA THR C 306 12.51 32.90 9.98
C THR C 306 11.25 33.66 9.55
N LEU C 307 10.55 34.29 10.51
CA LEU C 307 9.32 35.04 10.19
C LEU C 307 9.60 36.53 10.01
N THR C 308 8.83 37.18 9.13
CA THR C 308 8.94 38.62 8.89
C THR C 308 8.27 39.33 10.07
N SER C 309 8.56 40.64 10.25
CA SER C 309 7.99 41.46 11.33
C SER C 309 6.46 41.39 11.39
N GLU C 310 5.79 41.44 10.22
CA GLU C 310 4.33 41.35 10.13
C GLU C 310 3.81 39.97 10.52
N GLU C 311 4.53 38.89 10.10
CA GLU C 311 4.21 37.50 10.44
C GLU C 311 4.38 37.28 11.95
N GLU C 312 5.47 37.83 12.54
CA GLU C 312 5.77 37.74 13.97
C GLU C 312 4.76 38.52 14.81
N ALA C 313 4.27 39.66 14.29
CA ALA C 313 3.25 40.48 14.95
C ALA C 313 1.90 39.77 14.95
N ARG C 314 1.56 39.06 13.85
CA ARG C 314 0.33 38.28 13.72
C ARG C 314 0.32 37.12 14.72
N LEU C 315 1.50 36.54 14.99
CA LEU C 315 1.72 35.45 15.93
C LEU C 315 1.54 35.89 17.39
N LYS C 316 2.04 37.09 17.77
CA LYS C 316 1.89 37.65 19.11
C LYS C 316 0.42 37.98 19.37
N LYS C 317 -0.25 38.66 18.39
CA LYS C 317 -1.66 39.05 18.45
C LYS C 317 -2.54 37.84 18.78
N SER C 318 -2.27 36.69 18.13
CA SER C 318 -2.98 35.44 18.36
C SER C 318 -2.66 34.85 19.73
N ALA C 319 -1.36 34.88 20.14
CA ALA C 319 -0.90 34.39 21.44
C ALA C 319 -1.56 35.16 22.58
N ASP C 320 -1.77 36.49 22.38
CA ASP C 320 -2.44 37.37 23.33
C ASP C 320 -3.94 37.06 23.39
N THR C 321 -4.57 36.80 22.23
CA THR C 321 -5.99 36.48 22.16
C THR C 321 -6.27 35.12 22.82
N LEU C 322 -5.44 34.09 22.52
CA LEU C 322 -5.59 32.75 23.09
C LEU C 322 -5.40 32.74 24.59
N TRP C 323 -4.38 33.48 25.11
CA TRP C 323 -4.12 33.59 26.54
C TRP C 323 -5.26 34.32 27.28
N GLY C 324 -5.92 35.25 26.59
CA GLY C 324 -7.06 36.01 27.10
C GLY C 324 -8.21 35.11 27.51
N ILE C 325 -8.51 34.10 26.68
CA ILE C 325 -9.54 33.09 26.93
C ILE C 325 -9.02 32.11 28.01
N GLN C 326 -7.76 31.65 27.87
CA GLN C 326 -7.05 30.71 28.74
C GLN C 326 -7.02 31.10 30.23
N LYS C 327 -6.85 32.41 30.52
CA LYS C 327 -6.81 32.92 31.90
C LYS C 327 -8.21 33.00 32.53
N GLU C 328 -9.26 32.99 31.68
CA GLU C 328 -10.68 33.04 32.07
C GLU C 328 -11.34 31.65 31.97
N LEU C 329 -10.56 30.59 32.26
CA LEU C 329 -10.99 29.19 32.18
C LEU C 329 -11.11 28.50 33.54
N GLN C 330 -12.14 27.66 33.71
CA GLN C 330 -12.42 26.91 34.94
C GLN C 330 -11.99 25.45 34.83
N PHE C 331 -11.11 25.01 35.74
CA PHE C 331 -10.57 23.64 35.83
C PHE C 331 -11.16 22.84 37.00
N ALA D 1 5.91 37.02 -17.71
CA ALA D 1 5.19 38.06 -16.99
C ALA D 1 4.49 37.49 -15.75
N THR D 2 3.58 36.51 -15.95
CA THR D 2 2.90 35.85 -14.84
C THR D 2 3.85 34.81 -14.22
N LEU D 3 3.67 34.55 -12.92
CA LEU D 3 4.48 33.67 -12.10
C LEU D 3 4.51 32.24 -12.62
N LYS D 4 3.37 31.72 -13.11
CA LYS D 4 3.25 30.38 -13.68
C LYS D 4 4.16 30.26 -14.92
N ASP D 5 4.21 31.32 -15.76
CA ASP D 5 5.04 31.39 -16.96
C ASP D 5 6.53 31.56 -16.60
N GLN D 6 6.81 32.28 -15.49
CA GLN D 6 8.15 32.54 -14.97
C GLN D 6 8.75 31.28 -14.35
N LEU D 7 7.95 30.54 -13.58
CA LEU D 7 8.36 29.34 -12.87
C LEU D 7 8.33 28.08 -13.75
N ILE D 8 7.22 27.86 -14.47
CA ILE D 8 7.03 26.66 -15.29
C ILE D 8 7.03 26.94 -16.80
N TYR D 9 7.89 26.20 -17.54
CA TYR D 9 7.96 26.27 -19.00
C TYR D 9 7.23 25.05 -19.56
N ASN D 10 6.13 25.28 -20.28
CA ASN D 10 5.29 24.25 -20.88
C ASN D 10 5.84 23.71 -22.21
N LEU D 11 5.85 22.38 -22.36
CA LEU D 11 6.29 21.70 -23.58
C LEU D 11 5.08 21.40 -24.47
N LEU D 12 3.98 20.94 -23.86
CA LEU D 12 2.70 20.65 -24.52
C LEU D 12 1.52 20.80 -23.58
N LYS D 13 0.36 21.20 -24.14
CA LYS D 13 -0.89 21.36 -23.38
C LYS D 13 -1.92 20.34 -23.82
N GLU D 14 -1.51 19.21 -24.43
CA GLU D 14 -2.46 18.36 -25.14
C GLU D 14 -3.41 17.65 -24.17
N GLU D 15 -4.71 17.65 -24.51
CA GLU D 15 -5.74 17.01 -23.69
C GLU D 15 -5.74 15.50 -23.90
N GLN D 16 -5.76 14.75 -22.78
CA GLN D 16 -5.80 13.29 -22.82
C GLN D 16 -6.82 12.71 -21.85
N THR D 17 -7.55 11.69 -22.32
CA THR D 17 -8.60 11.00 -21.58
C THR D 17 -8.03 10.15 -20.42
N PRO D 18 -8.69 10.14 -19.22
CA PRO D 18 -8.18 9.32 -18.10
C PRO D 18 -8.10 7.83 -18.46
N GLN D 19 -6.98 7.19 -18.14
CA GLN D 19 -6.77 5.77 -18.45
C GLN D 19 -7.46 4.81 -17.46
N ASN D 20 -7.66 5.25 -16.21
CA ASN D 20 -8.26 4.46 -15.13
C ASN D 20 -9.27 5.30 -14.36
N LYS D 21 -10.38 5.66 -15.01
CA LYS D 21 -11.42 6.48 -14.40
C LYS D 21 -12.53 5.65 -13.74
N ILE D 22 -13.02 6.12 -12.58
CA ILE D 22 -14.13 5.50 -11.85
C ILE D 22 -15.19 6.55 -11.53
N THR D 23 -16.45 6.25 -11.84
CA THR D 23 -17.59 7.12 -11.59
C THR D 23 -18.43 6.52 -10.47
N VAL D 24 -18.86 7.36 -9.52
CA VAL D 24 -19.74 6.92 -8.44
C VAL D 24 -21.05 7.71 -8.55
N VAL D 25 -22.14 7.02 -8.91
CA VAL D 25 -23.47 7.62 -9.05
C VAL D 25 -24.19 7.40 -7.73
N GLY D 26 -24.43 8.48 -7.02
CA GLY D 26 -25.02 8.47 -5.68
C GLY D 26 -23.94 8.85 -4.70
N VAL D 27 -24.12 9.98 -4.00
CA VAL D 27 -23.13 10.51 -3.07
C VAL D 27 -23.67 10.37 -1.61
N GLY D 28 -24.42 9.30 -1.39
CA GLY D 28 -24.97 8.95 -0.09
C GLY D 28 -23.90 8.39 0.82
N ALA D 29 -24.34 7.76 1.94
CA ALA D 29 -23.44 7.15 2.91
C ALA D 29 -22.59 6.06 2.28
N VAL D 30 -23.22 5.21 1.41
CA VAL D 30 -22.61 4.10 0.68
C VAL D 30 -21.64 4.64 -0.38
N GLY D 31 -22.13 5.54 -1.23
CA GLY D 31 -21.38 6.18 -2.31
C GLY D 31 -20.07 6.79 -1.88
N MET D 32 -20.11 7.57 -0.78
CA MET D 32 -18.93 8.21 -0.22
C MET D 32 -17.94 7.22 0.37
N ALA D 33 -18.45 6.15 1.01
CA ALA D 33 -17.64 5.10 1.60
C ALA D 33 -16.89 4.32 0.50
N CYS D 34 -17.53 4.14 -0.67
CA CYS D 34 -16.96 3.50 -1.86
C CYS D 34 -15.85 4.37 -2.39
N ALA D 35 -16.14 5.69 -2.54
CA ALA D 35 -15.24 6.73 -3.03
C ALA D 35 -13.91 6.76 -2.25
N ILE D 36 -13.99 6.93 -0.91
CA ILE D 36 -12.81 6.99 -0.03
C ILE D 36 -12.03 5.65 -0.03
N SER D 37 -12.74 4.51 -0.13
CA SER D 37 -12.11 3.17 -0.18
C SER D 37 -11.28 3.01 -1.46
N ILE D 38 -11.81 3.52 -2.59
CA ILE D 38 -11.14 3.49 -3.90
C ILE D 38 -9.93 4.39 -3.92
N LEU D 39 -10.08 5.66 -3.45
CA LEU D 39 -9.00 6.66 -3.40
C LEU D 39 -7.82 6.19 -2.56
N MET D 40 -8.09 5.58 -1.39
CA MET D 40 -7.08 5.08 -0.47
C MET D 40 -6.37 3.81 -0.97
N LYS D 41 -7.05 3.03 -1.83
CA LYS D 41 -6.47 1.82 -2.45
C LYS D 41 -5.72 2.15 -3.75
N ASP D 42 -5.77 3.44 -4.18
CA ASP D 42 -5.12 4.01 -5.39
C ASP D 42 -5.51 3.25 -6.67
N LEU D 43 -6.82 3.03 -6.85
CA LEU D 43 -7.37 2.29 -7.99
C LEU D 43 -7.69 3.17 -9.20
N ALA D 44 -7.82 4.49 -9.00
CA ALA D 44 -8.20 5.41 -10.06
C ALA D 44 -7.31 6.64 -10.19
N ASP D 45 -7.10 7.12 -11.43
CA ASP D 45 -6.37 8.34 -11.72
C ASP D 45 -7.34 9.52 -11.71
N GLU D 46 -8.61 9.23 -12.01
CA GLU D 46 -9.70 10.22 -12.02
C GLU D 46 -10.92 9.61 -11.36
N LEU D 47 -11.57 10.38 -10.49
CA LEU D 47 -12.78 9.95 -9.80
C LEU D 47 -13.90 10.94 -10.09
N ALA D 48 -14.99 10.45 -10.68
CA ALA D 48 -16.14 11.29 -11.00
C ALA D 48 -17.28 11.00 -10.03
N LEU D 49 -17.93 12.05 -9.52
CA LEU D 49 -19.04 11.89 -8.59
C LEU D 49 -20.29 12.56 -9.11
N VAL D 50 -21.39 11.80 -9.17
CA VAL D 50 -22.68 12.27 -9.68
C VAL D 50 -23.80 12.05 -8.65
N ASP D 51 -24.71 13.04 -8.54
CA ASP D 51 -25.87 13.01 -7.65
C ASP D 51 -26.89 14.05 -8.09
N VAL D 52 -28.15 13.90 -7.65
CA VAL D 52 -29.23 14.85 -7.92
C VAL D 52 -29.13 16.09 -7.03
N ILE D 53 -28.73 15.90 -5.75
CA ILE D 53 -28.55 16.95 -4.74
C ILE D 53 -27.23 17.68 -5.04
N GLU D 54 -27.34 18.90 -5.62
CA GLU D 54 -26.23 19.74 -6.04
C GLU D 54 -25.32 20.24 -4.92
N ASP D 55 -25.91 20.66 -3.76
CA ASP D 55 -25.16 21.20 -2.62
CA ASP D 55 -25.14 21.21 -2.64
C ASP D 55 -24.25 20.17 -1.96
N LYS D 56 -24.81 19.01 -1.54
CA LYS D 56 -24.08 17.91 -0.90
C LYS D 56 -22.93 17.41 -1.82
N LEU D 57 -23.21 17.28 -3.14
CA LEU D 57 -22.28 16.84 -4.18
C LEU D 57 -21.04 17.75 -4.26
N LYS D 58 -21.22 19.08 -4.24
CA LYS D 58 -20.10 20.03 -4.29
C LYS D 58 -19.27 19.97 -3.00
N GLY D 59 -19.96 19.85 -1.86
CA GLY D 59 -19.35 19.75 -0.54
C GLY D 59 -18.50 18.52 -0.39
N GLU D 60 -19.00 17.37 -0.87
CA GLU D 60 -18.29 16.08 -0.80
C GLU D 60 -17.08 16.07 -1.71
N MET D 61 -17.22 16.64 -2.92
CA MET D 61 -16.14 16.74 -3.91
C MET D 61 -14.99 17.57 -3.34
N MET D 62 -15.32 18.73 -2.72
CA MET D 62 -14.38 19.66 -2.11
C MET D 62 -13.61 19.04 -0.94
N ASP D 63 -14.33 18.30 -0.06
CA ASP D 63 -13.76 17.64 1.11
C ASP D 63 -12.71 16.59 0.69
N LEU D 64 -12.97 15.86 -0.41
CA LEU D 64 -12.02 14.87 -0.93
C LEU D 64 -10.85 15.57 -1.57
N GLN D 65 -11.13 16.67 -2.33
CA GLN D 65 -10.13 17.50 -3.02
C GLN D 65 -9.13 18.11 -2.05
N HIS D 66 -9.57 18.51 -0.85
CA HIS D 66 -8.70 19.09 0.16
C HIS D 66 -7.69 18.09 0.72
N GLY D 67 -8.08 16.81 0.75
CA GLY D 67 -7.21 15.72 1.20
C GLY D 67 -6.34 15.10 0.12
N SER D 68 -6.25 15.76 -1.06
CA SER D 68 -5.48 15.31 -2.23
C SER D 68 -3.98 15.15 -1.99
N LEU D 69 -3.45 15.85 -0.98
CA LEU D 69 -2.04 15.82 -0.59
C LEU D 69 -1.67 14.42 -0.05
N PHE D 70 -2.65 13.74 0.57
CA PHE D 70 -2.51 12.41 1.17
C PHE D 70 -3.05 11.29 0.26
N LEU D 71 -3.46 11.63 -0.98
CA LEU D 71 -4.01 10.66 -1.94
C LEU D 71 -3.21 10.65 -3.24
N ARG D 72 -3.23 9.50 -3.95
CA ARG D 72 -2.53 9.33 -5.23
C ARG D 72 -3.50 9.44 -6.43
N THR D 73 -4.56 10.27 -6.27
CA THR D 73 -5.58 10.51 -7.30
C THR D 73 -5.53 11.99 -7.70
N PRO D 74 -4.90 12.31 -8.87
CA PRO D 74 -4.77 13.73 -9.28
C PRO D 74 -6.07 14.46 -9.58
N LYS D 75 -7.10 13.77 -10.11
CA LYS D 75 -8.35 14.42 -10.50
C LYS D 75 -9.59 13.86 -9.80
N ILE D 76 -10.36 14.76 -9.18
CA ILE D 76 -11.63 14.47 -8.50
C ILE D 76 -12.64 15.49 -9.03
N VAL D 77 -13.61 15.00 -9.81
CA VAL D 77 -14.64 15.83 -10.44
C VAL D 77 -16.05 15.47 -9.99
N SER D 78 -16.99 16.42 -10.14
CA SER D 78 -18.40 16.23 -9.79
C SER D 78 -19.30 17.09 -10.67
N GLY D 79 -20.59 16.76 -10.66
CA GLY D 79 -21.59 17.48 -11.43
C GLY D 79 -22.88 16.74 -11.64
N LYS D 80 -23.95 17.50 -11.93
CA LYS D 80 -25.29 16.97 -12.21
C LYS D 80 -25.29 16.36 -13.62
N ASP D 81 -24.51 16.98 -14.55
CA ASP D 81 -24.32 16.53 -15.94
C ASP D 81 -23.36 15.33 -15.97
N TYR D 82 -23.69 14.31 -16.78
CA TYR D 82 -22.89 13.08 -16.90
C TYR D 82 -21.68 13.23 -17.84
N ASN D 83 -21.43 14.44 -18.39
CA ASN D 83 -20.28 14.71 -19.25
C ASN D 83 -18.98 14.57 -18.44
N VAL D 84 -19.09 14.67 -17.10
CA VAL D 84 -18.00 14.51 -16.15
C VAL D 84 -17.60 13.03 -16.02
N THR D 85 -18.53 12.11 -16.36
CA THR D 85 -18.36 10.65 -16.29
C THR D 85 -17.70 10.04 -17.53
N ALA D 86 -17.50 10.86 -18.59
CA ALA D 86 -16.92 10.46 -19.88
C ALA D 86 -15.65 9.63 -19.77
N ASN D 87 -15.60 8.56 -20.60
CA ASN D 87 -14.50 7.60 -20.77
C ASN D 87 -14.17 6.81 -19.49
N SER D 88 -15.14 6.69 -18.56
CA SER D 88 -14.96 5.95 -17.30
C SER D 88 -14.82 4.44 -17.54
N LYS D 89 -13.93 3.77 -16.79
CA LYS D 89 -13.70 2.32 -16.91
C LYS D 89 -14.72 1.50 -16.09
N LEU D 90 -15.07 2.00 -14.90
CA LEU D 90 -16.02 1.38 -13.99
C LEU D 90 -17.00 2.43 -13.44
N VAL D 91 -18.29 2.11 -13.45
CA VAL D 91 -19.32 2.99 -12.93
C VAL D 91 -20.06 2.26 -11.79
N ILE D 92 -19.97 2.82 -10.57
CA ILE D 92 -20.62 2.27 -9.38
C ILE D 92 -21.90 3.03 -9.09
N ILE D 93 -23.05 2.35 -9.21
CA ILE D 93 -24.35 2.95 -8.94
C ILE D 93 -24.84 2.59 -7.54
N THR D 94 -24.85 3.60 -6.67
CA THR D 94 -25.29 3.51 -5.28
C THR D 94 -26.54 4.39 -5.08
N ALA D 95 -27.07 4.94 -6.18
CA ALA D 95 -28.23 5.81 -6.15
C ALA D 95 -29.50 5.04 -5.85
N GLY D 96 -30.24 5.50 -4.86
CA GLY D 96 -31.51 4.88 -4.43
C GLY D 96 -32.49 5.87 -3.84
N ALA D 97 -33.78 5.50 -3.84
CA ALA D 97 -34.84 6.35 -3.31
C ALA D 97 -34.87 6.26 -1.79
N ARG D 98 -35.31 7.36 -1.14
CA ARG D 98 -35.46 7.42 0.31
C ARG D 98 -36.59 6.46 0.75
N GLN D 99 -36.31 5.59 1.75
CA GLN D 99 -37.21 4.52 2.22
C GLN D 99 -38.64 4.94 2.66
N GLN D 100 -38.94 6.26 2.81
CA GLN D 100 -40.27 6.75 3.19
C GLN D 100 -41.31 6.59 2.06
N GLU D 101 -42.38 5.84 2.34
CA GLU D 101 -43.45 5.54 1.38
C GLU D 101 -44.36 6.74 1.09
N GLY D 102 -44.17 7.33 -0.09
CA GLY D 102 -44.92 8.48 -0.58
C GLY D 102 -44.05 9.67 -0.91
N LEU D 106 -45.95 4.92 -6.11
CA LEU D 106 -45.04 3.81 -6.44
C LEU D 106 -44.27 3.33 -5.19
N ASN D 107 -43.94 2.02 -5.15
CA ASN D 107 -43.18 1.41 -4.07
C ASN D 107 -41.65 1.56 -4.29
N LEU D 108 -40.82 1.22 -3.28
CA LEU D 108 -39.35 1.32 -3.30
C LEU D 108 -38.70 0.66 -4.53
N VAL D 109 -39.18 -0.52 -4.93
CA VAL D 109 -38.67 -1.28 -6.09
C VAL D 109 -39.01 -0.50 -7.38
N GLN D 110 -40.23 0.05 -7.44
CA GLN D 110 -40.73 0.82 -8.59
C GLN D 110 -40.03 2.17 -8.72
N ARG D 111 -39.72 2.81 -7.58
CA ARG D 111 -39.03 4.11 -7.53
C ARG D 111 -37.59 4.03 -8.01
N ASN D 112 -36.88 2.96 -7.62
CA ASN D 112 -35.48 2.76 -8.00
C ASN D 112 -35.30 2.47 -9.47
N VAL D 113 -36.28 1.77 -10.09
CA VAL D 113 -36.30 1.44 -11.53
C VAL D 113 -36.38 2.77 -12.33
N ASN D 114 -37.25 3.69 -11.87
CA ASN D 114 -37.45 5.03 -12.46
C ASN D 114 -36.18 5.87 -12.35
N ILE D 115 -35.46 5.75 -11.22
CA ILE D 115 -34.20 6.44 -10.96
C ILE D 115 -33.16 5.90 -11.97
N PHE D 116 -33.15 4.57 -12.18
CA PHE D 116 -32.29 3.87 -13.11
C PHE D 116 -32.64 4.19 -14.56
N LYS D 117 -33.92 4.55 -14.83
CA LYS D 117 -34.41 4.91 -16.16
C LYS D 117 -33.72 6.15 -16.76
N PHE D 118 -33.09 7.00 -15.93
CA PHE D 118 -32.35 8.13 -16.49
C PHE D 118 -30.85 8.04 -16.18
N ILE D 119 -30.43 7.27 -15.15
CA ILE D 119 -29.00 7.07 -14.87
C ILE D 119 -28.31 6.24 -15.98
N ILE D 120 -28.79 4.99 -16.16
CA ILE D 120 -28.26 3.98 -17.10
C ILE D 120 -28.13 4.55 -18.55
N PRO D 121 -29.12 5.23 -19.18
CA PRO D 121 -28.89 5.76 -20.53
C PRO D 121 -27.86 6.88 -20.57
N ASN D 122 -27.80 7.70 -19.51
CA ASN D 122 -26.84 8.81 -19.38
C ASN D 122 -25.41 8.33 -19.18
N VAL D 123 -25.21 7.21 -18.47
CA VAL D 123 -23.88 6.65 -18.23
C VAL D 123 -23.32 5.99 -19.51
N VAL D 124 -24.15 5.18 -20.22
CA VAL D 124 -23.76 4.49 -21.46
C VAL D 124 -23.42 5.50 -22.57
N LYS D 125 -24.06 6.68 -22.54
CA LYS D 125 -23.87 7.78 -23.48
C LYS D 125 -22.43 8.29 -23.49
N TYR D 126 -21.81 8.43 -22.31
CA TYR D 126 -20.44 8.92 -22.16
C TYR D 126 -19.41 7.82 -21.95
N SER D 127 -19.81 6.68 -21.35
CA SER D 127 -18.96 5.52 -21.09
C SER D 127 -19.62 4.24 -21.63
N PRO D 128 -19.55 3.99 -22.96
CA PRO D 128 -20.20 2.80 -23.53
C PRO D 128 -19.44 1.50 -23.33
N ASN D 129 -18.14 1.58 -22.98
CA ASN D 129 -17.30 0.40 -22.80
C ASN D 129 -16.96 0.12 -21.33
N CYS D 130 -17.71 0.74 -20.41
CA CYS D 130 -17.52 0.59 -18.98
C CYS D 130 -18.14 -0.71 -18.45
N LYS D 131 -17.89 -1.02 -17.17
CA LYS D 131 -18.47 -2.15 -16.44
C LYS D 131 -19.36 -1.53 -15.37
N LEU D 132 -20.64 -1.92 -15.33
CA LEU D 132 -21.54 -1.38 -14.31
C LEU D 132 -21.50 -2.23 -13.04
N LEU D 133 -21.35 -1.57 -11.88
CA LEU D 133 -21.35 -2.20 -10.56
C LEU D 133 -22.57 -1.66 -9.80
N ILE D 134 -23.59 -2.50 -9.64
CA ILE D 134 -24.84 -2.12 -8.98
C ILE D 134 -24.78 -2.43 -7.50
N VAL D 135 -25.09 -1.43 -6.66
CA VAL D 135 -25.08 -1.58 -5.20
C VAL D 135 -26.49 -1.42 -4.64
N SER D 136 -27.25 -0.41 -5.12
CA SER D 136 -28.61 -0.07 -4.74
C SER D 136 -29.53 -1.30 -4.58
N ASN D 137 -30.52 -1.25 -3.65
CA ASN D 137 -31.42 -2.37 -3.37
C ASN D 137 -32.84 -2.25 -3.97
N PRO D 138 -33.49 -3.37 -4.43
CA PRO D 138 -33.00 -4.77 -4.49
C PRO D 138 -31.96 -4.95 -5.58
N VAL D 139 -30.71 -5.24 -5.17
CA VAL D 139 -29.54 -5.38 -6.06
C VAL D 139 -29.80 -6.43 -7.16
N ASP D 140 -30.34 -7.60 -6.82
CA ASP D 140 -30.64 -8.66 -7.78
C ASP D 140 -31.64 -8.24 -8.90
N ILE D 141 -32.66 -7.42 -8.55
CA ILE D 141 -33.65 -6.90 -9.50
C ILE D 141 -33.09 -5.73 -10.31
N LEU D 142 -32.43 -4.79 -9.61
CA LEU D 142 -31.85 -3.59 -10.23
C LEU D 142 -30.72 -3.90 -11.19
N THR D 143 -29.92 -4.97 -10.95
CA THR D 143 -28.84 -5.38 -11.86
C THR D 143 -29.48 -5.82 -13.20
N TYR D 144 -30.65 -6.50 -13.13
CA TYR D 144 -31.43 -6.92 -14.30
C TYR D 144 -31.99 -5.69 -15.05
N VAL D 145 -32.48 -4.68 -14.31
CA VAL D 145 -33.01 -3.43 -14.84
C VAL D 145 -31.87 -2.69 -15.59
N ALA D 146 -30.68 -2.65 -14.98
CA ALA D 146 -29.48 -2.04 -15.55
C ALA D 146 -29.07 -2.75 -16.84
N TRP D 147 -29.09 -4.10 -16.83
CA TRP D 147 -28.75 -4.94 -17.96
C TRP D 147 -29.71 -4.76 -19.14
N LYS D 148 -31.01 -4.57 -18.82
CA LYS D 148 -32.10 -4.36 -19.76
C LYS D 148 -31.96 -3.01 -20.50
N ILE D 149 -31.85 -1.90 -19.75
CA ILE D 149 -31.76 -0.53 -20.29
C ILE D 149 -30.46 -0.29 -21.06
N SER D 150 -29.30 -0.69 -20.47
CA SER D 150 -27.98 -0.51 -21.09
C SER D 150 -27.83 -1.23 -22.41
N GLY D 151 -28.37 -2.46 -22.47
CA GLY D 151 -28.23 -3.34 -23.62
C GLY D 151 -26.83 -3.92 -23.69
N PHE D 152 -26.08 -3.78 -22.58
CA PHE D 152 -24.72 -4.25 -22.40
C PHE D 152 -24.72 -5.77 -22.28
N PRO D 153 -23.62 -6.46 -22.70
CA PRO D 153 -23.58 -7.93 -22.52
C PRO D 153 -23.54 -8.30 -21.03
N LYS D 154 -24.14 -9.45 -20.68
CA LYS D 154 -24.26 -10.00 -19.33
C LYS D 154 -23.04 -9.75 -18.42
N ASN D 155 -21.84 -9.97 -18.97
CA ASN D 155 -20.56 -9.83 -18.29
C ASN D 155 -20.24 -8.43 -17.79
N ARG D 156 -20.64 -7.40 -18.55
CA ARG D 156 -20.37 -6.00 -18.21
C ARG D 156 -21.38 -5.42 -17.19
N VAL D 157 -22.41 -6.20 -16.80
CA VAL D 157 -23.38 -5.78 -15.80
C VAL D 157 -23.22 -6.67 -14.56
N ILE D 158 -22.47 -6.16 -13.58
CA ILE D 158 -22.14 -6.85 -12.33
C ILE D 158 -22.96 -6.23 -11.18
N GLY D 159 -23.47 -7.08 -10.30
CA GLY D 159 -24.22 -6.66 -9.13
C GLY D 159 -23.50 -7.06 -7.86
N SER D 160 -23.45 -6.15 -6.86
CA SER D 160 -22.79 -6.38 -5.56
C SER D 160 -23.16 -7.74 -4.98
N GLY D 161 -24.45 -8.07 -5.00
CA GLY D 161 -24.99 -9.34 -4.55
C GLY D 161 -24.63 -9.76 -3.13
N CYS D 162 -24.12 -10.99 -2.99
CA CYS D 162 -23.76 -11.57 -1.70
C CYS D 162 -22.29 -11.38 -1.34
N ASN D 163 -21.68 -10.28 -1.78
CA ASN D 163 -20.29 -9.99 -1.45
C ASN D 163 -20.18 -9.54 0.02
N LEU D 164 -21.17 -8.77 0.50
CA LEU D 164 -21.28 -8.27 1.88
C LEU D 164 -21.73 -9.37 2.84
N ASP D 165 -22.69 -10.22 2.41
CA ASP D 165 -23.23 -11.35 3.17
C ASP D 165 -22.09 -12.29 3.51
N SER D 166 -21.25 -12.63 2.51
CA SER D 166 -20.08 -13.52 2.68
C SER D 166 -19.01 -12.88 3.55
N ALA D 167 -18.78 -11.56 3.40
CA ALA D 167 -17.81 -10.80 4.20
C ALA D 167 -18.19 -10.81 5.68
N ARG D 168 -19.50 -10.63 5.98
CA ARG D 168 -20.05 -10.66 7.34
C ARG D 168 -20.00 -12.09 7.92
N PHE D 169 -20.29 -13.10 7.07
CA PHE D 169 -20.29 -14.51 7.42
C PHE D 169 -18.88 -14.98 7.77
N ARG D 170 -17.88 -14.59 6.96
CA ARG D 170 -16.47 -14.95 7.17
C ARG D 170 -15.91 -14.29 8.43
N TYR D 171 -16.48 -13.14 8.83
CA TYR D 171 -16.10 -12.44 10.06
C TYR D 171 -16.60 -13.21 11.29
N LEU D 172 -17.89 -13.63 11.27
CA LEU D 172 -18.51 -14.37 12.38
C LEU D 172 -17.97 -15.78 12.50
N MET D 173 -17.56 -16.38 11.35
CA MET D 173 -16.91 -17.69 11.31
C MET D 173 -15.52 -17.52 11.90
N GLY D 174 -14.87 -16.41 11.55
CA GLY D 174 -13.55 -16.02 12.02
C GLY D 174 -13.45 -15.82 13.52
N GLU D 175 -14.43 -15.10 14.10
CA GLU D 175 -14.52 -14.82 15.53
C GLU D 175 -14.71 -16.11 16.35
N ARG D 176 -15.54 -17.05 15.84
CA ARG D 176 -15.85 -18.34 16.47
C ARG D 176 -14.64 -19.27 16.50
N LEU D 177 -13.91 -19.34 15.38
CA LEU D 177 -12.73 -20.22 15.26
C LEU D 177 -11.42 -19.55 15.72
N GLY D 178 -11.45 -18.24 15.94
CA GLY D 178 -10.29 -17.47 16.37
C GLY D 178 -9.20 -17.42 15.32
N VAL D 179 -9.61 -17.23 14.05
CA VAL D 179 -8.75 -17.18 12.87
C VAL D 179 -9.21 -15.96 12.03
N HIS D 180 -8.30 -15.32 11.28
CA HIS D 180 -8.62 -14.16 10.42
C HIS D 180 -9.66 -14.53 9.35
N PRO D 181 -10.67 -13.65 9.07
CA PRO D 181 -11.68 -13.97 8.03
C PRO D 181 -11.12 -14.34 6.65
N LEU D 182 -9.85 -13.95 6.34
CA LEU D 182 -9.18 -14.28 5.08
C LEU D 182 -8.84 -15.76 5.01
N SER D 183 -8.61 -16.38 6.17
CA SER D 183 -8.31 -17.80 6.30
C SER D 183 -9.58 -18.64 6.54
N CYS D 184 -10.72 -17.95 6.76
CA CYS D 184 -12.04 -18.53 6.96
C CYS D 184 -12.82 -18.47 5.68
N HIS D 185 -12.79 -19.54 4.89
CA HIS D 185 -13.47 -19.61 3.60
C HIS D 185 -14.91 -20.07 3.74
N GLY D 186 -15.83 -19.19 3.37
CA GLY D 186 -17.27 -19.43 3.43
C GLY D 186 -17.98 -18.67 2.33
N TRP D 187 -18.97 -19.33 1.71
CA TRP D 187 -19.71 -18.73 0.61
C TRP D 187 -21.20 -18.66 0.87
N VAL D 188 -21.75 -17.48 0.74
CA VAL D 188 -23.18 -17.22 0.87
C VAL D 188 -23.62 -16.86 -0.55
N LEU D 189 -24.60 -17.60 -1.11
CA LEU D 189 -25.04 -17.38 -2.49
C LEU D 189 -26.53 -17.05 -2.63
N GLY D 190 -26.97 -16.88 -3.88
CA GLY D 190 -28.36 -16.60 -4.22
C GLY D 190 -28.74 -15.15 -4.10
N GLU D 191 -29.97 -14.92 -3.61
CA GLU D 191 -30.58 -13.60 -3.41
C GLU D 191 -29.96 -12.90 -2.21
N HIS D 192 -29.45 -11.69 -2.42
CA HIS D 192 -28.82 -10.87 -1.39
C HIS D 192 -29.85 -10.46 -0.33
N GLY D 193 -29.48 -10.62 0.94
CA GLY D 193 -30.33 -10.27 2.07
C GLY D 193 -30.78 -11.45 2.92
N ASP D 194 -32.08 -11.45 3.27
CA ASP D 194 -32.74 -12.47 4.11
C ASP D 194 -32.75 -13.85 3.46
N SER D 195 -33.04 -13.91 2.14
CA SER D 195 -33.14 -15.15 1.35
C SER D 195 -31.78 -15.74 0.90
N SER D 196 -30.66 -15.20 1.43
CA SER D 196 -29.31 -15.66 1.09
C SER D 196 -29.05 -17.10 1.56
N VAL D 197 -28.39 -17.89 0.72
CA VAL D 197 -28.14 -19.32 0.96
C VAL D 197 -26.68 -19.61 1.37
N PRO D 198 -26.41 -20.01 2.63
CA PRO D 198 -25.04 -20.37 3.01
C PRO D 198 -24.66 -21.78 2.54
N VAL D 199 -23.54 -21.90 1.81
CA VAL D 199 -23.04 -23.17 1.27
C VAL D 199 -22.12 -23.83 2.31
N TRP D 200 -22.71 -24.68 3.17
CA TRP D 200 -22.06 -25.38 4.27
C TRP D 200 -20.97 -26.36 3.83
N SER D 201 -21.09 -26.93 2.62
CA SER D 201 -20.10 -27.86 2.06
C SER D 201 -18.79 -27.12 1.74
N GLY D 202 -18.93 -25.90 1.24
CA GLY D 202 -17.81 -25.04 0.85
C GLY D 202 -17.04 -24.46 2.02
N MET D 203 -17.69 -24.37 3.20
CA MET D 203 -17.12 -23.84 4.43
C MET D 203 -15.90 -24.61 4.86
N ASN D 204 -14.74 -23.94 4.85
CA ASN D 204 -13.46 -24.56 5.21
C ASN D 204 -12.45 -23.57 5.79
N VAL D 205 -11.40 -24.13 6.39
CA VAL D 205 -10.23 -23.45 6.95
C VAL D 205 -9.07 -24.37 6.58
N ALA D 206 -8.09 -23.86 5.81
CA ALA D 206 -6.91 -24.61 5.36
C ALA D 206 -7.23 -25.83 4.47
N GLY D 207 -8.35 -25.75 3.74
CA GLY D 207 -8.81 -26.81 2.86
C GLY D 207 -9.66 -27.89 3.52
N VAL D 208 -9.57 -27.99 4.88
CA VAL D 208 -10.33 -28.96 5.68
C VAL D 208 -11.78 -28.50 5.79
N SER D 209 -12.71 -29.30 5.22
CA SER D 209 -14.15 -29.04 5.20
C SER D 209 -14.77 -29.16 6.59
N LEU D 210 -15.50 -28.11 7.01
CA LEU D 210 -16.16 -28.06 8.32
C LEU D 210 -17.37 -29.00 8.41
N LYS D 211 -18.01 -29.32 7.26
CA LYS D 211 -19.12 -30.27 7.25
C LYS D 211 -18.60 -31.73 7.29
N THR D 212 -17.32 -31.96 6.92
CA THR D 212 -16.68 -33.28 7.00
C THR D 212 -16.41 -33.64 8.47
N LEU D 213 -15.76 -32.72 9.22
CA LEU D 213 -15.45 -32.91 10.65
C LEU D 213 -16.73 -32.91 11.49
N HIS D 214 -17.68 -32.03 11.13
CA HIS D 214 -18.93 -31.84 11.83
C HIS D 214 -20.08 -32.01 10.83
N PRO D 215 -20.68 -33.23 10.72
CA PRO D 215 -21.75 -33.44 9.74
C PRO D 215 -23.05 -32.69 10.04
N ASP D 216 -23.30 -32.33 11.30
CA ASP D 216 -24.49 -31.60 11.72
C ASP D 216 -24.42 -30.10 11.41
N LEU D 217 -23.36 -29.65 10.69
CA LEU D 217 -23.12 -28.25 10.29
C LEU D 217 -24.27 -27.68 9.45
N GLY D 218 -24.91 -26.65 9.99
CA GLY D 218 -26.05 -25.98 9.37
C GLY D 218 -27.34 -26.78 9.43
N THR D 219 -27.49 -27.65 10.47
CA THR D 219 -28.69 -28.47 10.69
C THR D 219 -29.35 -28.07 12.01
N ASP D 220 -30.50 -28.69 12.32
CA ASP D 220 -31.25 -28.43 13.55
C ASP D 220 -30.71 -29.19 14.77
N LYS D 221 -29.98 -30.31 14.53
CA LYS D 221 -29.40 -31.12 15.60
C LYS D 221 -27.94 -30.75 15.91
N ASP D 222 -27.49 -29.56 15.47
CA ASP D 222 -26.15 -29.05 15.74
C ASP D 222 -26.13 -28.56 17.18
N LYS D 223 -25.38 -29.25 18.05
CA LYS D 223 -25.23 -28.93 19.47
C LYS D 223 -24.52 -27.59 19.67
N GLU D 224 -23.54 -27.29 18.79
CA GLU D 224 -22.77 -26.03 18.77
C GLU D 224 -23.56 -24.93 18.04
N GLN D 225 -24.68 -25.31 17.39
CA GLN D 225 -25.62 -24.49 16.59
C GLN D 225 -24.89 -23.50 15.66
N TRP D 226 -24.31 -24.05 14.57
CA TRP D 226 -23.58 -23.31 13.55
C TRP D 226 -24.49 -22.60 12.56
N LYS D 227 -25.79 -22.98 12.55
CA LYS D 227 -26.83 -22.38 11.70
C LYS D 227 -27.08 -20.93 12.16
N GLU D 228 -26.77 -20.65 13.44
CA GLU D 228 -26.89 -19.36 14.11
C GLU D 228 -25.93 -18.30 13.53
N VAL D 229 -24.79 -18.72 12.95
CA VAL D 229 -23.77 -17.85 12.32
C VAL D 229 -24.40 -17.02 11.18
N HIS D 230 -25.12 -17.70 10.28
CA HIS D 230 -25.84 -17.06 9.17
C HIS D 230 -27.03 -16.23 9.69
N LYS D 231 -27.65 -16.68 10.80
CA LYS D 231 -28.76 -15.96 11.43
C LYS D 231 -28.27 -14.63 11.97
N GLN D 232 -27.06 -14.62 12.57
CA GLN D 232 -26.40 -13.42 13.11
C GLN D 232 -26.01 -12.43 12.01
N VAL D 233 -25.75 -12.93 10.78
CA VAL D 233 -25.40 -12.09 9.61
C VAL D 233 -26.58 -11.18 9.30
N VAL D 234 -27.79 -11.77 9.19
CA VAL D 234 -29.03 -11.04 8.91
C VAL D 234 -29.35 -10.11 10.10
N GLU D 235 -29.27 -10.63 11.34
CA GLU D 235 -29.53 -9.89 12.57
C GLU D 235 -28.64 -8.65 12.74
N SER D 236 -27.32 -8.79 12.44
CA SER D 236 -26.35 -7.70 12.53
C SER D 236 -26.64 -6.58 11.53
N ALA D 237 -27.13 -6.93 10.32
CA ALA D 237 -27.49 -5.99 9.27
C ALA D 237 -28.64 -5.09 9.72
N TYR D 238 -29.64 -5.68 10.41
CA TYR D 238 -30.80 -4.96 10.95
C TYR D 238 -30.38 -4.16 12.19
N GLU D 239 -29.39 -4.68 12.94
CA GLU D 239 -28.85 -4.04 14.14
C GLU D 239 -28.13 -2.73 13.82
N VAL D 240 -27.27 -2.72 12.77
CA VAL D 240 -26.52 -1.54 12.33
C VAL D 240 -27.48 -0.38 11.99
N ILE D 241 -28.57 -0.67 11.25
CA ILE D 241 -29.59 0.34 10.89
C ILE D 241 -30.34 0.85 12.14
N LYS D 242 -30.59 -0.04 13.10
CA LYS D 242 -31.26 0.29 14.35
C LYS D 242 -30.37 1.20 15.23
N LEU D 243 -29.05 0.91 15.24
CA LEU D 243 -28.05 1.61 16.05
C LEU D 243 -27.50 2.92 15.48
N LYS D 244 -27.25 3.00 14.16
CA LYS D 244 -26.69 4.21 13.55
C LYS D 244 -27.53 4.79 12.40
N GLY D 245 -28.38 3.97 11.78
CA GLY D 245 -29.27 4.40 10.71
C GLY D 245 -28.92 3.99 9.29
N TYR D 246 -27.66 3.61 9.05
CA TYR D 246 -27.16 3.23 7.74
C TYR D 246 -25.91 2.35 7.83
N THR D 247 -25.58 1.65 6.74
CA THR D 247 -24.37 0.83 6.61
C THR D 247 -23.52 1.58 5.61
N SER D 248 -22.22 1.77 5.92
CA SER D 248 -21.34 2.50 5.03
C SER D 248 -19.99 1.83 4.80
N TRP D 249 -19.17 1.70 5.84
CA TRP D 249 -17.81 1.17 5.78
C TRP D 249 -17.68 -0.24 5.22
N ALA D 250 -18.43 -1.21 5.78
CA ALA D 250 -18.39 -2.61 5.34
C ALA D 250 -18.70 -2.80 3.86
N ILE D 251 -19.74 -2.12 3.35
CA ILE D 251 -20.12 -2.20 1.94
C ILE D 251 -19.08 -1.48 1.05
N GLY D 252 -18.64 -0.29 1.49
CA GLY D 252 -17.66 0.54 0.79
C GLY D 252 -16.36 -0.19 0.52
N LEU D 253 -15.86 -0.94 1.53
CA LEU D 253 -14.64 -1.74 1.47
C LEU D 253 -14.80 -2.94 0.54
N SER D 254 -16.01 -3.54 0.50
CA SER D 254 -16.33 -4.69 -0.34
C SER D 254 -16.34 -4.29 -1.82
N VAL D 255 -16.96 -3.12 -2.12
CA VAL D 255 -17.06 -2.52 -3.46
C VAL D 255 -15.66 -2.26 -4.01
N ALA D 256 -14.76 -1.74 -3.13
CA ALA D 256 -13.35 -1.46 -3.44
C ALA D 256 -12.59 -2.75 -3.78
N ASP D 257 -12.92 -3.87 -3.10
CA ASP D 257 -12.31 -5.17 -3.33
C ASP D 257 -12.71 -5.73 -4.71
N LEU D 258 -13.95 -5.46 -5.13
CA LEU D 258 -14.45 -5.85 -6.45
C LEU D 258 -13.77 -4.98 -7.49
N ALA D 259 -13.69 -3.65 -7.22
CA ALA D 259 -13.08 -2.62 -8.05
C ALA D 259 -11.60 -2.91 -8.30
N GLU D 260 -10.92 -3.47 -7.30
CA GLU D 260 -9.51 -3.86 -7.39
C GLU D 260 -9.35 -4.97 -8.44
N SER D 261 -10.20 -6.00 -8.40
CA SER D 261 -10.17 -7.15 -9.31
C SER D 261 -10.50 -6.75 -10.74
N ILE D 262 -11.44 -5.80 -10.93
CA ILE D 262 -11.86 -5.29 -12.24
C ILE D 262 -10.75 -4.40 -12.84
N MET D 263 -10.35 -3.34 -12.10
CA MET D 263 -9.35 -2.35 -12.52
C MET D 263 -7.95 -2.90 -12.75
N LYS D 264 -7.58 -3.99 -12.05
CA LYS D 264 -6.25 -4.60 -12.16
C LYS D 264 -6.24 -5.92 -12.92
N ASN D 265 -7.43 -6.42 -13.35
CA ASN D 265 -7.65 -7.70 -14.05
C ASN D 265 -7.07 -8.87 -13.24
N LEU D 266 -7.37 -8.89 -11.94
CA LEU D 266 -6.86 -9.90 -11.00
C LEU D 266 -7.36 -11.32 -11.26
N ARG D 267 -8.61 -11.48 -11.72
CA ARG D 267 -9.25 -12.78 -11.99
C ARG D 267 -9.47 -13.60 -10.68
N ARG D 268 -9.90 -12.87 -9.63
CA ARG D 268 -10.24 -13.43 -8.33
C ARG D 268 -11.70 -13.80 -8.37
N VAL D 269 -12.08 -14.79 -7.56
CA VAL D 269 -13.46 -15.27 -7.45
C VAL D 269 -14.17 -14.44 -6.37
N HIS D 270 -15.38 -13.94 -6.67
CA HIS D 270 -16.17 -13.12 -5.76
C HIS D 270 -17.65 -13.50 -5.81
N PRO D 271 -18.42 -13.42 -4.68
CA PRO D 271 -19.84 -13.73 -4.76
C PRO D 271 -20.63 -12.51 -5.24
N VAL D 272 -20.85 -12.42 -6.56
CA VAL D 272 -21.56 -11.30 -7.17
C VAL D 272 -22.77 -11.72 -7.99
N SER D 273 -23.81 -10.86 -7.98
CA SER D 273 -25.07 -11.02 -8.69
C SER D 273 -24.83 -11.01 -10.21
N THR D 274 -25.15 -12.13 -10.88
CA THR D 274 -25.03 -12.32 -12.34
C THR D 274 -26.22 -13.14 -12.92
N MET D 275 -26.40 -13.20 -14.26
CA MET D 275 -27.47 -14.00 -14.86
C MET D 275 -27.24 -15.51 -14.71
N ILE D 276 -28.25 -16.22 -14.17
CA ILE D 276 -28.19 -17.66 -13.92
C ILE D 276 -29.00 -18.47 -14.94
N LYS D 277 -29.57 -17.81 -15.97
CA LYS D 277 -30.34 -18.47 -17.02
C LYS D 277 -29.49 -19.55 -17.72
N GLY D 278 -29.73 -20.80 -17.31
CA GLY D 278 -29.03 -21.98 -17.80
C GLY D 278 -28.46 -22.85 -16.69
N LEU D 279 -28.49 -22.35 -15.44
CA LEU D 279 -27.94 -23.03 -14.27
C LEU D 279 -28.94 -23.20 -13.15
N TYR D 280 -28.73 -24.26 -12.32
CA TYR D 280 -29.53 -24.65 -11.17
C TYR D 280 -31.03 -24.82 -11.50
N GLY D 281 -31.31 -25.18 -12.75
CA GLY D 281 -32.66 -25.37 -13.25
C GLY D 281 -33.44 -24.08 -13.32
N ILE D 282 -32.76 -22.97 -13.68
CA ILE D 282 -33.37 -21.65 -13.81
C ILE D 282 -33.37 -21.26 -15.30
N LYS D 283 -34.58 -21.03 -15.85
CA LYS D 283 -34.79 -20.68 -17.26
C LYS D 283 -35.14 -19.21 -17.50
N ASP D 284 -35.48 -18.47 -16.43
CA ASP D 284 -35.85 -17.05 -16.52
C ASP D 284 -34.65 -16.11 -16.38
N ASP D 285 -34.76 -14.90 -16.95
CA ASP D 285 -33.71 -13.87 -16.94
C ASP D 285 -33.57 -13.21 -15.55
N VAL D 286 -33.08 -13.97 -14.56
CA VAL D 286 -32.89 -13.46 -13.19
C VAL D 286 -31.40 -13.43 -12.80
N PHE D 287 -31.02 -12.42 -11.99
CA PHE D 287 -29.67 -12.21 -11.50
C PHE D 287 -29.52 -12.69 -10.05
N LEU D 288 -28.59 -13.63 -9.80
CA LEU D 288 -28.33 -14.19 -8.47
C LEU D 288 -26.83 -14.35 -8.25
N SER D 289 -26.39 -14.18 -6.99
CA SER D 289 -24.98 -14.29 -6.63
C SER D 289 -24.49 -15.72 -6.67
N VAL D 290 -23.43 -15.92 -7.43
CA VAL D 290 -22.70 -17.17 -7.64
C VAL D 290 -21.22 -16.75 -7.70
N PRO D 291 -20.24 -17.63 -7.39
CA PRO D 291 -18.84 -17.20 -7.46
C PRO D 291 -18.42 -16.91 -8.90
N CYS D 292 -17.98 -15.68 -9.17
CA CYS D 292 -17.58 -15.20 -10.50
C CYS D 292 -16.12 -14.81 -10.56
N ILE D 293 -15.46 -15.11 -11.68
CA ILE D 293 -14.08 -14.70 -11.91
C ILE D 293 -14.17 -13.28 -12.48
N LEU D 294 -13.71 -12.28 -11.70
CA LEU D 294 -13.77 -10.87 -12.07
C LEU D 294 -12.46 -10.33 -12.61
N GLY D 295 -12.51 -9.73 -13.79
CA GLY D 295 -11.38 -9.14 -14.48
C GLY D 295 -11.71 -7.85 -15.23
N GLN D 296 -10.89 -7.50 -16.22
CA GLN D 296 -11.07 -6.31 -17.05
C GLN D 296 -12.29 -6.38 -17.99
N ASN D 297 -12.78 -7.60 -18.28
CA ASN D 297 -13.96 -7.84 -19.13
C ASN D 297 -15.24 -8.01 -18.29
N GLY D 298 -15.14 -7.76 -16.98
CA GLY D 298 -16.24 -7.92 -16.04
C GLY D 298 -16.29 -9.35 -15.54
N ILE D 299 -17.42 -10.04 -15.76
CA ILE D 299 -17.58 -11.43 -15.37
C ILE D 299 -17.19 -12.29 -16.58
N SER D 300 -15.93 -12.71 -16.65
CA SER D 300 -15.48 -13.53 -17.77
C SER D 300 -15.93 -14.98 -17.62
N ASP D 301 -16.01 -15.47 -16.37
CA ASP D 301 -16.35 -16.85 -16.04
C ASP D 301 -17.13 -16.94 -14.73
N LEU D 302 -17.88 -18.03 -14.52
CA LEU D 302 -18.58 -18.26 -13.26
C LEU D 302 -18.42 -19.72 -12.81
N VAL D 303 -18.21 -19.91 -11.51
CA VAL D 303 -17.96 -21.20 -10.85
C VAL D 303 -19.27 -21.97 -10.63
N LYS D 304 -19.34 -23.21 -11.13
CA LYS D 304 -20.48 -24.11 -10.99
C LYS D 304 -20.40 -24.79 -9.62
N VAL D 305 -21.18 -24.30 -8.65
CA VAL D 305 -21.19 -24.82 -7.27
C VAL D 305 -22.20 -25.94 -7.10
N THR D 306 -21.72 -27.11 -6.63
CA THR D 306 -22.53 -28.30 -6.37
C THR D 306 -23.40 -28.00 -5.14
N LEU D 307 -24.68 -27.69 -5.38
CA LEU D 307 -25.63 -27.37 -4.30
C LEU D 307 -26.46 -28.58 -3.89
N THR D 308 -26.85 -28.64 -2.60
CA THR D 308 -27.71 -29.70 -2.08
C THR D 308 -29.15 -29.42 -2.53
N SER D 309 -30.04 -30.44 -2.46
CA SER D 309 -31.44 -30.33 -2.87
C SER D 309 -32.16 -29.14 -2.19
N GLU D 310 -31.93 -28.93 -0.89
CA GLU D 310 -32.51 -27.82 -0.12
C GLU D 310 -31.96 -26.46 -0.56
N GLU D 311 -30.64 -26.39 -0.85
CA GLU D 311 -29.97 -25.19 -1.34
C GLU D 311 -30.49 -24.82 -2.72
N GLU D 312 -30.63 -25.84 -3.61
CA GLU D 312 -31.13 -25.71 -4.98
C GLU D 312 -32.61 -25.30 -5.01
N ALA D 313 -33.40 -25.76 -4.02
CA ALA D 313 -34.81 -25.42 -3.89
C ALA D 313 -34.97 -23.95 -3.45
N ARG D 314 -34.02 -23.46 -2.62
CA ARG D 314 -34.00 -22.09 -2.11
C ARG D 314 -33.67 -21.08 -3.23
N LEU D 315 -32.64 -21.39 -4.04
CA LEU D 315 -32.20 -20.58 -5.17
C LEU D 315 -33.29 -20.49 -6.22
N LYS D 316 -34.03 -21.59 -6.44
CA LYS D 316 -35.12 -21.66 -7.40
C LYS D 316 -36.32 -20.86 -6.90
N LYS D 317 -36.61 -20.94 -5.59
CA LYS D 317 -37.69 -20.17 -4.93
C LYS D 317 -37.43 -18.66 -5.11
N SER D 318 -36.17 -18.24 -4.92
CA SER D 318 -35.72 -16.86 -5.12
C SER D 318 -35.89 -16.50 -6.61
N ALA D 319 -35.39 -17.36 -7.54
CA ALA D 319 -35.49 -17.19 -8.99
C ALA D 319 -36.94 -17.04 -9.46
N ASP D 320 -37.88 -17.74 -8.79
CA ASP D 320 -39.30 -17.67 -9.08
C ASP D 320 -39.91 -16.36 -8.57
N THR D 321 -39.65 -16.02 -7.30
CA THR D 321 -40.16 -14.79 -6.68
C THR D 321 -39.61 -13.54 -7.36
N LEU D 322 -38.35 -13.58 -7.83
CA LEU D 322 -37.71 -12.46 -8.53
C LEU D 322 -38.29 -12.23 -9.92
N TRP D 323 -38.48 -13.30 -10.70
CA TRP D 323 -39.05 -13.22 -12.05
C TRP D 323 -40.48 -12.67 -12.08
N GLY D 324 -41.26 -12.99 -11.04
CA GLY D 324 -42.63 -12.51 -10.86
C GLY D 324 -42.73 -11.00 -10.74
N ILE D 325 -41.66 -10.38 -10.20
CA ILE D 325 -41.53 -8.92 -10.04
C ILE D 325 -41.05 -8.30 -11.39
N GLN D 326 -39.98 -8.89 -11.97
CA GLN D 326 -39.33 -8.48 -13.21
C GLN D 326 -40.25 -8.51 -14.43
N LYS D 327 -41.12 -9.53 -14.53
CA LYS D 327 -42.06 -9.67 -15.65
C LYS D 327 -43.15 -8.60 -15.60
N GLU D 328 -43.43 -8.02 -14.41
CA GLU D 328 -44.44 -6.98 -14.23
C GLU D 328 -43.83 -5.56 -14.19
N LEU D 329 -42.57 -5.44 -14.64
CA LEU D 329 -41.84 -4.17 -14.71
C LEU D 329 -41.95 -3.57 -16.12
N GLN D 330 -42.46 -2.33 -16.20
CA GLN D 330 -42.61 -1.61 -17.47
C GLN D 330 -41.43 -0.67 -17.70
N PHE D 331 -40.97 -0.56 -18.96
CA PHE D 331 -39.85 0.29 -19.38
C PHE D 331 -40.25 1.33 -20.43
#